data_6IQK
#
_entry.id   6IQK
#
_cell.length_a   135.900
_cell.length_b   153.370
_cell.length_c   196.680
_cell.angle_alpha   90.000
_cell.angle_beta   90.000
_cell.angle_gamma   90.000
#
_symmetry.space_group_name_H-M   'P 21 21 21'
#
loop_
_entity.id
_entity.type
_entity.pdbx_description
1 polymer Profilin-5
2 polymer AtPRF3
#
loop_
_entity_poly.entity_id
_entity_poly.type
_entity_poly.pdbx_seq_one_letter_code
_entity_poly.pdbx_strand_id
1 'polypeptide(L)'
;KVKKAAATNMSWQTYVDDHLMCDVAGNRLTAAAILGQDGSVWAQSNNFPQVKPEEIQGIKDDFTTPGTLAPTGLFLGGNK
YMVIQGEPNAVIRGKKGAGGVTIKKTTQALVFGIYDEPMTPGQCNLVVENLGEYLIESGL
;
A,B,C,D,E,F,I,J,G,H
2 'polypeptide(L)'
;(UNK)(UNK)(UNK)(UNK)(UNK)(UNK)(UNK)(UNK)(UNK)(UNK)(UNK)(UNK)(UNK)(UNK)(UNK)(UNK)
(UNK)(UNK)(UNK)(UNK)(UNK)(UNK)(UNK)(UNK)(UNK)(UNK)(UNK)(UNK)(UNK)(UNK)(UNK)(UNK)
(UNK)(UNK)(UNK)(UNK)(UNK)(UNK)(UNK)(UNK)(UNK)(UNK)(UNK)(UNK)(UNK)(UNK)(UNK)(UNK)
(UNK)(UNK)(UNK)(UNK)(UNK)(UNK)(UNK)(UNK)(UNK)(UNK)(UNK)(UNK)(UNK)(UNK)(UNK)(UNK)
(UNK)(UNK)(UNK)(UNK)(UNK)(UNK)(UNK)(UNK)(UNK)(UNK)(UNK)(UNK)(UNK)(UNK)(UNK)(UNK)
(UNK)(UNK)(UNK)(UNK)(UNK)(UNK)(UNK)(UNK)(UNK)(UNK)(UNK)(UNK)(UNK)(UNK)(UNK)(UNK)
(UNK)(UNK)(UNK)(UNK)(UNK)(UNK)(UNK)(UNK)(UNK)(UNK)(UNK)(UNK)(UNK)(UNK)(UNK)(UNK)
(UNK)(UNK)(UNK)(UNK)(UNK)(UNK)(UNK)(UNK)(UNK)(UNK)(UNK)(UNK)(UNK)(UNK)(UNK)(UNK)
(UNK)(UNK)(UNK)(UNK)(UNK)(UNK)(UNK)(UNK)(UNK)(UNK)(UNK)(UNK)(UNK)(UNK)(UNK)(UNK)
(UNK)(UNK)(UNK)(UNK)(UNK)(UNK)(UNK)(UNK)(UNK)(UNK)(UNK)(UNK)(UNK)(UNK)(UNK)(UNK)
(UNK)(UNK)(UNK)(UNK)(UNK)(UNK)(UNK)(UNK)(UNK)(UNK)(UNK)(UNK)(UNK)(UNK)(UNK)(UNK)
(UNK)(UNK)(UNK)(UNK)(UNK)(UNK)(UNK)(UNK)(UNK)(UNK)(UNK)(UNK)(UNK)(UNK)(UNK)(UNK)
(UNK)(UNK)(UNK)(UNK)(UNK)(UNK)(UNK)(UNK)(UNK)(UNK)(UNK)(UNK)(UNK)(UNK)(UNK)(UNK)
(UNK)(UNK)(UNK)(UNK)(UNK)(UNK)(UNK)(UNK)(UNK)(UNK)(UNK)(UNK)(UNK)(UNK)(UNK)(UNK)
(UNK)(UNK)(UNK)(UNK)(UNK)(UNK)(UNK)(UNK)(UNK)(UNK)(UNK)(UNK)(UNK)(UNK)(UNK)(UNK)
(UNK)(UNK)(UNK)(UNK)(UNK)(UNK)(UNK)(UNK)(UNK)(UNK)(UNK)(UNK)(UNK)(UNK)(UNK)(UNK)
(UNK)(UNK)(UNK)(UNK)(UNK)(UNK)(UNK)(UNK)
;
K
#
# COMPACT_ATOMS: atom_id res chain seq x y z
N LYS A 3 -55.34 -13.68 7.87
CA LYS A 3 -56.15 -13.36 6.70
C LYS A 3 -55.53 -12.21 5.92
N LYS A 4 -54.78 -11.37 6.63
CA LYS A 4 -54.16 -10.18 6.03
C LYS A 4 -52.74 -10.53 5.61
N ALA A 5 -52.52 -10.63 4.30
CA ALA A 5 -51.17 -10.85 3.80
C ALA A 5 -50.29 -9.67 4.20
N ALA A 6 -50.59 -8.49 3.65
CA ALA A 6 -49.92 -7.23 4.00
C ALA A 6 -48.40 -7.34 3.94
N ALA A 7 -47.89 -8.35 3.24
CA ALA A 7 -46.47 -8.66 3.24
C ALA A 7 -45.78 -7.72 2.26
N THR A 8 -45.04 -6.75 2.79
CA THR A 8 -44.31 -5.80 1.98
C THR A 8 -42.85 -6.23 1.89
N ASN A 9 -42.07 -5.48 1.11
CA ASN A 9 -40.70 -5.86 0.83
C ASN A 9 -39.86 -4.59 0.63
N MET A 10 -39.01 -4.29 1.61
CA MET A 10 -38.05 -3.22 1.46
C MET A 10 -36.99 -3.61 0.42
N SER A 11 -36.13 -2.65 0.07
CA SER A 11 -35.05 -2.95 -0.85
C SER A 11 -34.06 -3.92 -0.22
N TRP A 12 -33.50 -4.80 -1.06
CA TRP A 12 -32.61 -5.83 -0.55
C TRP A 12 -31.37 -5.23 0.11
N GLN A 13 -30.78 -4.22 -0.53
CA GLN A 13 -29.58 -3.60 0.03
C GLN A 13 -29.86 -2.90 1.35
N THR A 14 -31.04 -2.29 1.47
CA THR A 14 -31.41 -1.66 2.74
C THR A 14 -31.58 -2.70 3.85
N TYR A 15 -31.97 -3.93 3.49
CA TYR A 15 -31.99 -5.00 4.48
C TYR A 15 -30.58 -5.33 4.96
N VAL A 16 -29.61 -5.31 4.03
CA VAL A 16 -28.23 -5.62 4.39
C VAL A 16 -27.55 -4.40 5.01
N ASP A 17 -27.74 -3.23 4.41
CA ASP A 17 -27.04 -2.04 4.88
C ASP A 17 -27.54 -1.60 6.26
N ASP A 18 -28.86 -1.59 6.46
CA ASP A 18 -29.43 -1.05 7.69
C ASP A 18 -29.69 -2.11 8.75
N HIS A 19 -30.05 -3.33 8.36
CA HIS A 19 -30.51 -4.33 9.31
C HIS A 19 -29.57 -5.50 9.53
N LEU A 20 -28.48 -5.61 8.75
CA LEU A 20 -27.46 -6.62 8.99
C LEU A 20 -26.18 -6.02 9.55
N MET A 21 -25.70 -4.92 8.97
CA MET A 21 -24.54 -4.21 9.48
C MET A 21 -24.91 -3.16 10.53
N CYS A 22 -26.07 -3.31 11.18
CA CYS A 22 -26.48 -2.35 12.19
C CYS A 22 -25.55 -2.41 13.39
N ASP A 23 -25.27 -1.24 13.97
CA ASP A 23 -24.33 -1.14 15.07
C ASP A 23 -24.94 -1.75 16.33
N VAL A 24 -24.37 -2.85 16.80
CA VAL A 24 -24.86 -3.57 17.96
C VAL A 24 -23.84 -3.43 19.07
N ALA A 25 -24.19 -2.69 20.12
CA ALA A 25 -23.33 -2.50 21.29
C ALA A 25 -21.98 -1.92 20.92
N GLY A 26 -21.97 -1.04 19.91
CA GLY A 26 -20.77 -0.36 19.46
C GLY A 26 -20.08 -1.02 18.29
N ASN A 27 -20.19 -2.34 18.17
CA ASN A 27 -19.52 -3.09 17.11
C ASN A 27 -20.53 -3.49 16.03
N ARG A 28 -20.00 -3.94 14.90
CA ARG A 28 -20.80 -4.38 13.78
C ARG A 28 -20.21 -5.66 13.21
N LEU A 29 -20.97 -6.27 12.30
CA LEU A 29 -20.47 -7.43 11.58
C LEU A 29 -19.31 -7.05 10.68
N THR A 30 -18.40 -8.00 10.48
CA THR A 30 -17.32 -7.79 9.52
C THR A 30 -17.86 -7.68 8.10
N ALA A 31 -18.81 -8.55 7.75
CA ALA A 31 -19.44 -8.52 6.42
C ALA A 31 -20.70 -9.36 6.48
N ALA A 32 -21.62 -9.07 5.57
CA ALA A 32 -22.89 -9.78 5.52
C ALA A 32 -23.42 -9.78 4.09
N ALA A 33 -24.32 -10.71 3.82
CA ALA A 33 -24.90 -10.87 2.49
C ALA A 33 -26.17 -11.69 2.57
N ILE A 34 -27.03 -11.50 1.58
CA ILE A 34 -28.27 -12.26 1.45
C ILE A 34 -28.30 -12.86 0.05
N LEU A 35 -28.16 -14.19 -0.02
CA LEU A 35 -28.20 -14.90 -1.29
C LEU A 35 -29.48 -15.73 -1.38
N GLY A 36 -30.06 -15.77 -2.57
CA GLY A 36 -31.16 -16.69 -2.81
C GLY A 36 -30.69 -18.12 -2.78
N GLN A 37 -31.63 -19.03 -2.47
CA GLN A 37 -31.28 -20.45 -2.36
C GLN A 37 -30.80 -21.04 -3.68
N ASP A 38 -30.96 -20.33 -4.79
CA ASP A 38 -30.41 -20.78 -6.07
C ASP A 38 -28.90 -20.54 -6.17
N GLY A 39 -28.34 -19.73 -5.29
CA GLY A 39 -26.94 -19.33 -5.36
C GLY A 39 -26.72 -17.92 -5.85
N SER A 40 -27.75 -17.25 -6.34
CA SER A 40 -27.60 -15.89 -6.82
C SER A 40 -27.44 -14.93 -5.65
N VAL A 41 -26.55 -13.95 -5.82
CA VAL A 41 -26.29 -12.95 -4.80
C VAL A 41 -27.26 -11.80 -4.99
N TRP A 42 -28.24 -11.69 -4.10
CA TRP A 42 -29.25 -10.65 -4.22
C TRP A 42 -28.80 -9.34 -3.57
N ALA A 43 -27.94 -9.41 -2.54
CA ALA A 43 -27.35 -8.25 -1.90
C ALA A 43 -26.20 -8.72 -1.03
N GLN A 44 -25.12 -7.95 -1.02
CA GLN A 44 -23.95 -8.31 -0.23
C GLN A 44 -23.25 -7.04 0.24
N SER A 45 -22.51 -7.16 1.35
CA SER A 45 -21.81 -6.02 1.90
C SER A 45 -20.65 -5.62 0.98
N ASN A 46 -20.03 -4.48 1.31
CA ASN A 46 -18.96 -3.95 0.48
C ASN A 46 -17.73 -4.84 0.46
N ASN A 47 -17.54 -5.68 1.49
CA ASN A 47 -16.37 -6.54 1.57
C ASN A 47 -16.74 -8.01 1.73
N PHE A 48 -17.94 -8.40 1.30
CA PHE A 48 -18.34 -9.80 1.40
C PHE A 48 -17.62 -10.62 0.32
N PRO A 49 -17.03 -11.75 0.66
CA PRO A 49 -16.26 -12.51 -0.32
C PRO A 49 -17.17 -13.20 -1.33
N GLN A 50 -16.64 -13.39 -2.54
CA GLN A 50 -17.36 -14.13 -3.57
C GLN A 50 -17.40 -15.61 -3.19
N VAL A 51 -18.60 -16.16 -3.08
CA VAL A 51 -18.79 -17.53 -2.64
C VAL A 51 -18.78 -18.44 -3.86
N LYS A 52 -18.00 -19.51 -3.79
CA LYS A 52 -17.95 -20.49 -4.87
C LYS A 52 -19.20 -21.37 -4.83
N PRO A 53 -19.70 -21.79 -5.99
CA PRO A 53 -20.90 -22.64 -6.01
C PRO A 53 -20.70 -23.98 -5.31
N GLU A 54 -19.50 -24.54 -5.34
CA GLU A 54 -19.24 -25.76 -4.58
C GLU A 54 -19.36 -25.50 -3.08
N GLU A 55 -19.08 -24.27 -2.64
CA GLU A 55 -19.38 -23.90 -1.26
C GLU A 55 -20.88 -23.76 -1.05
N ILE A 56 -21.57 -23.14 -2.00
CA ILE A 56 -23.02 -22.98 -1.89
C ILE A 56 -23.71 -24.33 -1.94
N GLN A 57 -23.21 -25.25 -2.78
CA GLN A 57 -23.84 -26.55 -2.92
C GLN A 57 -23.78 -27.32 -1.60
N GLY A 58 -22.66 -27.25 -0.89
CA GLY A 58 -22.53 -27.95 0.37
C GLY A 58 -23.41 -27.37 1.46
N ILE A 59 -23.60 -26.05 1.47
CA ILE A 59 -24.42 -25.41 2.50
C ILE A 59 -25.87 -25.88 2.40
N LYS A 60 -26.40 -25.92 1.18
CA LYS A 60 -27.73 -26.49 0.98
C LYS A 60 -27.78 -27.96 1.42
N ASP A 61 -26.68 -28.69 1.23
CA ASP A 61 -26.67 -30.11 1.56
C ASP A 61 -26.67 -30.34 3.06
N ASP A 62 -26.13 -29.42 3.85
CA ASP A 62 -26.17 -29.57 5.30
C ASP A 62 -27.48 -29.07 5.88
N PHE A 63 -28.16 -28.15 5.20
CA PHE A 63 -29.51 -27.78 5.63
C PHE A 63 -30.49 -28.92 5.39
N THR A 64 -30.38 -29.60 4.24
CA THR A 64 -31.24 -30.75 4.00
C THR A 64 -30.77 -31.98 4.77
N THR A 65 -29.48 -32.06 5.10
CA THR A 65 -28.92 -33.18 5.85
C THR A 65 -27.86 -32.65 6.81
N PRO A 66 -28.24 -32.38 8.06
CA PRO A 66 -27.27 -31.85 9.02
C PRO A 66 -26.10 -32.81 9.25
N GLY A 67 -24.91 -32.24 9.37
CA GLY A 67 -23.70 -33.02 9.57
C GLY A 67 -22.87 -33.26 8.34
N THR A 68 -23.26 -32.69 7.19
CA THR A 68 -22.50 -32.91 5.96
C THR A 68 -21.20 -32.12 5.96
N LEU A 69 -21.26 -30.83 6.28
CA LEU A 69 -20.07 -29.98 6.29
C LEU A 69 -19.25 -30.14 7.56
N ALA A 70 -19.78 -30.80 8.59
CA ALA A 70 -19.08 -30.86 9.87
C ALA A 70 -17.73 -31.57 9.79
N PRO A 71 -17.61 -32.79 9.25
CA PRO A 71 -16.28 -33.44 9.26
C PRO A 71 -15.26 -32.73 8.39
N THR A 72 -15.67 -32.23 7.22
CA THR A 72 -14.70 -31.62 6.30
C THR A 72 -14.48 -30.15 6.61
N GLY A 73 -15.47 -29.46 7.15
CA GLY A 73 -15.39 -28.05 7.42
C GLY A 73 -16.26 -27.24 6.46
N LEU A 74 -16.54 -26.00 6.86
CA LEU A 74 -17.32 -25.07 6.07
C LEU A 74 -16.40 -24.06 5.40
N PHE A 75 -16.56 -23.87 4.10
CA PHE A 75 -15.69 -23.00 3.31
C PHE A 75 -16.47 -21.82 2.76
N LEU A 76 -15.85 -20.63 2.85
CA LEU A 76 -16.40 -19.41 2.26
C LEU A 76 -15.25 -18.65 1.61
N GLY A 77 -15.19 -18.68 0.28
CA GLY A 77 -14.19 -17.92 -0.45
C GLY A 77 -12.76 -18.30 -0.10
N GLY A 78 -12.50 -19.58 0.12
CA GLY A 78 -11.18 -20.06 0.48
C GLY A 78 -10.90 -20.08 1.96
N ASN A 79 -11.69 -19.39 2.77
CA ASN A 79 -11.52 -19.39 4.20
C ASN A 79 -12.26 -20.57 4.82
N LYS A 80 -11.60 -21.29 5.71
CA LYS A 80 -12.17 -22.48 6.33
C LYS A 80 -12.78 -22.12 7.69
N TYR A 81 -14.03 -22.51 7.89
CA TYR A 81 -14.74 -22.31 9.14
C TYR A 81 -15.12 -23.65 9.74
N MET A 82 -14.80 -23.85 11.01
CA MET A 82 -15.15 -25.08 11.70
C MET A 82 -16.63 -25.07 12.06
N VAL A 83 -17.35 -26.12 11.68
CA VAL A 83 -18.77 -26.21 11.96
C VAL A 83 -18.98 -26.38 13.45
N ILE A 84 -19.87 -25.57 14.02
CA ILE A 84 -20.20 -25.65 15.44
C ILE A 84 -21.70 -25.88 15.58
N GLN A 85 -22.19 -25.89 16.82
CA GLN A 85 -23.61 -26.15 17.09
C GLN A 85 -24.51 -25.20 16.31
N GLY A 86 -25.36 -25.77 15.46
CA GLY A 86 -26.33 -25.01 14.72
C GLY A 86 -27.72 -25.61 14.87
N GLU A 87 -28.68 -24.94 14.24
CA GLU A 87 -30.07 -25.39 14.28
C GLU A 87 -30.36 -26.22 13.04
N PRO A 88 -30.76 -27.48 13.19
CA PRO A 88 -30.92 -28.36 12.01
C PRO A 88 -31.93 -27.79 11.01
N ASN A 89 -31.52 -27.77 9.75
CA ASN A 89 -32.31 -27.36 8.59
C ASN A 89 -32.60 -25.87 8.57
N ALA A 90 -32.19 -25.11 9.59
CA ALA A 90 -32.47 -23.68 9.64
C ALA A 90 -31.23 -22.82 9.73
N VAL A 91 -30.31 -23.12 10.65
CA VAL A 91 -29.18 -22.26 10.95
C VAL A 91 -27.91 -23.09 10.95
N ILE A 92 -26.88 -22.60 10.26
CA ILE A 92 -25.54 -23.17 10.30
C ILE A 92 -24.61 -22.14 10.91
N ARG A 93 -23.82 -22.56 11.90
CA ARG A 93 -22.92 -21.68 12.62
C ARG A 93 -21.49 -22.21 12.49
N GLY A 94 -20.53 -21.29 12.40
CA GLY A 94 -19.14 -21.66 12.24
C GLY A 94 -18.23 -20.85 13.15
N LYS A 95 -17.00 -21.34 13.27
CA LYS A 95 -15.96 -20.71 14.07
C LYS A 95 -14.67 -20.63 13.28
N LYS A 96 -14.02 -19.46 13.33
CA LYS A 96 -12.66 -19.29 12.80
C LYS A 96 -11.91 -18.39 13.78
N GLY A 97 -11.26 -19.00 14.77
CA GLY A 97 -10.54 -18.22 15.76
C GLY A 97 -11.49 -17.37 16.59
N ALA A 98 -11.18 -16.09 16.72
CA ALA A 98 -12.05 -15.17 17.43
C ALA A 98 -13.28 -14.78 16.63
N GLY A 99 -13.37 -15.19 15.37
CA GLY A 99 -14.50 -14.89 14.52
C GLY A 99 -15.33 -16.12 14.19
N GLY A 100 -16.21 -15.95 13.21
CA GLY A 100 -17.08 -17.02 12.80
C GLY A 100 -18.12 -16.52 11.81
N VAL A 101 -19.20 -17.29 11.66
CA VAL A 101 -20.21 -17.01 10.65
C VAL A 101 -21.52 -17.66 11.07
N THR A 102 -22.63 -17.00 10.73
CA THR A 102 -23.97 -17.51 10.98
C THR A 102 -24.78 -17.42 9.69
N ILE A 103 -25.37 -18.54 9.28
CA ILE A 103 -26.17 -18.63 8.06
C ILE A 103 -27.57 -19.07 8.43
N LYS A 104 -28.57 -18.27 8.06
CA LYS A 104 -29.97 -18.56 8.35
C LYS A 104 -30.72 -18.84 7.07
N LYS A 105 -31.42 -19.96 7.04
CA LYS A 105 -32.20 -20.39 5.88
C LYS A 105 -33.60 -19.78 5.94
N THR A 106 -34.09 -19.32 4.79
CA THR A 106 -35.39 -18.68 4.68
C THR A 106 -36.30 -19.51 3.77
N THR A 107 -37.45 -18.92 3.43
CA THR A 107 -38.35 -19.56 2.46
C THR A 107 -37.66 -19.78 1.13
N GLN A 108 -36.96 -18.76 0.62
CA GLN A 108 -36.35 -18.86 -0.70
C GLN A 108 -34.95 -18.23 -0.78
N ALA A 109 -34.38 -17.78 0.33
CA ALA A 109 -33.08 -17.12 0.31
C ALA A 109 -32.22 -17.62 1.45
N LEU A 110 -31.01 -17.10 1.54
CA LEU A 110 -30.02 -17.48 2.54
C LEU A 110 -29.34 -16.23 3.08
N VAL A 111 -29.34 -16.08 4.40
CA VAL A 111 -28.78 -14.90 5.05
C VAL A 111 -27.39 -15.24 5.59
N PHE A 112 -26.40 -14.43 5.24
CA PHE A 112 -25.03 -14.62 5.69
C PHE A 112 -24.60 -13.49 6.61
N GLY A 113 -23.88 -13.84 7.67
CA GLY A 113 -23.32 -12.87 8.59
C GLY A 113 -21.98 -13.30 9.13
N ILE A 114 -20.96 -12.46 8.97
CA ILE A 114 -19.59 -12.80 9.34
C ILE A 114 -19.12 -11.81 10.41
N TYR A 115 -18.65 -12.35 11.54
CA TYR A 115 -18.16 -11.55 12.63
C TYR A 115 -16.69 -11.85 12.90
N ASP A 116 -16.01 -10.89 13.52
CA ASP A 116 -14.66 -11.05 14.01
C ASP A 116 -14.57 -10.42 15.40
N GLU A 117 -13.39 -10.48 15.99
CA GLU A 117 -13.20 -9.85 17.29
C GLU A 117 -13.46 -8.35 17.18
N PRO A 118 -14.04 -7.73 18.22
CA PRO A 118 -14.45 -8.35 19.48
C PRO A 118 -15.90 -8.83 19.49
N MET A 119 -16.56 -8.82 18.32
CA MET A 119 -17.97 -9.16 18.26
C MET A 119 -18.19 -10.62 18.65
N THR A 120 -19.19 -10.85 19.48
CA THR A 120 -19.46 -12.18 20.02
C THR A 120 -20.30 -12.99 19.03
N PRO A 121 -20.22 -14.32 19.11
CA PRO A 121 -21.05 -15.15 18.22
C PRO A 121 -22.54 -14.96 18.44
N GLY A 122 -22.96 -14.69 19.67
CA GLY A 122 -24.38 -14.46 19.92
C GLY A 122 -24.91 -13.21 19.26
N GLN A 123 -24.08 -12.16 19.17
CA GLN A 123 -24.51 -10.95 18.49
C GLN A 123 -24.69 -11.17 17.00
N CYS A 124 -23.80 -11.96 16.38
CA CYS A 124 -23.99 -12.32 14.98
C CYS A 124 -25.20 -13.22 14.81
N ASN A 125 -25.38 -14.20 15.70
CA ASN A 125 -26.60 -15.00 15.69
C ASN A 125 -27.84 -14.15 15.87
N LEU A 126 -27.74 -13.08 16.66
CA LEU A 126 -28.89 -12.24 16.96
C LEU A 126 -29.42 -11.56 15.70
N VAL A 127 -28.56 -10.79 15.02
CA VAL A 127 -29.01 -10.02 13.87
C VAL A 127 -29.36 -10.89 12.68
N VAL A 128 -28.86 -12.12 12.63
CA VAL A 128 -29.10 -13.00 11.49
C VAL A 128 -30.39 -13.80 11.66
N GLU A 129 -30.54 -14.49 12.80
CA GLU A 129 -31.72 -15.32 12.99
C GLU A 129 -32.99 -14.48 13.09
N ASN A 130 -32.92 -13.34 13.79
CA ASN A 130 -34.12 -12.51 13.96
C ASN A 130 -34.59 -11.96 12.63
N LEU A 131 -33.68 -11.37 11.84
CA LEU A 131 -34.08 -10.87 10.52
C LEU A 131 -34.50 -12.02 9.61
N GLY A 132 -33.81 -13.15 9.70
CA GLY A 132 -34.23 -14.32 8.94
C GLY A 132 -35.58 -14.85 9.41
N GLU A 133 -35.83 -14.79 10.72
CA GLU A 133 -37.13 -15.19 11.24
C GLU A 133 -38.22 -14.26 10.76
N TYR A 134 -37.91 -12.96 10.63
CA TYR A 134 -38.88 -12.02 10.08
C TYR A 134 -39.15 -12.31 8.61
N LEU A 135 -38.11 -12.64 7.85
CA LEU A 135 -38.31 -13.02 6.46
C LEU A 135 -39.03 -14.35 6.34
N ILE A 136 -38.87 -15.23 7.34
CA ILE A 136 -39.67 -16.46 7.37
C ILE A 136 -41.15 -16.14 7.56
N GLU A 137 -41.45 -15.17 8.42
CA GLU A 137 -42.84 -14.77 8.64
C GLU A 137 -43.48 -14.22 7.38
N SER A 138 -42.69 -13.61 6.50
CA SER A 138 -43.21 -12.94 5.32
C SER A 138 -43.03 -13.73 4.04
N GLY A 139 -41.98 -14.54 3.93
CA GLY A 139 -41.70 -15.29 2.73
C GLY A 139 -40.73 -14.59 1.81
N VAL B 2 -38.38 -8.05 21.09
CA VAL B 2 -37.58 -8.92 20.23
C VAL B 2 -37.00 -8.12 19.08
N LYS B 3 -37.59 -6.95 18.81
CA LYS B 3 -37.19 -6.06 17.73
C LYS B 3 -37.22 -6.79 16.38
N LYS B 4 -38.44 -7.12 15.97
CA LYS B 4 -38.68 -7.47 14.58
C LYS B 4 -38.34 -6.28 13.69
N ALA B 5 -37.86 -6.58 12.48
CA ALA B 5 -37.44 -5.56 11.53
C ALA B 5 -38.60 -4.75 10.96
N ALA B 6 -39.81 -4.91 11.49
CA ALA B 6 -41.01 -4.31 10.91
C ALA B 6 -41.00 -2.79 11.09
N ALA B 7 -40.11 -2.11 10.38
CA ALA B 7 -40.08 -0.65 10.30
C ALA B 7 -40.18 -0.30 8.83
N THR B 8 -41.39 0.05 8.38
CA THR B 8 -41.68 0.26 6.97
C THR B 8 -41.84 1.76 6.69
N ASN B 9 -40.97 2.28 5.83
CA ASN B 9 -41.16 3.62 5.26
C ASN B 9 -41.79 3.48 3.88
N MET B 10 -43.07 3.15 3.89
CA MET B 10 -43.83 2.86 2.68
C MET B 10 -44.69 4.06 2.32
N SER B 11 -44.79 4.33 1.02
CA SER B 11 -45.55 5.50 0.56
C SER B 11 -47.02 5.36 0.93
N TRP B 12 -47.62 6.47 1.36
CA TRP B 12 -48.98 6.44 1.88
C TRP B 12 -49.97 6.06 0.79
N GLN B 13 -49.72 6.49 -0.45
CA GLN B 13 -50.60 6.13 -1.56
C GLN B 13 -50.65 4.64 -1.77
N THR B 14 -49.52 3.94 -1.54
CA THR B 14 -49.49 2.50 -1.75
C THR B 14 -50.35 1.75 -0.75
N TYR B 15 -50.43 2.25 0.49
CA TYR B 15 -51.33 1.65 1.47
C TYR B 15 -52.77 1.72 0.99
N VAL B 16 -53.16 2.84 0.38
CA VAL B 16 -54.54 3.03 -0.06
C VAL B 16 -54.78 2.30 -1.37
N ASP B 17 -53.86 2.44 -2.33
CA ASP B 17 -54.08 1.88 -3.66
C ASP B 17 -54.01 0.36 -3.63
N ASP B 18 -53.05 -0.20 -2.88
CA ASP B 18 -52.81 -1.63 -2.87
C ASP B 18 -53.51 -2.38 -1.75
N HIS B 19 -53.66 -1.76 -0.58
CA HIS B 19 -54.15 -2.47 0.60
C HIS B 19 -55.52 -2.01 1.07
N LEU B 20 -56.06 -0.92 0.53
CA LEU B 20 -57.41 -0.48 0.84
C LEU B 20 -58.38 -0.73 -0.31
N MET B 21 -57.98 -0.39 -1.54
CA MET B 21 -58.78 -0.63 -2.72
C MET B 21 -58.54 -2.02 -3.33
N CYS B 22 -58.08 -2.98 -2.54
CA CYS B 22 -57.82 -4.32 -3.05
C CYS B 22 -59.13 -5.01 -3.38
N ASP B 23 -59.07 -5.88 -4.39
CA ASP B 23 -60.25 -6.63 -4.83
C ASP B 23 -60.63 -7.66 -3.77
N VAL B 24 -61.80 -7.48 -3.16
CA VAL B 24 -62.25 -8.32 -2.06
C VAL B 24 -63.44 -9.13 -2.55
N ALA B 25 -63.22 -10.42 -2.80
CA ALA B 25 -64.28 -11.35 -3.19
C ALA B 25 -65.02 -10.86 -4.43
N GLY B 26 -64.30 -10.20 -5.33
CA GLY B 26 -64.87 -9.65 -6.55
C GLY B 26 -65.28 -8.21 -6.45
N ASN B 27 -65.42 -7.67 -5.24
CA ASN B 27 -65.86 -6.31 -5.02
C ASN B 27 -64.71 -5.45 -4.51
N ARG B 28 -64.88 -4.13 -4.62
CA ARG B 28 -63.87 -3.18 -4.19
C ARG B 28 -64.54 -1.99 -3.53
N LEU B 29 -63.84 -1.37 -2.58
CA LEU B 29 -64.35 -0.17 -1.94
C LEU B 29 -64.64 0.92 -2.96
N THR B 30 -65.69 1.71 -2.68
CA THR B 30 -65.99 2.86 -3.52
C THR B 30 -64.86 3.89 -3.46
N ALA B 31 -64.35 4.14 -2.27
CA ALA B 31 -63.26 5.09 -2.06
C ALA B 31 -62.66 4.84 -0.69
N ALA B 32 -61.38 5.18 -0.54
CA ALA B 32 -60.69 5.00 0.73
C ALA B 32 -59.58 6.03 0.85
N ALA B 33 -59.20 6.31 2.09
CA ALA B 33 -58.18 7.31 2.36
C ALA B 33 -57.63 7.10 3.76
N ILE B 34 -56.44 7.63 4.00
CA ILE B 34 -55.78 7.57 5.31
C ILE B 34 -55.35 8.99 5.66
N LEU B 35 -56.01 9.58 6.64
CA LEU B 35 -55.72 10.94 7.09
C LEU B 35 -55.14 10.91 8.50
N GLY B 36 -54.10 11.70 8.72
CA GLY B 36 -53.52 11.80 10.04
C GLY B 36 -54.46 12.50 11.01
N GLN B 37 -54.29 12.20 12.30
CA GLN B 37 -55.13 12.82 13.32
C GLN B 37 -54.95 14.32 13.38
N ASP B 38 -53.90 14.87 12.79
CA ASP B 38 -53.73 16.31 12.72
C ASP B 38 -54.68 16.96 11.73
N GLY B 39 -55.40 16.17 10.92
CA GLY B 39 -56.33 16.69 9.96
C GLY B 39 -55.86 16.69 8.52
N SER B 40 -54.55 16.51 8.30
CA SER B 40 -54.01 16.55 6.95
C SER B 40 -54.37 15.29 6.18
N VAL B 41 -54.56 15.46 4.87
CA VAL B 41 -54.88 14.36 3.97
C VAL B 41 -53.57 13.75 3.48
N TRP B 42 -53.23 12.58 3.99
CA TRP B 42 -51.97 11.95 3.61
C TRP B 42 -52.10 11.18 2.30
N ALA B 43 -53.25 10.54 2.07
CA ALA B 43 -53.46 9.75 0.85
C ALA B 43 -54.95 9.54 0.68
N GLN B 44 -55.41 9.59 -0.56
CA GLN B 44 -56.83 9.46 -0.87
C GLN B 44 -57.00 8.82 -2.23
N SER B 45 -58.13 8.16 -2.42
CA SER B 45 -58.45 7.56 -3.71
C SER B 45 -58.83 8.65 -4.71
N ASN B 46 -59.09 8.23 -5.95
CA ASN B 46 -59.46 9.17 -6.99
C ASN B 46 -60.85 9.77 -6.78
N ASN B 47 -61.73 9.08 -6.04
CA ASN B 47 -63.09 9.55 -5.82
C ASN B 47 -63.40 9.76 -4.34
N PHE B 48 -62.39 10.03 -3.52
CA PHE B 48 -62.64 10.28 -2.11
C PHE B 48 -63.12 11.71 -1.90
N PRO B 49 -64.24 11.92 -1.21
CA PRO B 49 -64.77 13.27 -1.05
C PRO B 49 -63.88 14.13 -0.15
N GLN B 50 -63.87 15.42 -0.44
CA GLN B 50 -63.10 16.36 0.37
C GLN B 50 -63.75 16.53 1.72
N VAL B 51 -63.03 16.17 2.78
CA VAL B 51 -63.59 16.18 4.13
C VAL B 51 -63.47 17.58 4.72
N LYS B 52 -64.58 18.07 5.27
CA LYS B 52 -64.56 19.37 5.91
C LYS B 52 -63.82 19.31 7.24
N PRO B 53 -63.16 20.40 7.64
CA PRO B 53 -62.45 20.38 8.93
C PRO B 53 -63.36 20.12 10.12
N GLU B 54 -64.59 20.66 10.08
CA GLU B 54 -65.54 20.38 11.15
C GLU B 54 -65.90 18.90 11.21
N GLU B 55 -65.91 18.23 10.06
CA GLU B 55 -66.18 16.78 10.05
C GLU B 55 -65.08 16.01 10.75
N ILE B 56 -63.82 16.37 10.51
CA ILE B 56 -62.70 15.69 11.15
C ILE B 56 -62.71 15.95 12.66
N GLN B 57 -63.05 17.17 13.06
CA GLN B 57 -63.17 17.47 14.48
C GLN B 57 -64.24 16.61 15.13
N GLY B 58 -65.35 16.40 14.44
CA GLY B 58 -66.40 15.54 14.98
C GLY B 58 -65.97 14.09 15.07
N ILE B 59 -65.19 13.63 14.09
CA ILE B 59 -64.73 12.24 14.13
C ILE B 59 -63.72 12.04 15.24
N LYS B 60 -62.78 12.98 15.40
CA LYS B 60 -61.82 12.90 16.50
C LYS B 60 -62.54 12.84 17.85
N ASP B 61 -63.58 13.66 18.01
CA ASP B 61 -64.24 13.75 19.30
C ASP B 61 -65.08 12.52 19.61
N ASP B 62 -65.61 11.85 18.57
CA ASP B 62 -66.33 10.61 18.81
C ASP B 62 -65.40 9.48 19.23
N PHE B 63 -64.18 9.46 18.68
CA PHE B 63 -63.18 8.51 19.15
C PHE B 63 -62.78 8.81 20.59
N THR B 64 -62.68 10.09 20.94
CA THR B 64 -62.41 10.46 22.32
C THR B 64 -63.55 10.08 23.24
N THR B 65 -64.78 10.45 22.87
CA THR B 65 -65.96 10.14 23.67
C THR B 65 -67.05 9.57 22.76
N PRO B 66 -67.23 8.25 22.75
CA PRO B 66 -68.28 7.66 21.92
C PRO B 66 -69.66 8.16 22.32
N GLY B 67 -70.57 8.16 21.34
CA GLY B 67 -71.92 8.65 21.54
C GLY B 67 -72.13 10.09 21.10
N THR B 68 -71.13 10.74 20.53
CA THR B 68 -71.24 12.13 20.13
C THR B 68 -71.95 12.28 18.78
N LEU B 69 -71.49 11.55 17.78
CA LEU B 69 -71.96 11.76 16.41
C LEU B 69 -73.27 11.03 16.12
N ALA B 70 -73.65 10.06 16.94
CA ALA B 70 -74.85 9.27 16.65
C ALA B 70 -76.12 10.11 16.57
N PRO B 71 -76.42 11.02 17.50
CA PRO B 71 -77.69 11.76 17.37
C PRO B 71 -77.70 12.71 16.19
N THR B 72 -76.60 13.40 15.92
CA THR B 72 -76.58 14.38 14.84
C THR B 72 -76.34 13.72 13.49
N GLY B 73 -75.59 12.63 13.45
CA GLY B 73 -75.22 11.98 12.22
C GLY B 73 -73.78 12.29 11.82
N LEU B 74 -73.21 11.38 11.03
CA LEU B 74 -71.82 11.51 10.57
C LEU B 74 -71.83 12.06 9.16
N PHE B 75 -71.11 13.16 8.94
CA PHE B 75 -71.04 13.81 7.64
C PHE B 75 -69.64 13.69 7.06
N LEU B 76 -69.58 13.36 5.76
CA LEU B 76 -68.33 13.22 5.02
C LEU B 76 -68.48 13.98 3.71
N GLY B 77 -67.89 15.18 3.64
CA GLY B 77 -68.04 16.03 2.48
C GLY B 77 -69.49 16.39 2.18
N GLY B 78 -70.32 16.51 3.22
CA GLY B 78 -71.72 16.79 3.04
C GLY B 78 -72.61 15.57 2.97
N ASN B 79 -72.05 14.38 2.81
CA ASN B 79 -72.83 13.15 2.76
C ASN B 79 -73.20 12.73 4.17
N LYS B 80 -74.47 12.41 4.38
CA LYS B 80 -75.00 12.12 5.71
C LYS B 80 -75.01 10.62 5.94
N TYR B 81 -74.29 10.17 6.97
CA TYR B 81 -74.26 8.78 7.38
C TYR B 81 -74.83 8.68 8.79
N MET B 82 -75.77 7.77 8.99
CA MET B 82 -76.29 7.50 10.33
C MET B 82 -75.41 6.46 11.00
N VAL B 83 -75.08 6.71 12.27
CA VAL B 83 -74.10 5.89 12.98
C VAL B 83 -74.73 4.59 13.42
N ILE B 84 -74.00 3.49 13.23
CA ILE B 84 -74.42 2.16 13.68
C ILE B 84 -73.40 1.64 14.68
N GLN B 85 -73.61 0.40 15.15
CA GLN B 85 -72.73 -0.21 16.13
C GLN B 85 -71.27 -0.15 15.70
N GLY B 86 -70.44 0.47 16.54
CA GLY B 86 -69.02 0.53 16.31
C GLY B 86 -68.24 0.01 17.49
N GLU B 87 -66.91 0.10 17.45
CA GLU B 87 -66.07 -0.34 18.55
C GLU B 87 -65.51 0.90 19.26
N PRO B 88 -65.83 1.10 20.53
CA PRO B 88 -65.54 2.38 21.19
C PRO B 88 -64.06 2.75 21.14
N ASN B 89 -63.80 4.03 20.91
CA ASN B 89 -62.48 4.65 20.90
C ASN B 89 -61.63 4.20 19.72
N ALA B 90 -62.12 3.26 18.92
CA ALA B 90 -61.28 2.74 17.85
C ALA B 90 -61.95 2.70 16.49
N VAL B 91 -63.24 2.39 16.42
CA VAL B 91 -63.92 2.12 15.15
C VAL B 91 -65.22 2.90 15.11
N ILE B 92 -65.44 3.62 14.02
CA ILE B 92 -66.71 4.26 13.71
C ILE B 92 -67.28 3.60 12.45
N ARG B 93 -68.49 3.08 12.56
CA ARG B 93 -69.20 2.47 11.43
C ARG B 93 -70.46 3.26 11.16
N GLY B 94 -70.68 3.60 9.89
CA GLY B 94 -71.85 4.35 9.49
C GLY B 94 -72.55 3.70 8.31
N LYS B 95 -73.83 4.03 8.18
CA LYS B 95 -74.69 3.47 7.14
C LYS B 95 -75.26 4.59 6.30
N LYS B 96 -75.23 4.42 4.97
CA LYS B 96 -75.87 5.33 4.02
C LYS B 96 -76.59 4.45 2.99
N GLY B 97 -77.84 4.09 3.28
CA GLY B 97 -78.56 3.22 2.39
C GLY B 97 -77.92 1.85 2.30
N ALA B 98 -77.84 1.32 1.08
CA ALA B 98 -77.21 0.03 0.87
C ALA B 98 -75.70 0.07 1.07
N GLY B 99 -75.11 1.25 1.17
CA GLY B 99 -73.69 1.40 1.40
C GLY B 99 -73.38 1.76 2.84
N GLY B 100 -72.16 2.25 3.05
CA GLY B 100 -71.76 2.66 4.39
C GLY B 100 -70.32 3.08 4.42
N VAL B 101 -69.77 3.13 5.64
CA VAL B 101 -68.41 3.61 5.85
C VAL B 101 -67.90 3.01 7.15
N THR B 102 -66.60 2.74 7.20
CA THR B 102 -65.93 2.26 8.40
C THR B 102 -64.65 3.05 8.60
N ILE B 103 -64.47 3.62 9.80
CA ILE B 103 -63.30 4.40 10.13
C ILE B 103 -62.58 3.73 11.29
N LYS B 104 -61.30 3.41 11.09
CA LYS B 104 -60.47 2.78 12.09
C LYS B 104 -59.41 3.77 12.55
N LYS B 105 -59.31 3.99 13.85
CA LYS B 105 -58.33 4.90 14.42
C LYS B 105 -57.03 4.16 14.72
N THR B 106 -55.91 4.79 14.39
CA THR B 106 -54.60 4.20 14.58
C THR B 106 -53.76 5.06 15.53
N THR B 107 -52.48 4.73 15.62
CA THR B 107 -51.57 5.46 16.50
C THR B 107 -51.51 6.94 16.15
N GLN B 108 -51.38 7.26 14.86
CA GLN B 108 -51.19 8.63 14.44
C GLN B 108 -52.03 9.03 13.23
N ALA B 109 -52.90 8.15 12.73
CA ALA B 109 -53.68 8.43 11.55
C ALA B 109 -55.13 8.01 11.76
N LEU B 110 -55.94 8.23 10.74
CA LEU B 110 -57.35 7.82 10.72
C LEU B 110 -57.62 7.13 9.39
N VAL B 111 -57.99 5.86 9.43
CA VAL B 111 -58.16 5.07 8.22
C VAL B 111 -59.63 5.13 7.80
N PHE B 112 -59.86 5.49 6.53
CA PHE B 112 -61.20 5.67 5.99
C PHE B 112 -61.49 4.61 4.95
N GLY B 113 -62.71 4.07 4.98
CA GLY B 113 -63.16 3.15 3.96
C GLY B 113 -64.63 3.27 3.68
N ILE B 114 -64.99 3.55 2.43
CA ILE B 114 -66.38 3.79 2.02
C ILE B 114 -66.78 2.70 1.04
N TYR B 115 -67.88 2.02 1.32
CA TYR B 115 -68.37 0.97 0.45
C TYR B 115 -69.75 1.33 -0.08
N ASP B 116 -70.10 0.71 -1.20
CA ASP B 116 -71.44 0.78 -1.78
C ASP B 116 -71.87 -0.63 -2.17
N GLU B 117 -73.13 -0.76 -2.56
CA GLU B 117 -73.64 -2.05 -2.97
C GLU B 117 -72.85 -2.56 -4.18
N PRO B 118 -72.74 -3.88 -4.35
CA PRO B 118 -73.25 -4.94 -3.47
C PRO B 118 -72.23 -5.36 -2.42
N MET B 119 -71.19 -4.56 -2.24
CA MET B 119 -70.14 -4.89 -1.28
C MET B 119 -70.72 -4.91 0.13
N THR B 120 -70.51 -6.03 0.83
CA THR B 120 -71.11 -6.22 2.13
C THR B 120 -70.37 -5.39 3.19
N PRO B 121 -71.07 -4.97 4.25
CA PRO B 121 -70.41 -4.15 5.27
C PRO B 121 -69.23 -4.84 5.94
N GLY B 122 -69.30 -6.16 6.12
CA GLY B 122 -68.17 -6.88 6.69
C GLY B 122 -66.93 -6.83 5.83
N GLN B 123 -67.12 -6.74 4.51
CA GLN B 123 -65.96 -6.64 3.61
C GLN B 123 -65.25 -5.31 3.80
N CYS B 124 -66.00 -4.22 3.97
CA CYS B 124 -65.37 -2.94 4.29
C CYS B 124 -64.83 -2.94 5.71
N ASN B 125 -65.53 -3.61 6.64
CA ASN B 125 -65.01 -3.77 7.99
C ASN B 125 -63.72 -4.57 8.00
N LEU B 126 -63.62 -5.58 7.13
CA LEU B 126 -62.45 -6.44 7.11
C LEU B 126 -61.22 -5.68 6.64
N VAL B 127 -61.29 -5.06 5.47
CA VAL B 127 -60.10 -4.49 4.84
C VAL B 127 -59.57 -3.30 5.63
N VAL B 128 -60.45 -2.56 6.31
CA VAL B 128 -60.01 -1.34 6.98
C VAL B 128 -59.40 -1.67 8.34
N GLU B 129 -60.13 -2.41 9.18
CA GLU B 129 -59.66 -2.65 10.54
C GLU B 129 -58.35 -3.43 10.56
N ASN B 130 -58.21 -4.41 9.67
CA ASN B 130 -57.00 -5.22 9.66
C ASN B 130 -55.79 -4.38 9.29
N LEU B 131 -55.90 -3.54 8.26
CA LEU B 131 -54.82 -2.62 7.94
C LEU B 131 -54.60 -1.63 9.07
N GLY B 132 -55.68 -1.17 9.70
CA GLY B 132 -55.54 -0.29 10.85
C GLY B 132 -54.83 -0.98 12.01
N GLU B 133 -55.16 -2.24 12.26
CA GLU B 133 -54.48 -2.98 13.32
C GLU B 133 -53.01 -3.17 13.00
N TYR B 134 -52.67 -3.38 11.72
CA TYR B 134 -51.27 -3.50 11.33
C TYR B 134 -50.53 -2.19 11.54
N LEU B 135 -51.15 -1.07 11.16
CA LEU B 135 -50.53 0.24 11.39
C LEU B 135 -50.44 0.53 12.89
N ILE B 136 -51.37 0.00 13.68
CA ILE B 136 -51.26 0.12 15.13
C ILE B 136 -50.07 -0.69 15.64
N GLU B 137 -49.93 -1.93 15.14
CA GLU B 137 -48.82 -2.78 15.58
C GLU B 137 -47.47 -2.22 15.17
N SER B 138 -47.42 -1.27 14.24
CA SER B 138 -46.18 -0.64 13.82
C SER B 138 -46.07 0.81 14.24
N GLY B 139 -47.16 1.57 14.18
CA GLY B 139 -47.15 2.97 14.55
C GLY B 139 -47.23 3.91 13.36
N LYS C 3 27.53 -45.49 6.29
CA LYS C 3 26.20 -44.92 6.08
C LYS C 3 25.35 -45.84 5.23
N LYS C 4 25.32 -45.61 3.91
CA LYS C 4 24.58 -46.46 2.98
C LYS C 4 25.36 -47.76 2.82
N ALA C 5 25.26 -48.61 3.85
CA ALA C 5 26.06 -49.82 3.89
C ALA C 5 25.44 -50.95 3.08
N ALA C 6 24.13 -51.12 3.17
CA ALA C 6 23.49 -52.31 2.61
C ALA C 6 23.42 -52.27 1.09
N ALA C 7 24.58 -52.40 0.44
CA ALA C 7 24.62 -52.78 -0.96
C ALA C 7 24.62 -54.30 -1.03
N THR C 8 23.74 -54.86 -1.85
CA THR C 8 23.44 -56.28 -1.79
C THR C 8 23.76 -56.97 -3.13
N ASN C 9 23.35 -58.24 -3.22
CA ASN C 9 23.92 -59.19 -4.17
C ASN C 9 22.88 -60.22 -4.56
N MET C 10 22.89 -60.59 -5.83
CA MET C 10 21.95 -61.58 -6.38
C MET C 10 22.72 -62.68 -7.10
N SER C 11 21.99 -63.48 -7.90
CA SER C 11 22.42 -64.78 -8.39
C SER C 11 23.86 -64.79 -8.89
N TRP C 12 24.52 -65.93 -8.68
CA TRP C 12 25.90 -66.12 -9.13
C TRP C 12 25.97 -66.27 -10.64
N GLN C 13 25.10 -67.12 -11.22
CA GLN C 13 25.11 -67.35 -12.65
C GLN C 13 24.95 -66.05 -13.43
N THR C 14 24.26 -65.07 -12.85
CA THR C 14 24.11 -63.77 -13.50
C THR C 14 25.42 -63.01 -13.51
N TYR C 15 26.22 -63.14 -12.44
CA TYR C 15 27.54 -62.50 -12.40
C TYR C 15 28.41 -62.94 -13.57
N VAL C 16 28.38 -64.23 -13.90
CA VAL C 16 29.29 -64.74 -14.91
C VAL C 16 28.79 -64.43 -16.31
N ASP C 17 27.48 -64.58 -16.55
CA ASP C 17 26.94 -64.37 -17.90
C ASP C 17 27.03 -62.90 -18.30
N ASP C 18 26.62 -62.01 -17.42
CA ASP C 18 26.49 -60.59 -17.77
C ASP C 18 27.77 -59.80 -17.60
N HIS C 19 28.62 -60.17 -16.64
CA HIS C 19 29.74 -59.32 -16.26
C HIS C 19 31.11 -59.96 -16.42
N LEU C 20 31.18 -61.26 -16.75
CA LEU C 20 32.42 -61.89 -17.16
C LEU C 20 32.44 -62.21 -18.64
N MET C 21 31.35 -62.78 -19.16
CA MET C 21 31.19 -63.05 -20.58
C MET C 21 30.64 -61.86 -21.34
N CYS C 22 30.76 -60.65 -20.79
CA CYS C 22 30.25 -59.46 -21.45
C CYS C 22 31.06 -59.14 -22.70
N ASP C 23 30.37 -58.69 -23.74
CA ASP C 23 31.02 -58.35 -25.00
C ASP C 23 31.83 -57.06 -24.82
N VAL C 24 33.15 -57.19 -24.87
CA VAL C 24 34.06 -56.06 -24.77
C VAL C 24 34.72 -55.88 -26.13
N ALA C 25 34.29 -54.84 -26.86
CA ALA C 25 34.85 -54.52 -28.18
C ALA C 25 34.74 -55.72 -29.12
N GLY C 26 33.62 -56.41 -29.09
CA GLY C 26 33.31 -57.46 -30.03
C GLY C 26 33.72 -58.86 -29.62
N ASN C 27 34.75 -59.00 -28.80
CA ASN C 27 35.26 -60.30 -28.40
C ASN C 27 34.83 -60.63 -26.97
N ARG C 28 34.65 -61.92 -26.72
CA ARG C 28 34.27 -62.42 -25.41
C ARG C 28 35.38 -63.31 -24.85
N LEU C 29 35.29 -63.58 -23.55
CA LEU C 29 36.15 -64.60 -22.96
C LEU C 29 35.82 -65.96 -23.56
N THR C 30 36.85 -66.79 -23.73
CA THR C 30 36.62 -68.15 -24.20
C THR C 30 35.75 -68.92 -23.22
N ALA C 31 36.00 -68.76 -21.92
CA ALA C 31 35.19 -69.35 -20.86
C ALA C 31 35.56 -68.68 -19.54
N ALA C 32 34.60 -68.64 -18.63
CA ALA C 32 34.83 -68.02 -17.33
C ALA C 32 33.90 -68.68 -16.30
N ALA C 33 34.32 -68.59 -15.04
CA ALA C 33 33.61 -69.24 -13.95
C ALA C 33 34.02 -68.62 -12.63
N ILE C 34 33.18 -68.80 -11.62
CA ILE C 34 33.49 -68.39 -10.26
C ILE C 34 33.31 -69.60 -9.35
N LEU C 35 34.43 -70.11 -8.82
CA LEU C 35 34.44 -71.23 -7.91
C LEU C 35 34.73 -70.74 -6.50
N GLY C 36 34.07 -71.34 -5.51
CA GLY C 36 34.39 -71.04 -4.14
C GLY C 36 35.75 -71.57 -3.74
N GLN C 37 36.32 -70.98 -2.68
CA GLN C 37 37.66 -71.36 -2.24
C GLN C 37 37.73 -72.80 -1.76
N ASP C 38 36.59 -73.45 -1.50
CA ASP C 38 36.60 -74.87 -1.21
C ASP C 38 36.82 -75.73 -2.46
N GLY C 39 36.76 -75.12 -3.64
CA GLY C 39 36.87 -75.83 -4.89
C GLY C 39 35.54 -76.08 -5.59
N SER C 40 34.43 -75.82 -4.91
CA SER C 40 33.12 -76.09 -5.49
C SER C 40 32.77 -75.05 -6.56
N VAL C 41 32.09 -75.51 -7.60
CA VAL C 41 31.70 -74.65 -8.72
C VAL C 41 30.41 -73.93 -8.34
N TRP C 42 30.53 -72.62 -8.05
CA TRP C 42 29.34 -71.83 -7.77
C TRP C 42 28.65 -71.37 -9.04
N ALA C 43 29.42 -71.04 -10.08
CA ALA C 43 28.86 -70.60 -11.35
C ALA C 43 29.93 -70.75 -12.41
N GLN C 44 29.55 -71.31 -13.56
CA GLN C 44 30.50 -71.57 -14.63
C GLN C 44 29.82 -71.40 -15.97
N SER C 45 30.60 -71.01 -16.97
CA SER C 45 30.09 -70.91 -18.33
C SER C 45 29.79 -72.32 -18.87
N ASN C 46 29.19 -72.35 -20.07
CA ASN C 46 28.75 -73.63 -20.62
C ASN C 46 29.91 -74.54 -20.98
N ASN C 47 31.10 -73.97 -21.24
CA ASN C 47 32.25 -74.76 -21.66
C ASN C 47 33.46 -74.51 -20.77
N PHE C 48 33.25 -74.22 -19.49
CA PHE C 48 34.38 -74.09 -18.58
C PHE C 48 34.86 -75.46 -18.16
N PRO C 49 36.16 -75.73 -18.21
CA PRO C 49 36.66 -77.08 -17.95
C PRO C 49 36.46 -77.48 -16.49
N GLN C 50 36.23 -78.77 -16.29
CA GLN C 50 36.15 -79.31 -14.93
C GLN C 50 37.55 -79.26 -14.31
N VAL C 51 37.73 -78.37 -13.34
CA VAL C 51 39.04 -78.14 -12.75
C VAL C 51 39.33 -79.24 -11.74
N LYS C 52 40.50 -79.87 -11.87
CA LYS C 52 40.88 -80.92 -10.93
C LYS C 52 41.11 -80.32 -9.56
N PRO C 53 40.76 -81.03 -8.48
CA PRO C 53 40.98 -80.49 -7.14
C PRO C 53 42.44 -80.21 -6.84
N GLU C 54 43.34 -81.08 -7.29
CA GLU C 54 44.77 -80.84 -7.10
C GLU C 54 45.22 -79.59 -7.83
N GLU C 55 44.53 -79.23 -8.93
CA GLU C 55 44.78 -77.94 -9.57
C GLU C 55 44.35 -76.79 -8.67
N ILE C 56 43.21 -76.95 -7.99
CA ILE C 56 42.71 -75.91 -7.09
C ILE C 56 43.64 -75.73 -5.91
N GLN C 57 44.16 -76.83 -5.36
CA GLN C 57 45.02 -76.74 -4.19
C GLN C 57 46.29 -75.96 -4.49
N GLY C 58 46.90 -76.21 -5.65
CA GLY C 58 48.08 -75.45 -6.03
C GLY C 58 47.79 -73.98 -6.26
N ILE C 59 46.59 -73.66 -6.76
CA ILE C 59 46.23 -72.26 -6.97
C ILE C 59 46.14 -71.54 -5.64
N LYS C 60 45.44 -72.15 -4.67
CA LYS C 60 45.34 -71.54 -3.35
C LYS C 60 46.72 -71.40 -2.71
N ASP C 61 47.61 -72.37 -2.97
CA ASP C 61 48.95 -72.31 -2.40
C ASP C 61 49.78 -71.20 -3.03
N ASP C 62 49.54 -70.88 -4.30
CA ASP C 62 50.25 -69.76 -4.91
C ASP C 62 49.72 -68.43 -4.37
N PHE C 63 48.42 -68.36 -4.08
CA PHE C 63 47.89 -67.19 -3.37
C PHE C 63 48.48 -67.10 -1.98
N THR C 64 48.58 -68.23 -1.28
CA THR C 64 49.22 -68.25 0.04
C THR C 64 50.70 -67.91 -0.07
N THR C 65 51.41 -68.57 -0.99
CA THR C 65 52.84 -68.37 -1.17
C THR C 65 53.12 -68.11 -2.65
N PRO C 66 53.35 -66.86 -3.03
CA PRO C 66 53.62 -66.55 -4.44
C PRO C 66 54.87 -67.24 -4.94
N GLY C 67 54.84 -67.66 -6.21
CA GLY C 67 55.97 -68.30 -6.85
C GLY C 67 55.94 -69.82 -6.82
N THR C 68 54.86 -70.43 -6.34
CA THR C 68 54.81 -71.88 -6.24
C THR C 68 54.60 -72.53 -7.60
N LEU C 69 53.61 -72.06 -8.35
CA LEU C 69 53.24 -72.71 -9.61
C LEU C 69 54.13 -72.31 -10.77
N ALA C 70 54.90 -71.22 -10.64
CA ALA C 70 55.69 -70.72 -11.76
C ALA C 70 56.69 -71.73 -12.30
N PRO C 71 57.49 -72.44 -11.48
CA PRO C 71 58.45 -73.37 -12.08
C PRO C 71 57.79 -74.53 -12.82
N THR C 72 56.69 -75.06 -12.28
CA THR C 72 56.02 -76.20 -12.91
C THR C 72 54.99 -75.78 -13.93
N GLY C 73 54.39 -74.60 -13.79
CA GLY C 73 53.32 -74.16 -14.66
C GLY C 73 51.96 -74.36 -14.03
N LEU C 74 50.98 -73.60 -14.54
CA LEU C 74 49.61 -73.64 -14.05
C LEU C 74 48.78 -74.55 -14.93
N PHE C 75 48.02 -75.46 -14.30
CA PHE C 75 47.21 -76.44 -15.00
C PHE C 75 45.74 -76.22 -14.69
N LEU C 76 44.92 -76.21 -15.73
CA LEU C 76 43.46 -76.07 -15.60
C LEU C 76 42.81 -77.02 -16.60
N GLY C 77 42.19 -78.08 -16.09
CA GLY C 77 41.54 -79.04 -16.97
C GLY C 77 42.47 -79.72 -17.95
N GLY C 78 43.72 -79.95 -17.56
CA GLY C 78 44.67 -80.63 -18.40
C GLY C 78 45.53 -79.74 -19.29
N ASN C 79 45.17 -78.47 -19.44
CA ASN C 79 45.93 -77.55 -20.28
C ASN C 79 46.93 -76.79 -19.44
N LYS C 80 48.17 -76.72 -19.91
CA LYS C 80 49.25 -76.06 -19.18
C LYS C 80 49.30 -74.57 -19.54
N TYR C 81 49.42 -73.73 -18.51
CA TYR C 81 49.52 -72.29 -18.68
C TYR C 81 50.80 -71.79 -18.03
N MET C 82 51.59 -71.04 -18.79
CA MET C 82 52.83 -70.48 -18.26
C MET C 82 52.52 -69.31 -17.34
N VAL C 83 53.04 -69.38 -16.11
CA VAL C 83 52.77 -68.34 -15.12
C VAL C 83 53.47 -67.06 -15.51
N ILE C 84 52.73 -65.96 -15.55
CA ILE C 84 53.29 -64.65 -15.85
C ILE C 84 53.04 -63.71 -14.69
N GLN C 85 53.48 -62.46 -14.82
CA GLN C 85 53.41 -61.50 -13.72
C GLN C 85 51.97 -61.26 -13.29
N GLY C 86 51.73 -61.36 -11.99
CA GLY C 86 50.42 -61.09 -11.42
C GLY C 86 50.51 -60.20 -10.20
N GLU C 87 49.47 -60.21 -9.37
CA GLU C 87 49.48 -59.47 -8.12
C GLU C 87 49.56 -60.45 -6.96
N PRO C 88 50.55 -60.31 -6.07
CA PRO C 88 50.76 -61.32 -5.03
C PRO C 88 49.54 -61.51 -4.12
N ASN C 89 49.20 -62.78 -3.89
CA ASN C 89 48.12 -63.21 -3.01
C ASN C 89 46.74 -62.84 -3.52
N ALA C 90 46.66 -62.10 -4.63
CA ALA C 90 45.38 -61.63 -5.15
C ALA C 90 45.12 -62.08 -6.59
N VAL C 91 46.10 -61.94 -7.48
CA VAL C 91 45.90 -62.15 -8.90
C VAL C 91 46.93 -63.14 -9.42
N ILE C 92 46.46 -64.17 -10.13
CA ILE C 92 47.32 -65.07 -10.88
C ILE C 92 46.98 -64.90 -12.36
N ARG C 93 47.99 -64.61 -13.17
CA ARG C 93 47.83 -64.47 -14.61
C ARG C 93 48.63 -65.54 -15.33
N GLY C 94 48.03 -66.14 -16.36
CA GLY C 94 48.68 -67.19 -17.11
C GLY C 94 48.66 -66.89 -18.59
N LYS C 95 49.58 -67.55 -19.30
CA LYS C 95 49.73 -67.40 -20.74
C LYS C 95 49.77 -68.79 -21.38
N LYS C 96 48.97 -68.98 -22.43
CA LYS C 96 49.03 -70.19 -23.26
C LYS C 96 48.98 -69.75 -24.72
N GLY C 97 50.16 -69.46 -25.26
CA GLY C 97 50.22 -68.99 -26.64
C GLY C 97 49.56 -67.64 -26.79
N ALA C 98 48.62 -67.55 -27.73
CA ALA C 98 47.85 -66.33 -27.92
C ALA C 98 46.78 -66.15 -26.86
N GLY C 99 46.55 -67.15 -26.00
CA GLY C 99 45.55 -67.08 -24.97
C GLY C 99 46.15 -67.01 -23.57
N GLY C 100 45.30 -67.25 -22.59
CA GLY C 100 45.73 -67.26 -21.21
C GLY C 100 44.54 -67.28 -20.27
N VAL C 101 44.82 -67.00 -18.99
CA VAL C 101 43.82 -67.08 -17.94
C VAL C 101 44.22 -66.15 -16.81
N THR C 102 43.23 -65.53 -16.19
CA THR C 102 43.44 -64.61 -15.07
C THR C 102 42.53 -64.99 -13.92
N ILE C 103 43.12 -65.16 -12.74
CA ILE C 103 42.40 -65.62 -11.54
C ILE C 103 42.49 -64.52 -10.50
N LYS C 104 41.34 -64.10 -10.00
CA LYS C 104 41.25 -63.06 -8.97
C LYS C 104 40.72 -63.67 -7.69
N LYS C 105 41.44 -63.48 -6.58
CA LYS C 105 41.02 -63.96 -5.28
C LYS C 105 40.20 -62.88 -4.58
N THR C 106 39.12 -63.30 -3.94
CA THR C 106 38.21 -62.39 -3.25
C THR C 106 38.20 -62.72 -1.76
N THR C 107 37.27 -62.11 -1.04
CA THR C 107 37.06 -62.46 0.36
C THR C 107 36.77 -63.94 0.53
N GLN C 108 35.91 -64.49 -0.33
CA GLN C 108 35.48 -65.88 -0.18
C GLN C 108 35.37 -66.65 -1.49
N ALA C 109 35.80 -66.09 -2.61
CA ALA C 109 35.62 -66.75 -3.90
C ALA C 109 36.84 -66.54 -4.79
N LEU C 110 36.84 -67.23 -5.93
CA LEU C 110 37.89 -67.15 -6.93
C LEU C 110 37.26 -66.94 -8.29
N VAL C 111 37.68 -65.89 -8.99
CA VAL C 111 37.11 -65.51 -10.29
C VAL C 111 38.02 -66.01 -11.40
N PHE C 112 37.50 -66.87 -12.25
CA PHE C 112 38.25 -67.43 -13.38
C PHE C 112 37.80 -66.77 -14.68
N GLY C 113 38.76 -66.49 -15.55
CA GLY C 113 38.48 -66.01 -16.89
C GLY C 113 39.50 -66.50 -17.89
N ILE C 114 39.06 -67.17 -18.95
CA ILE C 114 39.94 -67.76 -19.95
C ILE C 114 39.72 -67.06 -21.28
N TYR C 115 40.81 -66.60 -21.90
CA TYR C 115 40.75 -65.86 -23.15
C TYR C 115 41.58 -66.55 -24.22
N ASP C 116 41.24 -66.24 -25.48
CA ASP C 116 41.99 -66.69 -26.65
C ASP C 116 42.09 -65.53 -27.63
N GLU C 117 42.79 -65.78 -28.74
CA GLU C 117 42.94 -64.75 -29.76
C GLU C 117 41.56 -64.36 -30.32
N PRO C 118 41.38 -63.10 -30.71
CA PRO C 118 42.37 -62.02 -30.61
C PRO C 118 42.23 -61.21 -29.33
N MET C 119 41.46 -61.72 -28.37
CA MET C 119 41.20 -60.98 -27.14
C MET C 119 42.49 -60.73 -26.38
N THR C 120 42.75 -59.47 -26.06
CA THR C 120 44.02 -59.08 -25.44
C THR C 120 44.00 -59.41 -23.95
N PRO C 121 45.19 -59.63 -23.36
CA PRO C 121 45.23 -59.98 -21.93
C PRO C 121 44.69 -58.88 -21.02
N GLY C 122 44.88 -57.62 -21.39
CA GLY C 122 44.33 -56.53 -20.58
C GLY C 122 42.82 -56.57 -20.52
N GLN C 123 42.17 -57.05 -21.57
CA GLN C 123 40.72 -57.18 -21.56
C GLN C 123 40.26 -58.24 -20.56
N CYS C 124 40.93 -59.39 -20.55
CA CYS C 124 40.58 -60.43 -19.59
C CYS C 124 40.94 -60.01 -18.17
N ASN C 125 42.05 -59.30 -18.00
CA ASN C 125 42.38 -58.73 -16.69
C ASN C 125 41.33 -57.72 -16.25
N LEU C 126 40.79 -56.95 -17.19
CA LEU C 126 39.82 -55.90 -16.86
C LEU C 126 38.53 -56.50 -16.33
N VAL C 127 37.91 -57.39 -17.11
CA VAL C 127 36.58 -57.88 -16.77
C VAL C 127 36.60 -58.76 -15.52
N VAL C 128 37.76 -59.29 -15.14
CA VAL C 128 37.86 -60.16 -13.98
C VAL C 128 38.17 -59.34 -12.73
N GLU C 129 39.28 -58.62 -12.75
CA GLU C 129 39.70 -57.89 -11.55
C GLU C 129 38.68 -56.84 -11.14
N ASN C 130 38.09 -56.14 -12.10
CA ASN C 130 37.09 -55.14 -11.77
C ASN C 130 35.86 -55.79 -11.12
N LEU C 131 35.42 -56.93 -11.65
CA LEU C 131 34.38 -57.69 -10.96
C LEU C 131 34.90 -58.27 -9.65
N GLY C 132 36.14 -58.78 -9.66
CA GLY C 132 36.71 -59.31 -8.44
C GLY C 132 36.83 -58.27 -7.35
N GLU C 133 37.23 -57.06 -7.72
CA GLU C 133 37.35 -55.99 -6.73
C GLU C 133 35.99 -55.57 -6.19
N TYR C 134 34.95 -55.65 -7.02
CA TYR C 134 33.61 -55.32 -6.54
C TYR C 134 33.14 -56.31 -5.48
N LEU C 135 33.37 -57.60 -5.70
CA LEU C 135 33.01 -58.60 -4.71
C LEU C 135 33.78 -58.39 -3.41
N ILE C 136 35.00 -57.86 -3.50
CA ILE C 136 35.80 -57.62 -2.30
C ILE C 136 35.18 -56.51 -1.46
N GLU C 137 34.68 -55.45 -2.12
CA GLU C 137 34.04 -54.37 -1.39
C GLU C 137 32.84 -54.86 -0.58
N SER C 138 32.17 -55.91 -1.05
CA SER C 138 30.96 -56.40 -0.42
C SER C 138 31.13 -57.71 0.32
N GLY C 139 32.05 -58.56 -0.13
CA GLY C 139 32.24 -59.87 0.48
C GLY C 139 31.74 -60.99 -0.41
N VAL D 2 34.38 -47.11 -14.64
CA VAL D 2 35.44 -48.10 -14.57
C VAL D 2 34.84 -49.50 -14.39
N LYS D 3 34.09 -49.93 -15.41
CA LYS D 3 33.40 -51.22 -15.40
C LYS D 3 32.51 -51.37 -14.17
N LYS D 4 31.49 -50.51 -14.12
CA LYS D 4 30.53 -50.56 -13.03
C LYS D 4 29.58 -51.74 -13.21
N ALA D 5 29.91 -52.87 -12.57
CA ALA D 5 29.00 -53.99 -12.46
C ALA D 5 27.85 -53.72 -11.50
N ALA D 6 27.78 -52.51 -10.94
CA ALA D 6 26.68 -52.14 -10.04
C ALA D 6 25.42 -51.98 -10.87
N ALA D 7 24.91 -53.11 -11.38
CA ALA D 7 23.75 -53.15 -12.25
C ALA D 7 22.63 -53.87 -11.53
N THR D 8 22.43 -53.51 -10.27
CA THR D 8 21.48 -54.18 -9.39
C THR D 8 20.07 -53.62 -9.62
N ASN D 9 19.54 -53.95 -10.80
CA ASN D 9 18.13 -53.69 -11.12
C ASN D 9 17.29 -54.80 -10.48
N MET D 10 17.31 -54.82 -9.16
CA MET D 10 16.64 -55.85 -8.37
C MET D 10 15.36 -55.31 -7.77
N SER D 11 14.70 -56.15 -6.98
CA SER D 11 13.28 -55.95 -6.68
C SER D 11 13.02 -54.63 -5.98
N TRP D 12 11.94 -53.96 -6.40
CA TRP D 12 11.53 -52.72 -5.74
C TRP D 12 11.03 -52.99 -4.33
N GLN D 13 10.23 -54.04 -4.16
CA GLN D 13 9.68 -54.36 -2.85
C GLN D 13 10.78 -54.62 -1.83
N THR D 14 11.87 -55.25 -2.27
CA THR D 14 12.99 -55.51 -1.35
C THR D 14 13.71 -54.23 -0.97
N TYR D 15 13.71 -53.23 -1.85
CA TYR D 15 14.25 -51.92 -1.47
C TYR D 15 13.44 -51.28 -0.35
N VAL D 16 12.12 -51.42 -0.40
CA VAL D 16 11.26 -50.82 0.62
C VAL D 16 11.28 -51.64 1.90
N ASP D 17 11.12 -52.96 1.77
CA ASP D 17 10.99 -53.81 2.95
C ASP D 17 12.30 -53.87 3.73
N ASP D 18 13.42 -54.08 3.04
CA ASP D 18 14.69 -54.32 3.71
C ASP D 18 15.48 -53.06 4.01
N HIS D 19 15.23 -51.97 3.27
CA HIS D 19 16.08 -50.80 3.38
C HIS D 19 15.35 -49.50 3.68
N LEU D 20 14.01 -49.49 3.62
CA LEU D 20 13.22 -48.35 4.07
C LEU D 20 12.52 -48.63 5.40
N MET D 21 11.90 -49.81 5.53
CA MET D 21 11.28 -50.23 6.78
C MET D 21 12.29 -50.86 7.74
N CYS D 22 13.58 -50.60 7.55
CA CYS D 22 14.59 -51.21 8.41
C CYS D 22 14.52 -50.62 9.82
N ASP D 23 14.74 -51.48 10.80
CA ASP D 23 14.67 -51.07 12.20
C ASP D 23 15.87 -50.19 12.54
N VAL D 24 15.61 -48.94 12.90
CA VAL D 24 16.65 -47.98 13.26
C VAL D 24 16.47 -47.65 14.73
N ALA D 25 17.41 -48.11 15.56
CA ALA D 25 17.42 -47.82 16.99
C ALA D 25 16.12 -48.24 17.66
N GLY D 26 15.55 -49.36 17.21
CA GLY D 26 14.38 -49.95 17.81
C GLY D 26 13.07 -49.58 17.16
N ASN D 27 12.97 -48.36 16.61
CA ASN D 27 11.74 -47.90 15.98
C ASN D 27 11.82 -48.05 14.47
N ARG D 28 10.66 -47.96 13.83
CA ARG D 28 10.54 -48.15 12.39
C ARG D 28 9.77 -46.97 11.80
N LEU D 29 9.91 -46.80 10.48
CA LEU D 29 9.04 -45.89 9.76
C LEU D 29 7.60 -46.37 9.86
N THR D 30 6.68 -45.42 10.04
CA THR D 30 5.26 -45.77 10.07
C THR D 30 4.83 -46.40 8.75
N ALA D 31 5.25 -45.81 7.64
CA ALA D 31 4.98 -46.32 6.31
C ALA D 31 5.95 -45.69 5.34
N ALA D 32 6.24 -46.39 4.25
CA ALA D 32 7.16 -45.89 3.25
C ALA D 32 6.82 -46.47 1.89
N ALA D 33 7.29 -45.81 0.85
CA ALA D 33 6.99 -46.23 -0.51
C ALA D 33 8.01 -45.63 -1.46
N ILE D 34 8.13 -46.25 -2.64
CA ILE D 34 8.94 -45.73 -3.73
C ILE D 34 8.03 -45.55 -4.94
N LEU D 35 7.75 -44.29 -5.26
CA LEU D 35 6.90 -43.94 -6.40
C LEU D 35 7.75 -43.45 -7.55
N GLY D 36 7.43 -43.91 -8.76
CA GLY D 36 8.04 -43.35 -9.94
C GLY D 36 7.55 -41.93 -10.20
N GLN D 37 8.38 -41.17 -10.94
CA GLN D 37 8.02 -39.79 -11.23
C GLN D 37 6.75 -39.66 -12.06
N ASP D 38 6.28 -40.75 -12.67
CA ASP D 38 5.00 -40.71 -13.38
C ASP D 38 3.80 -40.81 -12.45
N GLY D 39 4.03 -41.09 -11.17
CA GLY D 39 2.95 -41.24 -10.21
C GLY D 39 2.57 -42.68 -9.94
N SER D 40 3.11 -43.64 -10.69
CA SER D 40 2.75 -45.04 -10.51
C SER D 40 3.39 -45.61 -9.25
N VAL D 41 2.68 -46.50 -8.58
CA VAL D 41 3.16 -47.13 -7.36
C VAL D 41 4.10 -48.26 -7.74
N TRP D 42 5.40 -48.03 -7.55
CA TRP D 42 6.39 -49.07 -7.80
C TRP D 42 6.58 -50.00 -6.61
N ALA D 43 6.52 -49.46 -5.39
CA ALA D 43 6.65 -50.26 -4.19
C ALA D 43 6.19 -49.43 -3.01
N GLN D 44 5.40 -50.05 -2.13
CA GLN D 44 4.86 -49.34 -0.98
C GLN D 44 4.69 -50.31 0.18
N SER D 45 4.74 -49.77 1.39
CA SER D 45 4.41 -50.55 2.57
C SER D 45 2.91 -50.84 2.59
N ASN D 46 2.51 -51.72 3.51
CA ASN D 46 1.11 -52.14 3.57
C ASN D 46 0.18 -51.01 4.01
N ASN D 47 0.71 -49.95 4.62
CA ASN D 47 -0.11 -48.86 5.14
C ASN D 47 0.23 -47.52 4.50
N PHE D 48 0.80 -47.52 3.30
CA PHE D 48 1.13 -46.25 2.66
C PHE D 48 -0.13 -45.65 2.05
N PRO D 49 -0.39 -44.35 2.27
CA PRO D 49 -1.64 -43.76 1.79
C PRO D 49 -1.65 -43.65 0.27
N GLN D 50 -2.84 -43.80 -0.30
CA GLN D 50 -3.00 -43.62 -1.74
C GLN D 50 -2.79 -42.14 -2.07
N VAL D 51 -1.75 -41.85 -2.85
CA VAL D 51 -1.39 -40.47 -3.17
C VAL D 51 -2.22 -39.99 -4.34
N LYS D 52 -2.83 -38.82 -4.20
CA LYS D 52 -3.66 -38.27 -5.25
C LYS D 52 -2.78 -37.74 -6.39
N PRO D 53 -3.24 -37.83 -7.64
CA PRO D 53 -2.42 -37.32 -8.75
C PRO D 53 -2.12 -35.85 -8.66
N GLU D 54 -3.07 -35.03 -8.21
CA GLU D 54 -2.81 -33.62 -8.00
C GLU D 54 -1.78 -33.40 -6.90
N GLU D 55 -1.69 -34.33 -5.94
CA GLU D 55 -0.65 -34.25 -4.93
C GLU D 55 0.72 -34.49 -5.54
N ILE D 56 0.82 -35.44 -6.46
CA ILE D 56 2.11 -35.76 -7.08
C ILE D 56 2.62 -34.60 -7.92
N GLN D 57 1.71 -33.96 -8.67
CA GLN D 57 2.12 -32.85 -9.52
C GLN D 57 2.75 -31.72 -8.71
N GLY D 58 2.16 -31.39 -7.56
CA GLY D 58 2.73 -30.38 -6.70
C GLY D 58 4.08 -30.78 -6.13
N ILE D 59 4.27 -32.07 -5.89
CA ILE D 59 5.57 -32.54 -5.41
C ILE D 59 6.63 -32.35 -6.49
N LYS D 60 6.31 -32.73 -7.73
CA LYS D 60 7.25 -32.51 -8.82
C LYS D 60 7.49 -31.03 -9.06
N ASP D 61 6.49 -30.19 -8.80
CA ASP D 61 6.65 -28.76 -9.00
C ASP D 61 7.59 -28.17 -7.96
N ASP D 62 7.50 -28.62 -6.71
CA ASP D 62 8.41 -28.12 -5.68
C ASP D 62 9.84 -28.55 -5.95
N PHE D 63 10.03 -29.76 -6.49
CA PHE D 63 11.35 -30.16 -6.93
C PHE D 63 11.81 -29.33 -8.12
N THR D 64 10.92 -29.11 -9.10
CA THR D 64 11.28 -28.31 -10.27
C THR D 64 11.51 -26.85 -9.89
N THR D 65 10.58 -26.28 -9.13
CA THR D 65 10.71 -24.89 -8.67
C THR D 65 10.55 -24.87 -7.16
N PRO D 66 11.64 -24.63 -6.41
CA PRO D 66 11.53 -24.64 -4.94
C PRO D 66 10.59 -23.55 -4.43
N GLY D 67 10.04 -23.80 -3.24
CA GLY D 67 9.16 -22.85 -2.60
C GLY D 67 7.71 -22.94 -3.00
N THR D 68 7.35 -23.88 -3.87
CA THR D 68 5.98 -23.94 -4.39
C THR D 68 4.99 -24.39 -3.33
N LEU D 69 5.31 -25.49 -2.62
CA LEU D 69 4.36 -26.07 -1.68
C LEU D 69 4.40 -25.40 -0.31
N ALA D 70 5.43 -24.61 -0.02
CA ALA D 70 5.64 -24.10 1.33
C ALA D 70 4.45 -23.30 1.87
N PRO D 71 3.99 -22.22 1.20
CA PRO D 71 2.91 -21.43 1.80
C PRO D 71 1.60 -22.17 1.89
N THR D 72 1.31 -23.07 0.95
CA THR D 72 0.05 -23.80 0.97
C THR D 72 0.11 -25.03 1.86
N GLY D 73 1.25 -25.69 1.90
CA GLY D 73 1.40 -26.94 2.64
C GLY D 73 1.37 -28.14 1.71
N LEU D 74 2.00 -29.22 2.16
CA LEU D 74 2.14 -30.44 1.36
C LEU D 74 1.10 -31.47 1.82
N PHE D 75 0.36 -32.02 0.85
CA PHE D 75 -0.73 -32.95 1.13
C PHE D 75 -0.37 -34.35 0.66
N LEU D 76 -0.68 -35.34 1.50
CA LEU D 76 -0.45 -36.75 1.18
C LEU D 76 -1.67 -37.54 1.60
N GLY D 77 -2.45 -38.00 0.63
CA GLY D 77 -3.64 -38.78 0.93
C GLY D 77 -4.67 -38.04 1.75
N GLY D 78 -4.79 -36.73 1.55
CA GLY D 78 -5.69 -35.90 2.33
C GLY D 78 -5.08 -35.27 3.55
N ASN D 79 -4.01 -35.85 4.10
CA ASN D 79 -3.34 -35.32 5.27
C ASN D 79 -2.29 -34.31 4.82
N LYS D 80 -2.34 -33.10 5.39
CA LYS D 80 -1.40 -32.06 5.02
C LYS D 80 -0.23 -32.03 6.00
N TYR D 81 0.96 -31.86 5.44
CA TYR D 81 2.19 -31.80 6.22
C TYR D 81 2.80 -30.41 6.04
N MET D 82 3.26 -29.82 7.14
CA MET D 82 3.83 -28.48 7.09
C MET D 82 5.24 -28.55 6.50
N VAL D 83 5.48 -27.77 5.45
CA VAL D 83 6.76 -27.80 4.76
C VAL D 83 7.85 -27.23 5.66
N ILE D 84 8.90 -28.01 5.88
CA ILE D 84 10.03 -27.58 6.70
C ILE D 84 11.30 -27.61 5.87
N GLN D 85 12.43 -27.33 6.51
CA GLN D 85 13.70 -27.20 5.81
C GLN D 85 14.02 -28.44 4.97
N GLY D 86 14.31 -28.21 3.70
CA GLY D 86 14.67 -29.28 2.80
C GLY D 86 15.89 -28.93 1.96
N GLU D 87 16.25 -29.81 1.03
CA GLU D 87 17.37 -29.54 0.13
C GLU D 87 16.84 -29.14 -1.23
N PRO D 88 17.40 -28.10 -1.85
CA PRO D 88 16.85 -27.61 -3.12
C PRO D 88 16.86 -28.67 -4.21
N ASN D 89 15.69 -28.86 -4.82
CA ASN D 89 15.47 -29.75 -5.96
C ASN D 89 15.57 -31.23 -5.63
N ALA D 90 15.95 -31.56 -4.39
CA ALA D 90 16.29 -32.94 -4.06
C ALA D 90 15.45 -33.51 -2.94
N VAL D 91 15.27 -32.79 -1.84
CA VAL D 91 14.68 -33.34 -0.63
C VAL D 91 13.56 -32.43 -0.15
N ILE D 92 12.36 -32.98 0.00
CA ILE D 92 11.22 -32.31 0.61
C ILE D 92 10.95 -32.96 1.96
N ARG D 93 10.88 -32.14 3.01
CA ARG D 93 10.65 -32.62 4.36
C ARG D 93 9.38 -32.01 4.93
N GLY D 94 8.57 -32.83 5.59
CA GLY D 94 7.31 -32.37 6.13
C GLY D 94 7.16 -32.75 7.60
N LYS D 95 6.19 -32.10 8.23
CA LYS D 95 5.90 -32.29 9.65
C LYS D 95 4.40 -32.38 9.84
N LYS D 96 3.94 -33.38 10.60
CA LYS D 96 2.54 -33.48 11.00
C LYS D 96 2.53 -33.84 12.48
N GLY D 97 2.57 -32.81 13.33
CA GLY D 97 2.61 -33.05 14.76
C GLY D 97 3.90 -33.75 15.15
N ALA D 98 3.76 -34.83 15.93
CA ALA D 98 4.92 -35.59 16.35
C ALA D 98 5.56 -36.39 15.22
N GLY D 99 4.89 -36.50 14.07
CA GLY D 99 5.40 -37.19 12.92
C GLY D 99 5.79 -36.26 11.80
N GLY D 100 5.97 -36.84 10.62
CA GLY D 100 6.35 -36.06 9.46
C GLY D 100 6.63 -36.95 8.27
N VAL D 101 7.35 -36.40 7.30
CA VAL D 101 7.62 -37.11 6.05
C VAL D 101 8.87 -36.54 5.42
N THR D 102 9.64 -37.40 4.76
CA THR D 102 10.82 -37.00 3.99
C THR D 102 10.74 -37.64 2.61
N ILE D 103 10.93 -36.83 1.57
CA ILE D 103 10.83 -37.28 0.18
C ILE D 103 12.14 -36.95 -0.53
N LYS D 104 12.75 -37.96 -1.13
CA LYS D 104 13.98 -37.82 -1.90
C LYS D 104 13.69 -38.10 -3.36
N LYS D 105 14.10 -37.19 -4.24
CA LYS D 105 13.95 -37.37 -5.67
C LYS D 105 15.20 -38.04 -6.25
N THR D 106 14.99 -39.02 -7.11
CA THR D 106 16.07 -39.72 -7.77
C THR D 106 16.09 -39.34 -9.25
N THR D 107 16.96 -39.99 -10.01
CA THR D 107 17.02 -39.75 -11.44
C THR D 107 15.71 -40.10 -12.13
N GLN D 108 14.96 -41.09 -11.60
CA GLN D 108 13.75 -41.52 -12.26
C GLN D 108 12.61 -41.86 -11.29
N ALA D 109 12.76 -41.62 -9.99
CA ALA D 109 11.75 -42.02 -9.02
C ALA D 109 11.68 -41.03 -7.86
N LEU D 110 10.74 -41.28 -6.95
CA LEU D 110 10.53 -40.47 -5.76
C LEU D 110 10.46 -41.39 -4.55
N VAL D 111 11.34 -41.17 -3.58
CA VAL D 111 11.43 -42.02 -2.40
C VAL D 111 10.68 -41.35 -1.26
N PHE D 112 9.73 -42.05 -0.67
CA PHE D 112 8.88 -41.53 0.39
C PHE D 112 9.17 -42.23 1.71
N GLY D 113 9.18 -41.46 2.79
CA GLY D 113 9.32 -42.00 4.14
C GLY D 113 8.49 -41.24 5.14
N ILE D 114 7.65 -41.94 5.90
CA ILE D 114 6.71 -41.33 6.85
C ILE D 114 7.00 -41.89 8.24
N TYR D 115 7.34 -40.99 9.16
CA TYR D 115 7.67 -41.37 10.53
C TYR D 115 6.61 -40.86 11.49
N ASP D 116 6.75 -41.25 12.76
CA ASP D 116 5.82 -40.84 13.81
C ASP D 116 6.60 -40.58 15.10
N GLU D 117 5.85 -40.45 16.20
CA GLU D 117 6.26 -39.92 17.49
C GLU D 117 7.65 -40.37 17.95
N PRO D 118 7.90 -41.68 18.14
CA PRO D 118 9.19 -42.07 18.74
C PRO D 118 10.36 -41.91 17.79
N MET D 119 10.15 -42.10 16.49
CA MET D 119 11.23 -42.02 15.52
C MET D 119 11.61 -40.57 15.29
N THR D 120 12.91 -40.30 15.33
CA THR D 120 13.38 -38.93 15.14
C THR D 120 13.44 -38.59 13.65
N PRO D 121 13.29 -37.30 13.31
CA PRO D 121 13.35 -36.93 11.88
C PRO D 121 14.66 -37.25 11.22
N GLY D 122 15.78 -37.15 11.94
CA GLY D 122 17.05 -37.55 11.38
C GLY D 122 17.09 -39.01 11.00
N GLN D 123 16.37 -39.87 11.75
CA GLN D 123 16.29 -41.27 11.40
C GLN D 123 15.47 -41.48 10.12
N CYS D 124 14.40 -40.71 9.94
CA CYS D 124 13.61 -40.82 8.72
C CYS D 124 14.36 -40.22 7.54
N ASN D 125 15.05 -39.09 7.76
CA ASN D 125 15.91 -38.54 6.71
C ASN D 125 17.02 -39.52 6.36
N LEU D 126 17.53 -40.25 7.36
CA LEU D 126 18.67 -41.12 7.15
C LEU D 126 18.36 -42.22 6.15
N VAL D 127 17.27 -42.97 6.39
CA VAL D 127 16.98 -44.13 5.56
C VAL D 127 16.48 -43.71 4.19
N VAL D 128 15.90 -42.52 4.06
CA VAL D 128 15.36 -42.09 2.78
C VAL D 128 16.45 -41.50 1.90
N GLU D 129 17.16 -40.50 2.42
CA GLU D 129 18.20 -39.85 1.61
C GLU D 129 19.30 -40.84 1.23
N ASN D 130 19.64 -41.76 2.14
CA ASN D 130 20.70 -42.72 1.84
C ASN D 130 20.30 -43.68 0.73
N LEU D 131 19.07 -44.19 0.77
CA LEU D 131 18.62 -45.10 -0.28
C LEU D 131 18.54 -44.38 -1.62
N GLY D 132 17.94 -43.19 -1.64
CA GLY D 132 17.87 -42.43 -2.88
C GLY D 132 19.23 -42.06 -3.40
N GLU D 133 20.16 -41.72 -2.50
CA GLU D 133 21.51 -41.38 -2.92
C GLU D 133 22.20 -42.57 -3.57
N TYR D 134 21.89 -43.79 -3.10
CA TYR D 134 22.37 -44.99 -3.78
C TYR D 134 21.69 -45.16 -5.13
N LEU D 135 20.38 -44.87 -5.20
CA LEU D 135 19.67 -44.96 -6.46
C LEU D 135 20.16 -43.94 -7.46
N ILE D 136 20.56 -42.76 -7.00
CA ILE D 136 21.05 -41.72 -7.89
C ILE D 136 22.40 -42.13 -8.48
N GLU D 137 23.27 -42.74 -7.66
CA GLU D 137 24.59 -43.13 -8.12
C GLU D 137 24.53 -44.14 -9.26
N SER D 138 23.43 -44.89 -9.38
CA SER D 138 23.29 -45.92 -10.39
C SER D 138 22.31 -45.54 -11.49
N GLY D 139 21.10 -45.13 -11.13
CA GLY D 139 20.08 -44.82 -12.10
C GLY D 139 18.74 -45.43 -11.72
N LYS E 3 32.46 21.79 16.47
CA LYS E 3 31.52 21.56 17.56
C LYS E 3 31.11 20.09 17.63
N LYS E 4 30.04 19.75 16.90
CA LYS E 4 29.55 18.38 16.85
C LYS E 4 30.21 17.59 15.73
N ALA E 5 30.13 18.09 14.51
CA ALA E 5 30.77 17.56 13.30
C ALA E 5 30.27 16.18 12.91
N ALA E 6 29.25 15.64 13.59
CA ALA E 6 28.73 14.30 13.29
C ALA E 6 27.99 14.23 11.96
N ALA E 7 28.02 15.28 11.15
CA ALA E 7 27.43 15.24 9.82
C ALA E 7 27.99 14.08 9.01
N THR E 8 27.12 13.17 8.60
CA THR E 8 27.52 11.99 7.84
C THR E 8 26.89 12.01 6.45
N ASN E 9 27.38 11.07 5.63
CA ASN E 9 26.97 10.98 4.23
C ASN E 9 27.23 9.53 3.81
N MET E 10 26.17 8.73 3.71
CA MET E 10 26.35 7.28 3.60
C MET E 10 26.23 6.77 2.16
N SER E 11 25.25 7.21 1.39
CA SER E 11 25.09 6.68 0.05
C SER E 11 24.11 7.54 -0.74
N TRP E 12 24.39 7.72 -2.03
CA TRP E 12 23.55 8.59 -2.88
C TRP E 12 22.25 7.92 -3.27
N GLN E 13 22.32 6.68 -3.78
CA GLN E 13 21.13 6.00 -4.26
C GLN E 13 20.10 5.82 -3.16
N THR E 14 20.55 5.69 -1.91
CA THR E 14 19.61 5.57 -0.80
C THR E 14 18.89 6.88 -0.53
N TYR E 15 19.56 8.02 -0.76
CA TYR E 15 18.88 9.30 -0.64
C TYR E 15 17.70 9.40 -1.60
N VAL E 16 17.88 8.97 -2.84
CA VAL E 16 16.84 9.10 -3.84
C VAL E 16 15.72 8.09 -3.56
N ASP E 17 16.09 6.85 -3.23
CA ASP E 17 15.07 5.81 -3.06
C ASP E 17 14.30 5.98 -1.76
N ASP E 18 14.97 6.38 -0.69
CA ASP E 18 14.32 6.46 0.62
C ASP E 18 13.68 7.82 0.89
N HIS E 19 14.21 8.90 0.31
CA HIS E 19 13.83 10.24 0.73
C HIS E 19 13.29 11.13 -0.39
N LEU E 20 13.47 10.75 -1.65
CA LEU E 20 12.81 11.46 -2.74
C LEU E 20 11.60 10.69 -3.26
N MET E 21 11.72 9.38 -3.43
CA MET E 21 10.63 8.54 -3.88
C MET E 21 9.74 8.07 -2.73
N CYS E 22 9.86 8.70 -1.56
CA CYS E 22 9.13 8.26 -0.38
C CYS E 22 7.63 8.50 -0.56
N ASP E 23 6.83 7.62 0.05
CA ASP E 23 5.37 7.73 -0.03
C ASP E 23 4.91 8.91 0.82
N VAL E 24 4.35 9.93 0.17
CA VAL E 24 3.86 11.13 0.84
C VAL E 24 2.36 11.21 0.59
N ALA E 25 1.58 11.02 1.66
CA ALA E 25 0.12 11.10 1.59
C ALA E 25 -0.46 10.10 0.60
N GLY E 26 0.16 8.92 0.52
CA GLY E 26 -0.24 7.90 -0.42
C GLY E 26 0.32 8.06 -1.82
N ASN E 27 0.73 9.26 -2.20
CA ASN E 27 1.26 9.55 -3.51
C ASN E 27 2.78 9.66 -3.46
N ARG E 28 3.40 9.54 -4.64
CA ARG E 28 4.85 9.56 -4.75
C ARG E 28 5.25 10.29 -6.02
N LEU E 29 6.51 10.75 -6.04
CA LEU E 29 7.05 11.38 -7.24
C LEU E 29 7.12 10.36 -8.38
N THR E 30 6.80 10.81 -9.59
CA THR E 30 6.89 9.94 -10.75
C THR E 30 8.33 9.51 -10.98
N ALA E 31 9.27 10.44 -10.87
CA ALA E 31 10.69 10.13 -11.03
C ALA E 31 11.49 11.26 -10.38
N ALA E 32 12.71 10.94 -9.98
CA ALA E 32 13.57 11.90 -9.29
C ALA E 32 15.02 11.50 -9.47
N ALA E 33 15.91 12.46 -9.22
CA ALA E 33 17.34 12.23 -9.36
C ALA E 33 18.10 13.31 -8.62
N ILE E 34 19.36 13.00 -8.31
CA ILE E 34 20.29 13.95 -7.71
C ILE E 34 21.50 14.05 -8.64
N LEU E 35 21.59 15.15 -9.38
CA LEU E 35 22.70 15.38 -10.29
C LEU E 35 23.68 16.36 -9.67
N GLY E 36 24.97 16.13 -9.92
CA GLY E 36 25.98 17.06 -9.48
C GLY E 36 26.07 18.27 -10.39
N GLN E 37 26.58 19.36 -9.82
CA GLN E 37 26.72 20.60 -10.59
C GLN E 37 27.72 20.48 -11.73
N ASP E 38 28.41 19.35 -11.85
CA ASP E 38 29.26 19.09 -13.00
C ASP E 38 28.49 18.53 -14.19
N GLY E 39 27.27 18.04 -13.97
CA GLY E 39 26.51 17.36 -14.98
C GLY E 39 26.48 15.86 -14.83
N SER E 40 27.31 15.30 -13.96
CA SER E 40 27.33 13.86 -13.76
C SER E 40 26.11 13.40 -12.97
N VAL E 41 25.61 12.23 -13.31
CA VAL E 41 24.45 11.65 -12.64
C VAL E 41 24.96 10.88 -11.43
N TRP E 42 24.75 11.42 -10.23
CA TRP E 42 25.17 10.73 -9.02
C TRP E 42 24.15 9.67 -8.62
N ALA E 43 22.87 9.95 -8.78
CA ALA E 43 21.82 9.00 -8.45
C ALA E 43 20.53 9.43 -9.14
N GLN E 44 19.77 8.44 -9.60
CA GLN E 44 18.53 8.72 -10.32
C GLN E 44 17.53 7.62 -10.04
N SER E 45 16.25 7.94 -10.24
CA SER E 45 15.21 6.93 -10.21
C SER E 45 15.31 6.04 -11.45
N ASN E 46 14.53 4.95 -11.44
CA ASN E 46 14.59 4.00 -12.56
C ASN E 46 14.01 4.56 -13.84
N ASN E 47 13.20 5.63 -13.75
CA ASN E 47 12.55 6.22 -14.92
C ASN E 47 12.92 7.68 -15.14
N PHE E 48 14.02 8.14 -14.54
CA PHE E 48 14.40 9.53 -14.70
C PHE E 48 14.96 9.75 -16.10
N PRO E 49 14.58 10.82 -16.78
CA PRO E 49 14.99 11.00 -18.17
C PRO E 49 16.47 11.33 -18.30
N GLN E 50 17.04 10.93 -19.43
CA GLN E 50 18.42 11.26 -19.74
C GLN E 50 18.53 12.76 -20.03
N VAL E 51 19.21 13.48 -19.16
CA VAL E 51 19.29 14.94 -19.27
C VAL E 51 20.40 15.31 -20.24
N LYS E 52 20.04 16.12 -21.24
CA LYS E 52 21.03 16.59 -22.19
C LYS E 52 21.99 17.58 -21.51
N PRO E 53 23.26 17.59 -21.91
CA PRO E 53 24.21 18.50 -21.25
C PRO E 53 23.86 19.97 -21.38
N GLU E 54 23.26 20.38 -22.50
CA GLU E 54 22.84 21.77 -22.61
C GLU E 54 21.69 22.07 -21.66
N GLU E 55 20.78 21.10 -21.47
CA GLU E 55 19.76 21.24 -20.44
C GLU E 55 20.39 21.48 -19.08
N ILE E 56 21.48 20.77 -18.79
CA ILE E 56 22.22 20.99 -17.54
C ILE E 56 22.81 22.39 -17.53
N GLN E 57 23.43 22.80 -18.64
CA GLN E 57 24.06 24.12 -18.69
C GLN E 57 23.03 25.23 -18.57
N GLY E 58 21.85 25.04 -19.15
CA GLY E 58 20.80 26.03 -19.00
C GLY E 58 20.27 26.14 -17.59
N ILE E 59 20.27 25.03 -16.85
CA ILE E 59 19.81 25.06 -15.46
C ILE E 59 20.77 25.88 -14.61
N LYS E 60 22.08 25.73 -14.84
CA LYS E 60 23.06 26.50 -14.09
C LYS E 60 22.83 27.99 -14.26
N ASP E 61 22.53 28.43 -15.49
CA ASP E 61 22.43 29.85 -15.75
C ASP E 61 21.16 30.44 -15.13
N ASP E 62 20.06 29.68 -15.12
CA ASP E 62 18.84 30.21 -14.52
C ASP E 62 18.96 30.28 -13.00
N PHE E 63 19.68 29.33 -12.39
CA PHE E 63 20.09 29.52 -11.00
C PHE E 63 21.08 30.67 -10.89
N THR E 64 22.03 30.76 -11.82
CA THR E 64 23.01 31.84 -11.80
C THR E 64 22.33 33.19 -12.04
N THR E 65 21.57 33.30 -13.12
CA THR E 65 20.85 34.53 -13.46
C THR E 65 19.39 34.17 -13.72
N PRO E 66 18.49 34.48 -12.78
CA PRO E 66 17.08 34.08 -12.94
C PRO E 66 16.44 34.72 -14.16
N GLY E 67 15.54 33.97 -14.79
CA GLY E 67 14.82 34.43 -15.95
C GLY E 67 15.40 34.00 -17.28
N THR E 68 16.48 33.22 -17.28
CA THR E 68 17.09 32.80 -18.53
C THR E 68 16.25 31.72 -19.21
N LEU E 69 15.85 30.70 -18.46
CA LEU E 69 15.08 29.60 -19.02
C LEU E 69 13.62 29.94 -19.25
N ALA E 70 13.12 31.01 -18.65
CA ALA E 70 11.68 31.29 -18.68
C ALA E 70 11.14 31.56 -20.07
N PRO E 71 11.74 32.45 -20.89
CA PRO E 71 11.12 32.73 -22.20
C PRO E 71 11.07 31.54 -23.14
N THR E 72 12.16 30.77 -23.23
CA THR E 72 12.18 29.62 -24.13
C THR E 72 11.53 28.41 -23.51
N GLY E 73 11.50 28.31 -22.19
CA GLY E 73 10.99 27.15 -21.50
C GLY E 73 12.10 26.27 -20.95
N LEU E 74 11.74 25.46 -19.96
CA LEU E 74 12.68 24.53 -19.34
C LEU E 74 12.48 23.14 -19.92
N PHE E 75 13.56 22.53 -20.38
CA PHE E 75 13.52 21.23 -21.05
C PHE E 75 14.29 20.20 -20.24
N LEU E 76 13.71 19.00 -20.14
CA LEU E 76 14.34 17.87 -19.46
C LEU E 76 14.12 16.63 -20.30
N GLY E 77 15.19 16.16 -20.95
CA GLY E 77 15.10 14.95 -21.74
C GLY E 77 14.11 15.01 -22.88
N GLY E 78 13.92 16.20 -23.47
CA GLY E 78 13.01 16.37 -24.58
C GLY E 78 11.62 16.84 -24.19
N ASN E 79 11.23 16.68 -22.93
CA ASN E 79 9.93 17.15 -22.46
C ASN E 79 10.03 18.60 -22.03
N LYS E 80 9.05 19.40 -22.42
CA LYS E 80 9.05 20.83 -22.19
C LYS E 80 8.27 21.16 -20.93
N TYR E 81 8.89 21.91 -20.03
CA TYR E 81 8.27 22.35 -18.79
C TYR E 81 8.27 23.87 -18.75
N MET E 82 7.12 24.44 -18.40
CA MET E 82 6.96 25.89 -18.34
C MET E 82 7.44 26.41 -16.99
N VAL E 83 8.29 27.44 -17.02
CA VAL E 83 8.82 28.02 -15.80
C VAL E 83 7.74 28.82 -15.10
N ILE E 84 7.52 28.53 -13.82
CA ILE E 84 6.57 29.27 -13.00
C ILE E 84 7.29 29.83 -11.78
N GLN E 85 6.53 30.45 -10.87
CA GLN E 85 7.06 31.08 -9.68
C GLN E 85 8.09 30.21 -8.99
N GLY E 86 9.32 30.73 -8.87
CA GLY E 86 10.41 30.01 -8.23
C GLY E 86 11.17 30.89 -7.27
N GLU E 87 12.22 30.31 -6.70
CA GLU E 87 13.08 31.03 -5.77
C GLU E 87 14.37 31.44 -6.47
N PRO E 88 14.71 32.73 -6.50
CA PRO E 88 15.91 33.15 -7.22
C PRO E 88 17.18 32.50 -6.69
N ASN E 89 17.95 31.93 -7.61
CA ASN E 89 19.25 31.31 -7.34
C ASN E 89 19.15 30.02 -6.53
N ALA E 90 17.96 29.65 -6.10
CA ALA E 90 17.81 28.50 -5.23
C ALA E 90 16.90 27.42 -5.81
N VAL E 91 15.70 27.77 -6.26
CA VAL E 91 14.71 26.78 -6.66
C VAL E 91 14.11 27.17 -8.01
N ILE E 92 14.10 26.22 -8.95
CA ILE E 92 13.45 26.37 -10.25
C ILE E 92 12.25 25.45 -10.28
N ARG E 93 11.08 26.00 -10.61
CA ARG E 93 9.82 25.28 -10.55
C ARG E 93 9.16 25.30 -11.92
N GLY E 94 8.70 24.12 -12.37
CA GLY E 94 8.15 23.98 -13.70
C GLY E 94 6.85 23.22 -13.70
N LYS E 95 6.11 23.37 -14.80
CA LYS E 95 4.80 22.75 -14.98
C LYS E 95 4.68 22.15 -16.37
N LYS E 96 4.10 20.95 -16.43
CA LYS E 96 3.75 20.28 -17.69
C LYS E 96 2.38 19.63 -17.50
N GLY E 97 1.33 20.39 -17.79
CA GLY E 97 -0.02 19.85 -17.63
C GLY E 97 -0.31 19.56 -16.16
N ALA E 98 -0.78 18.35 -15.89
CA ALA E 98 -1.08 17.95 -14.52
C ALA E 98 0.17 17.71 -13.69
N GLY E 99 1.34 17.61 -14.31
CA GLY E 99 2.58 17.36 -13.61
C GLY E 99 3.53 18.54 -13.67
N GLY E 100 4.74 18.31 -13.18
CA GLY E 100 5.75 19.35 -13.15
C GLY E 100 7.04 18.84 -12.58
N VAL E 101 7.90 19.78 -12.17
CA VAL E 101 9.24 19.45 -11.72
C VAL E 101 9.73 20.54 -10.77
N THR E 102 10.52 20.14 -9.79
CA THR E 102 11.14 21.06 -8.83
C THR E 102 12.62 20.77 -8.76
N ILE E 103 13.44 21.82 -8.87
CA ILE E 103 14.89 21.71 -8.82
C ILE E 103 15.39 22.55 -7.66
N LYS E 104 16.11 21.92 -6.73
CA LYS E 104 16.68 22.59 -5.57
C LYS E 104 18.20 22.59 -5.70
N LYS E 105 18.80 23.77 -5.64
CA LYS E 105 20.24 23.92 -5.73
C LYS E 105 20.86 23.78 -4.34
N THR E 106 21.96 23.03 -4.27
CA THR E 106 22.66 22.78 -3.02
C THR E 106 24.08 23.33 -3.12
N THR E 107 24.90 23.00 -2.13
CA THR E 107 26.30 23.43 -2.13
C THR E 107 27.04 22.91 -3.35
N GLN E 108 26.89 21.61 -3.64
CA GLN E 108 27.65 20.98 -4.72
C GLN E 108 26.81 20.08 -5.61
N ALA E 109 25.49 20.04 -5.42
CA ALA E 109 24.63 19.12 -6.17
C ALA E 109 23.36 19.83 -6.61
N LEU E 110 22.53 19.12 -7.36
CA LEU E 110 21.23 19.59 -7.83
C LEU E 110 20.21 18.51 -7.58
N VAL E 111 19.10 18.86 -6.95
CA VAL E 111 18.06 17.91 -6.56
C VAL E 111 16.91 18.03 -7.55
N PHE E 112 16.54 16.92 -8.18
CA PHE E 112 15.47 16.88 -9.16
C PHE E 112 14.30 16.07 -8.61
N GLY E 113 13.09 16.57 -8.84
CA GLY E 113 11.88 15.85 -8.47
C GLY E 113 10.75 16.10 -9.44
N ILE E 114 10.19 15.04 -10.01
CA ILE E 114 9.18 15.13 -11.06
C ILE E 114 7.90 14.49 -10.55
N TYR E 115 6.79 15.23 -10.59
CA TYR E 115 5.50 14.77 -10.11
C TYR E 115 4.49 14.72 -11.26
N ASP E 116 3.40 14.01 -11.01
CA ASP E 116 2.31 13.88 -11.97
C ASP E 116 0.99 13.81 -11.21
N GLU E 117 -0.10 13.73 -11.96
CA GLU E 117 -1.41 13.56 -11.36
C GLU E 117 -1.44 12.24 -10.58
N PRO E 118 -2.04 12.21 -9.38
CA PRO E 118 -2.65 13.35 -8.69
C PRO E 118 -1.74 14.01 -7.64
N MET E 119 -0.44 13.72 -7.69
CA MET E 119 0.49 14.34 -6.75
C MET E 119 0.52 15.85 -6.96
N THR E 120 0.29 16.59 -5.88
CA THR E 120 0.23 18.04 -5.97
C THR E 120 1.64 18.63 -5.97
N PRO E 121 1.83 19.79 -6.62
CA PRO E 121 3.17 20.41 -6.63
C PRO E 121 3.68 20.77 -5.26
N GLY E 122 2.79 21.04 -4.30
CA GLY E 122 3.24 21.28 -2.94
C GLY E 122 3.91 20.06 -2.33
N GLN E 123 3.46 18.86 -2.71
CA GLN E 123 4.11 17.64 -2.25
C GLN E 123 5.49 17.49 -2.87
N CYS E 124 5.64 17.87 -4.14
CA CYS E 124 6.94 17.79 -4.78
C CYS E 124 7.91 18.83 -4.22
N ASN E 125 7.42 20.06 -4.02
CA ASN E 125 8.27 21.09 -3.41
C ASN E 125 8.70 20.70 -2.00
N LEU E 126 7.84 19.98 -1.27
CA LEU E 126 8.17 19.61 0.10
C LEU E 126 9.37 18.69 0.15
N VAL E 127 9.29 17.54 -0.51
CA VAL E 127 10.33 16.52 -0.38
C VAL E 127 11.64 16.96 -1.04
N VAL E 128 11.59 17.88 -2.00
CA VAL E 128 12.81 18.30 -2.67
C VAL E 128 13.50 19.41 -1.90
N GLU E 129 12.78 20.48 -1.59
CA GLU E 129 13.40 21.60 -0.88
C GLU E 129 13.85 21.20 0.52
N ASN E 130 13.14 20.27 1.17
CA ASN E 130 13.54 19.83 2.50
C ASN E 130 14.85 19.05 2.44
N LEU E 131 14.93 18.05 1.56
CA LEU E 131 16.16 17.28 1.43
C LEU E 131 17.31 18.17 0.94
N GLY E 132 17.02 19.10 0.04
CA GLY E 132 18.05 20.03 -0.39
C GLY E 132 18.51 20.93 0.73
N GLU E 133 17.57 21.39 1.57
CA GLU E 133 17.94 22.20 2.73
C GLU E 133 18.80 21.40 3.70
N TYR E 134 18.51 20.10 3.85
CA TYR E 134 19.33 19.27 4.72
C TYR E 134 20.73 19.08 4.15
N LEU E 135 20.81 18.78 2.85
CA LEU E 135 22.13 18.70 2.21
C LEU E 135 22.86 20.03 2.29
N ILE E 136 22.12 21.14 2.25
CA ILE E 136 22.73 22.45 2.49
C ILE E 136 23.27 22.52 3.91
N GLU E 137 22.50 22.01 4.88
CA GLU E 137 22.93 22.02 6.26
C GLU E 137 24.20 21.20 6.48
N SER E 138 24.48 20.24 5.60
CA SER E 138 25.66 19.39 5.70
C SER E 138 26.72 19.71 4.66
N GLY E 139 26.32 20.04 3.43
CA GLY E 139 27.27 20.35 2.38
C GLY E 139 27.30 19.32 1.27
N LYS F 1 4.56 17.49 7.41
CA LYS F 1 5.00 18.75 8.01
C LYS F 1 6.42 18.63 8.56
N VAL F 2 6.71 17.50 9.20
CA VAL F 2 8.03 17.31 9.80
C VAL F 2 9.06 16.94 8.74
N LYS F 3 8.88 15.79 8.09
CA LYS F 3 9.79 15.25 7.09
C LYS F 3 11.23 15.40 7.58
N LYS F 4 11.57 14.70 8.65
CA LYS F 4 12.92 14.71 9.19
C LYS F 4 13.49 13.30 9.08
N ALA F 5 14.52 13.16 8.26
CA ALA F 5 15.21 11.90 8.08
C ALA F 5 16.70 12.08 8.24
N ALA F 6 17.09 12.83 9.27
CA ALA F 6 18.46 12.80 9.77
C ALA F 6 18.73 11.57 10.57
N ALA F 7 17.73 10.70 10.62
CA ALA F 7 17.86 9.41 11.26
C ALA F 7 18.91 8.59 10.53
N THR F 8 20.06 8.41 11.17
CA THR F 8 21.23 7.81 10.56
C THR F 8 21.45 6.41 11.16
N ASN F 9 20.91 5.41 10.48
CA ASN F 9 21.21 4.01 10.78
C ASN F 9 22.52 3.67 10.08
N MET F 10 23.61 4.16 10.66
CA MET F 10 24.96 3.92 10.15
C MET F 10 25.67 2.92 11.06
N SER F 11 26.93 2.64 10.73
CA SER F 11 27.68 1.61 11.45
C SER F 11 28.00 2.06 12.86
N TRP F 12 27.76 1.17 13.83
CA TRP F 12 28.12 1.46 15.22
C TRP F 12 29.63 1.63 15.38
N GLN F 13 30.40 0.72 14.78
CA GLN F 13 31.86 0.77 14.90
C GLN F 13 32.42 2.10 14.43
N THR F 14 31.77 2.73 13.44
CA THR F 14 32.25 4.02 12.95
C THR F 14 32.04 5.12 13.98
N TYR F 15 30.95 5.05 14.75
CA TYR F 15 30.72 6.06 15.78
C TYR F 15 31.86 6.09 16.79
N VAL F 16 32.31 4.92 17.23
CA VAL F 16 33.33 4.84 18.28
C VAL F 16 34.71 5.20 17.72
N ASP F 17 35.02 4.70 16.52
CA ASP F 17 36.36 4.90 15.97
C ASP F 17 36.57 6.35 15.53
N ASP F 18 35.57 6.95 14.88
CA ASP F 18 35.72 8.28 14.31
C ASP F 18 35.28 9.40 15.24
N HIS F 19 34.33 9.15 16.14
CA HIS F 19 33.73 10.22 16.91
C HIS F 19 33.91 10.10 18.42
N LEU F 20 34.33 8.93 18.92
CA LEU F 20 34.66 8.76 20.34
C LEU F 20 36.17 8.76 20.59
N MET F 21 36.92 8.04 19.75
CA MET F 21 38.37 8.04 19.82
C MET F 21 39.00 9.14 18.96
N CYS F 22 38.22 10.17 18.61
CA CYS F 22 38.73 11.22 17.73
C CYS F 22 39.79 12.04 18.44
N ASP F 23 40.76 12.51 17.65
CA ASP F 23 41.88 13.31 18.17
C ASP F 23 41.34 14.65 18.68
N VAL F 24 41.39 14.84 19.99
CA VAL F 24 40.88 16.04 20.63
C VAL F 24 42.06 16.73 21.32
N ALA F 25 42.46 17.89 20.78
CA ALA F 25 43.55 18.68 21.34
C ALA F 25 44.85 17.89 21.47
N GLY F 26 45.06 16.93 20.57
CA GLY F 26 46.26 16.12 20.53
C GLY F 26 46.13 14.78 21.23
N ASN F 27 45.33 14.69 22.29
CA ASN F 27 45.17 13.46 23.05
C ASN F 27 43.86 12.77 22.68
N ARG F 28 43.77 11.49 23.07
CA ARG F 28 42.63 10.65 22.75
C ARG F 28 42.18 9.92 23.99
N LEU F 29 40.97 9.35 23.91
CA LEU F 29 40.49 8.45 24.95
C LEU F 29 41.35 7.20 25.01
N THR F 30 41.51 6.65 26.22
CA THR F 30 42.17 5.37 26.36
C THR F 30 41.35 4.26 25.73
N ALA F 31 40.02 4.29 25.94
CA ALA F 31 39.12 3.33 25.34
C ALA F 31 37.71 3.88 25.42
N ALA F 32 36.86 3.42 24.51
CA ALA F 32 35.48 3.87 24.46
C ALA F 32 34.62 2.78 23.84
N ALA F 33 33.32 2.84 24.14
CA ALA F 33 32.40 1.81 23.67
C ALA F 33 30.98 2.32 23.81
N ILE F 34 30.08 1.72 23.03
CA ILE F 34 28.66 2.03 23.06
C ILE F 34 27.91 0.71 23.24
N LEU F 35 27.33 0.51 24.42
CA LEU F 35 26.63 -0.72 24.76
C LEU F 35 25.13 -0.46 24.89
N GLY F 36 24.34 -1.45 24.47
CA GLY F 36 22.91 -1.37 24.68
C GLY F 36 22.53 -1.52 26.14
N GLN F 37 21.32 -1.08 26.48
CA GLN F 37 20.87 -1.12 27.85
C GLN F 37 20.67 -2.54 28.37
N ASP F 38 20.61 -3.53 27.48
CA ASP F 38 20.57 -4.93 27.92
C ASP F 38 21.93 -5.42 28.38
N GLY F 39 23.00 -4.66 28.13
CA GLY F 39 24.35 -5.06 28.44
C GLY F 39 25.16 -5.51 27.25
N SER F 40 24.52 -5.82 26.13
CA SER F 40 25.23 -6.32 24.96
C SER F 40 26.17 -5.26 24.40
N VAL F 41 27.31 -5.72 23.89
CA VAL F 41 28.34 -4.84 23.34
C VAL F 41 28.05 -4.65 21.86
N TRP F 42 27.76 -3.41 21.47
CA TRP F 42 27.47 -3.10 20.07
C TRP F 42 28.71 -2.62 19.32
N ALA F 43 29.57 -1.85 19.97
CA ALA F 43 30.81 -1.40 19.37
C ALA F 43 31.75 -0.94 20.48
N GLN F 44 33.02 -1.31 20.36
CA GLN F 44 33.99 -1.02 21.40
C GLN F 44 35.37 -0.88 20.76
N SER F 45 36.22 -0.08 21.39
CA SER F 45 37.59 0.05 20.96
C SER F 45 38.36 -1.24 21.25
N ASN F 46 39.57 -1.33 20.70
CA ASN F 46 40.36 -2.54 20.83
C ASN F 46 40.88 -2.77 22.25
N ASN F 47 40.76 -1.77 23.14
CA ASN F 47 41.25 -1.89 24.50
C ASN F 47 40.15 -1.68 25.53
N PHE F 48 38.88 -1.93 25.17
CA PHE F 48 37.79 -1.70 26.11
C PHE F 48 37.58 -2.92 26.99
N PRO F 49 37.43 -2.75 28.30
CA PRO F 49 37.29 -3.91 29.19
C PRO F 49 35.91 -4.54 29.09
N GLN F 50 35.87 -5.85 29.30
CA GLN F 50 34.59 -6.55 29.35
C GLN F 50 33.88 -6.21 30.65
N VAL F 51 32.69 -5.64 30.55
CA VAL F 51 31.94 -5.17 31.71
C VAL F 51 31.15 -6.33 32.29
N LYS F 52 31.20 -6.47 33.61
CA LYS F 52 30.43 -7.50 34.28
C LYS F 52 28.94 -7.16 34.22
N PRO F 53 28.07 -8.17 34.17
CA PRO F 53 26.63 -7.89 34.21
C PRO F 53 26.20 -7.13 35.46
N GLU F 54 26.75 -7.50 36.62
CA GLU F 54 26.42 -6.78 37.85
C GLU F 54 26.96 -5.37 37.86
N GLU F 55 28.02 -5.10 37.08
CA GLU F 55 28.46 -3.72 36.89
C GLU F 55 27.41 -2.93 36.11
N ILE F 56 26.79 -3.56 35.11
CA ILE F 56 25.78 -2.89 34.31
C ILE F 56 24.52 -2.65 35.13
N GLN F 57 24.16 -3.60 35.99
CA GLN F 57 22.95 -3.45 36.80
C GLN F 57 23.04 -2.23 37.70
N GLY F 58 24.18 -2.04 38.35
CA GLY F 58 24.36 -0.86 39.18
C GLY F 58 24.36 0.43 38.38
N ILE F 59 24.84 0.38 37.14
CA ILE F 59 24.82 1.57 36.28
C ILE F 59 23.39 1.96 35.94
N LYS F 60 22.58 0.99 35.51
CA LYS F 60 21.18 1.28 35.21
C LYS F 60 20.44 1.75 36.45
N ASP F 61 20.76 1.18 37.61
CA ASP F 61 20.07 1.57 38.84
C ASP F 61 20.44 2.98 39.26
N ASP F 62 21.67 3.43 38.97
CA ASP F 62 22.02 4.81 39.26
C ASP F 62 21.40 5.77 38.25
N PHE F 63 21.24 5.33 37.00
CA PHE F 63 20.46 6.11 36.05
C PHE F 63 18.99 6.15 36.46
N THR F 64 18.45 5.02 36.94
CA THR F 64 17.08 4.98 37.40
C THR F 64 16.91 5.77 38.70
N THR F 65 17.74 5.49 39.69
CA THR F 65 17.70 6.16 40.98
C THR F 65 19.09 6.71 41.29
N PRO F 66 19.33 8.00 41.02
CA PRO F 66 20.67 8.56 41.26
C PRO F 66 21.09 8.43 42.72
N GLY F 67 22.40 8.28 42.91
CA GLY F 67 22.95 8.08 44.23
C GLY F 67 23.16 6.63 44.63
N THR F 68 22.85 5.68 43.75
CA THR F 68 23.02 4.27 44.08
C THR F 68 24.49 3.88 44.12
N LEU F 69 25.25 4.26 43.10
CA LEU F 69 26.65 3.86 42.99
C LEU F 69 27.59 4.75 43.78
N ALA F 70 27.13 5.92 44.23
CA ALA F 70 28.04 6.87 44.87
C ALA F 70 28.71 6.33 46.13
N PRO F 71 27.99 5.79 47.13
CA PRO F 71 28.69 5.41 48.37
C PRO F 71 29.60 4.22 48.23
N THR F 72 29.21 3.22 47.43
CA THR F 72 30.01 2.01 47.30
C THR F 72 31.06 2.11 46.21
N GLY F 73 30.79 2.84 45.14
CA GLY F 73 31.73 3.00 44.05
C GLY F 73 31.25 2.34 42.77
N LEU F 74 31.78 2.84 41.65
CA LEU F 74 31.44 2.35 40.32
C LEU F 74 32.57 1.47 39.79
N PHE F 75 32.21 0.27 39.33
CA PHE F 75 33.18 -0.70 38.85
C PHE F 75 32.98 -0.98 37.37
N LEU F 76 34.10 -1.01 36.63
CA LEU F 76 34.13 -1.36 35.21
C LEU F 76 35.24 -2.37 34.99
N GLY F 77 34.86 -3.61 34.67
CA GLY F 77 35.84 -4.66 34.44
C GLY F 77 36.75 -4.92 35.61
N GLY F 78 36.25 -4.77 36.83
CA GLY F 78 37.06 -4.94 38.02
C GLY F 78 37.75 -3.68 38.52
N ASN F 79 37.75 -2.61 37.72
CA ASN F 79 38.39 -1.35 38.12
C ASN F 79 37.42 -0.50 38.90
N LYS F 80 37.88 0.05 40.02
CA LYS F 80 37.04 0.87 40.89
C LYS F 80 37.18 2.33 40.51
N TYR F 81 36.04 3.01 40.31
CA TYR F 81 36.00 4.43 39.99
C TYR F 81 35.19 5.17 41.04
N MET F 82 35.78 6.23 41.59
CA MET F 82 35.07 7.09 42.53
C MET F 82 34.07 7.95 41.77
N VAL F 83 32.80 7.89 42.18
CA VAL F 83 31.76 8.64 41.50
C VAL F 83 31.91 10.12 41.81
N ILE F 84 31.84 10.95 40.76
CA ILE F 84 31.98 12.41 40.91
C ILE F 84 30.73 13.08 40.36
N GLN F 85 30.73 14.42 40.36
CA GLN F 85 29.58 15.20 39.95
C GLN F 85 29.07 14.77 38.58
N GLY F 86 27.77 14.47 38.51
CA GLY F 86 27.14 14.06 37.27
C GLY F 86 25.80 14.72 37.05
N GLU F 87 25.09 14.29 36.00
CA GLU F 87 23.75 14.80 35.70
C GLU F 87 22.73 13.69 35.94
N PRO F 88 21.71 13.92 36.76
CA PRO F 88 20.80 12.83 37.15
C PRO F 88 20.11 12.19 35.95
N ASN F 89 20.06 10.86 35.97
CA ASN F 89 19.37 10.01 35.00
C ASN F 89 19.99 10.04 33.62
N ALA F 90 21.02 10.87 33.40
CA ALA F 90 21.60 11.03 32.08
C ALA F 90 23.07 10.71 32.02
N VAL F 91 23.88 11.29 32.91
CA VAL F 91 25.34 11.24 32.82
C VAL F 91 25.92 10.75 34.14
N ILE F 92 26.77 9.74 34.06
CA ILE F 92 27.55 9.26 35.20
C ILE F 92 29.02 9.57 34.93
N ARG F 93 29.67 10.23 35.89
CA ARG F 93 31.07 10.59 35.78
C ARG F 93 31.85 9.95 36.92
N GLY F 94 33.02 9.40 36.59
CA GLY F 94 33.84 8.73 37.57
C GLY F 94 35.28 9.21 37.51
N LYS F 95 36.00 8.93 38.60
CA LYS F 95 37.39 9.34 38.75
C LYS F 95 38.21 8.16 39.23
N LYS F 96 39.39 7.97 38.62
CA LYS F 96 40.37 6.97 39.07
C LYS F 96 41.76 7.58 38.91
N GLY F 97 42.23 8.24 39.95
CA GLY F 97 43.53 8.89 39.89
C GLY F 97 43.53 9.99 38.85
N ALA F 98 44.55 10.00 38.00
CA ALA F 98 44.65 11.00 36.94
C ALA F 98 43.68 10.76 35.80
N GLY F 99 43.02 9.59 35.77
CA GLY F 99 42.02 9.29 34.77
C GLY F 99 40.60 9.32 35.33
N GLY F 100 39.68 8.85 34.51
CA GLY F 100 38.29 8.82 34.91
C GLY F 100 37.42 8.26 33.81
N VAL F 101 36.11 8.41 33.98
CA VAL F 101 35.14 7.78 33.09
C VAL F 101 33.89 8.65 33.02
N THR F 102 33.25 8.66 31.85
CA THR F 102 31.98 9.35 31.64
C THR F 102 31.03 8.41 30.91
N ILE F 103 29.83 8.26 31.44
CA ILE F 103 28.80 7.40 30.86
C ILE F 103 27.58 8.24 30.56
N LYS F 104 27.14 8.24 29.30
CA LYS F 104 25.98 8.98 28.84
C LYS F 104 24.91 7.99 28.38
N LYS F 105 23.74 8.07 28.99
CA LYS F 105 22.63 7.22 28.59
C LYS F 105 21.87 7.85 27.43
N THR F 106 21.44 7.03 26.49
CA THR F 106 20.56 7.46 25.40
C THR F 106 19.22 6.77 25.55
N THR F 107 18.34 6.99 24.56
CA THR F 107 17.03 6.38 24.60
C THR F 107 17.11 4.86 24.58
N GLN F 108 18.12 4.30 23.92
CA GLN F 108 18.21 2.84 23.79
C GLN F 108 19.61 2.29 24.02
N ALA F 109 20.62 3.13 24.29
CA ALA F 109 21.99 2.67 24.39
C ALA F 109 22.68 3.34 25.56
N LEU F 110 23.95 3.00 25.76
CA LEU F 110 24.79 3.56 26.81
C LEU F 110 26.16 3.84 26.23
N VAL F 111 26.57 5.11 26.24
CA VAL F 111 27.86 5.52 25.69
C VAL F 111 28.88 5.55 26.80
N PHE F 112 30.02 4.90 26.59
CA PHE F 112 31.09 4.83 27.57
C PHE F 112 32.29 5.62 27.08
N GLY F 113 32.96 6.30 28.02
CA GLY F 113 34.21 6.95 27.71
C GLY F 113 35.16 6.90 28.88
N ILE F 114 36.34 6.32 28.67
CA ILE F 114 37.34 6.12 29.72
C ILE F 114 38.62 6.83 29.29
N TYR F 115 39.09 7.75 30.11
CA TYR F 115 40.26 8.55 29.78
C TYR F 115 41.35 8.37 30.81
N ASP F 116 42.56 8.75 30.41
CA ASP F 116 43.70 8.84 31.31
C ASP F 116 44.44 10.14 31.00
N GLU F 117 45.27 10.57 31.94
CA GLU F 117 46.00 11.81 31.76
C GLU F 117 46.91 11.72 30.54
N PRO F 118 47.27 12.86 29.92
CA PRO F 118 46.90 14.24 30.28
C PRO F 118 45.55 14.70 29.75
N MET F 119 44.74 13.76 29.27
CA MET F 119 43.41 14.11 28.79
C MET F 119 42.55 14.62 29.95
N THR F 120 42.00 15.81 29.81
CA THR F 120 41.18 16.39 30.85
C THR F 120 39.79 15.77 30.83
N PRO F 121 39.11 15.73 31.99
CA PRO F 121 37.77 15.12 32.02
C PRO F 121 36.76 15.84 31.15
N GLY F 122 36.87 17.15 31.00
CA GLY F 122 35.99 17.87 30.10
C GLY F 122 36.13 17.42 28.65
N GLN F 123 37.34 17.00 28.26
CA GLN F 123 37.52 16.46 26.92
C GLN F 123 36.78 15.14 26.76
N CYS F 124 36.82 14.28 27.78
CA CYS F 124 36.07 13.03 27.72
C CYS F 124 34.57 13.30 27.85
N ASN F 125 34.19 14.24 28.71
CA ASN F 125 32.79 14.63 28.81
C ASN F 125 32.28 15.21 27.50
N LEU F 126 33.14 15.91 26.76
CA LEU F 126 32.73 16.52 25.50
C LEU F 126 32.35 15.46 24.48
N VAL F 127 33.27 14.53 24.20
CA VAL F 127 33.07 13.60 23.09
C VAL F 127 31.95 12.61 23.38
N VAL F 128 31.67 12.34 24.66
CA VAL F 128 30.67 11.33 25.01
C VAL F 128 29.28 11.94 25.07
N GLU F 129 29.10 13.02 25.84
CA GLU F 129 27.79 13.63 25.99
C GLU F 129 27.27 14.16 24.66
N ASN F 130 28.14 14.76 23.86
CA ASN F 130 27.70 15.33 22.59
C ASN F 130 27.24 14.25 21.62
N LEU F 131 27.99 13.15 21.53
CA LEU F 131 27.54 12.03 20.70
C LEU F 131 26.29 11.38 21.29
N GLY F 132 26.22 11.30 22.62
CA GLY F 132 25.01 10.79 23.25
C GLY F 132 23.82 11.70 23.02
N GLU F 133 24.04 13.01 23.04
CA GLU F 133 22.96 13.95 22.79
C GLU F 133 22.46 13.83 21.36
N TYR F 134 23.36 13.61 20.40
CA TYR F 134 22.94 13.43 19.01
C TYR F 134 22.11 12.17 18.84
N LEU F 135 22.49 11.09 19.53
CA LEU F 135 21.69 9.87 19.48
C LEU F 135 20.33 10.08 20.13
N ILE F 136 20.27 10.95 21.14
CA ILE F 136 18.99 11.27 21.77
C ILE F 136 18.08 12.00 20.80
N GLU F 137 18.64 12.90 20.00
CA GLU F 137 17.86 13.64 19.02
C GLU F 137 17.25 12.74 17.96
N SER F 138 17.84 11.58 17.71
CA SER F 138 17.39 10.67 16.67
C SER F 138 16.64 9.46 17.20
N GLY F 139 17.14 8.82 18.26
CA GLY F 139 16.51 7.64 18.79
C GLY F 139 17.39 6.41 18.70
N LYS G 4 -11.94 16.29 -18.29
CA LYS G 4 -11.06 15.85 -19.36
C LYS G 4 -10.52 17.04 -20.16
N ALA G 5 -9.49 17.68 -19.62
CA ALA G 5 -8.91 18.88 -20.20
C ALA G 5 -7.43 18.65 -20.48
N ALA G 6 -6.99 19.02 -21.69
CA ALA G 6 -5.58 18.97 -22.06
C ALA G 6 -5.02 20.39 -21.96
N ALA G 7 -4.68 20.79 -20.74
CA ALA G 7 -4.11 22.11 -20.50
C ALA G 7 -2.64 22.11 -20.95
N THR G 8 -2.37 22.80 -22.06
CA THR G 8 -1.02 22.85 -22.62
C THR G 8 -0.39 24.19 -22.31
N ASN G 9 0.86 24.16 -21.85
CA ASN G 9 1.57 25.35 -21.38
C ASN G 9 2.93 25.41 -22.07
N MET G 10 2.96 26.01 -23.26
CA MET G 10 4.17 26.09 -24.07
C MET G 10 4.90 27.41 -23.80
N SER G 11 5.83 27.76 -24.70
CA SER G 11 6.81 28.81 -24.45
C SER G 11 6.16 30.12 -24.02
N TRP G 12 6.87 30.84 -23.13
CA TRP G 12 6.41 32.15 -22.67
C TRP G 12 6.60 33.21 -23.75
N GLN G 13 7.75 33.19 -24.41
CA GLN G 13 8.02 34.17 -25.46
C GLN G 13 6.98 34.08 -26.57
N THR G 14 6.38 32.90 -26.76
CA THR G 14 5.30 32.76 -27.73
C THR G 14 4.08 33.58 -27.32
N TYR G 15 3.73 33.55 -26.03
CA TYR G 15 2.54 34.25 -25.56
C TYR G 15 2.66 35.76 -25.76
N VAL G 16 3.86 36.31 -25.58
CA VAL G 16 4.03 37.75 -25.74
C VAL G 16 4.05 38.14 -27.21
N ASP G 17 4.83 37.42 -28.02
CA ASP G 17 4.98 37.81 -29.43
C ASP G 17 3.69 37.61 -30.20
N ASP G 18 3.09 36.42 -30.09
CA ASP G 18 1.96 36.07 -30.93
C ASP G 18 0.62 36.50 -30.36
N HIS G 19 0.50 36.60 -29.03
CA HIS G 19 -0.80 36.85 -28.41
C HIS G 19 -0.86 38.12 -27.56
N LEU G 20 0.26 38.77 -27.29
CA LEU G 20 0.23 40.09 -26.66
C LEU G 20 0.51 41.23 -27.65
N MET G 21 1.50 41.06 -28.52
CA MET G 21 1.84 42.06 -29.51
C MET G 21 1.11 41.85 -30.84
N CYS G 22 -0.02 41.16 -30.82
CA CYS G 22 -0.79 40.94 -32.04
C CYS G 22 -1.38 42.26 -32.55
N ASP G 23 -1.52 42.35 -33.87
CA ASP G 23 -2.06 43.54 -34.51
C ASP G 23 -3.57 43.57 -34.30
N VAL G 24 -4.05 44.57 -33.56
CA VAL G 24 -5.46 44.70 -33.24
C VAL G 24 -5.98 45.94 -33.97
N ALA G 25 -6.78 45.71 -35.00
CA ALA G 25 -7.40 46.80 -35.77
C ALA G 25 -6.36 47.76 -36.32
N GLY G 26 -5.25 47.22 -36.82
CA GLY G 26 -4.19 48.01 -37.39
C GLY G 26 -3.10 48.44 -36.43
N ASN G 27 -3.39 48.48 -35.13
CA ASN G 27 -2.43 48.89 -34.12
C ASN G 27 -1.98 47.70 -33.29
N ARG G 28 -0.83 47.86 -32.66
CA ARG G 28 -0.28 46.87 -31.74
C ARG G 28 0.22 47.58 -30.49
N LEU G 29 0.42 46.81 -29.43
CA LEU G 29 0.90 47.35 -28.18
C LEU G 29 2.26 48.03 -28.37
N THR G 30 2.46 49.15 -27.66
CA THR G 30 3.78 49.77 -27.66
C THR G 30 4.84 48.80 -27.14
N ALA G 31 4.52 48.10 -26.05
CA ALA G 31 5.37 47.06 -25.47
C ALA G 31 4.54 46.26 -24.50
N ALA G 32 4.92 45.00 -24.30
CA ALA G 32 4.22 44.12 -23.37
C ALA G 32 5.21 43.12 -22.80
N ALA G 33 4.82 42.52 -21.67
CA ALA G 33 5.66 41.56 -20.99
C ALA G 33 4.80 40.71 -20.06
N ILE G 34 5.31 39.54 -19.72
CA ILE G 34 4.68 38.64 -18.76
C ILE G 34 5.68 38.37 -17.65
N LEU G 35 5.43 38.91 -16.47
CA LEU G 35 6.29 38.71 -15.31
C LEU G 35 5.58 37.82 -14.30
N GLY G 36 6.31 36.82 -13.79
CA GLY G 36 5.80 36.04 -12.68
C GLY G 36 5.73 36.87 -11.42
N GLN G 37 4.89 36.42 -10.48
CA GLN G 37 4.67 37.17 -9.25
C GLN G 37 5.92 37.26 -8.38
N ASP G 38 6.95 36.46 -8.65
CA ASP G 38 8.18 36.53 -7.89
C ASP G 38 9.06 37.70 -8.30
N GLY G 39 8.72 38.42 -9.37
CA GLY G 39 9.53 39.50 -9.88
C GLY G 39 10.39 39.13 -11.08
N SER G 40 10.46 37.85 -11.43
CA SER G 40 11.27 37.41 -12.55
C SER G 40 10.58 37.76 -13.87
N VAL G 41 11.38 38.17 -14.85
CA VAL G 41 10.87 38.47 -16.18
C VAL G 41 10.79 37.16 -16.95
N TRP G 42 9.57 36.65 -17.15
CA TRP G 42 9.41 35.39 -17.86
C TRP G 42 9.48 35.58 -19.37
N ALA G 43 9.00 36.72 -19.87
CA ALA G 43 9.09 37.08 -21.28
C ALA G 43 8.72 38.55 -21.41
N GLN G 44 9.45 39.26 -22.27
CA GLN G 44 9.20 40.68 -22.48
C GLN G 44 9.42 41.01 -23.94
N SER G 45 8.82 42.12 -24.37
CA SER G 45 9.03 42.62 -25.72
C SER G 45 10.45 43.15 -25.86
N ASN G 46 10.80 43.48 -27.10
CA ASN G 46 12.14 44.00 -27.38
C ASN G 46 12.37 45.35 -26.71
N ASN G 47 11.31 46.11 -26.44
CA ASN G 47 11.43 47.44 -25.87
C ASN G 47 10.64 47.60 -24.57
N PHE G 48 10.50 46.51 -23.81
CA PHE G 48 9.80 46.64 -22.54
C PHE G 48 10.73 47.26 -21.50
N PRO G 49 10.24 48.23 -20.72
CA PRO G 49 11.12 48.91 -19.77
C PRO G 49 11.59 47.99 -18.66
N GLN G 50 12.83 48.21 -18.23
CA GLN G 50 13.39 47.43 -17.11
C GLN G 50 12.73 47.87 -15.82
N VAL G 51 11.87 47.01 -15.27
CA VAL G 51 11.07 47.36 -14.11
C VAL G 51 11.93 47.21 -12.85
N LYS G 52 11.88 48.21 -11.98
CA LYS G 52 12.61 48.14 -10.72
C LYS G 52 11.86 47.22 -9.75
N PRO G 53 12.59 46.45 -8.93
CA PRO G 53 11.90 45.49 -8.03
C PRO G 53 10.92 46.15 -7.08
N GLU G 54 11.25 47.32 -6.54
CA GLU G 54 10.33 48.00 -5.65
C GLU G 54 9.09 48.49 -6.37
N GLU G 55 9.18 48.72 -7.68
CA GLU G 55 7.97 48.96 -8.47
C GLU G 55 7.13 47.69 -8.57
N ILE G 56 7.79 46.54 -8.72
CA ILE G 56 7.06 45.27 -8.79
C ILE G 56 6.33 45.01 -7.48
N GLN G 57 6.96 45.36 -6.35
CA GLN G 57 6.34 45.11 -5.05
C GLN G 57 5.06 45.92 -4.89
N GLY G 58 5.09 47.19 -5.26
CA GLY G 58 3.90 48.02 -5.12
C GLY G 58 2.72 47.52 -5.93
N ILE G 59 2.98 46.89 -7.07
CA ILE G 59 1.89 46.38 -7.90
C ILE G 59 1.24 45.17 -7.23
N LYS G 60 2.05 44.19 -6.82
CA LYS G 60 1.51 43.02 -6.13
C LYS G 60 0.95 43.39 -4.76
N ASP G 61 1.39 44.50 -4.17
CA ASP G 61 0.74 45.00 -2.96
C ASP G 61 -0.61 45.64 -3.29
N ASP G 62 -0.71 46.30 -4.44
CA ASP G 62 -1.98 46.92 -4.82
C ASP G 62 -3.02 45.87 -5.18
N PHE G 63 -2.59 44.72 -5.70
CA PHE G 63 -3.51 43.61 -5.89
C PHE G 63 -3.96 43.06 -4.54
N THR G 64 -3.05 43.01 -3.56
CA THR G 64 -3.42 42.57 -2.22
C THR G 64 -4.35 43.58 -1.56
N THR G 65 -3.95 44.84 -1.53
CA THR G 65 -4.75 45.92 -0.93
C THR G 65 -4.99 47.01 -1.96
N PRO G 66 -6.19 47.11 -2.53
CA PRO G 66 -6.43 48.13 -3.56
C PRO G 66 -6.22 49.54 -3.03
N GLY G 67 -5.56 50.36 -3.84
CA GLY G 67 -5.37 51.77 -3.53
C GLY G 67 -4.01 52.14 -2.98
N THR G 68 -3.07 51.20 -2.90
CA THR G 68 -1.76 51.51 -2.33
C THR G 68 -0.88 52.31 -3.28
N LEU G 69 -1.15 52.27 -4.58
CA LEU G 69 -0.35 53.00 -5.56
C LEU G 69 -1.06 54.23 -6.13
N ALA G 70 -2.37 54.32 -5.99
CA ALA G 70 -3.13 55.38 -6.67
C ALA G 70 -2.76 56.78 -6.23
N PRO G 71 -2.68 57.11 -4.93
CA PRO G 71 -2.39 58.51 -4.57
C PRO G 71 -1.00 58.96 -4.96
N THR G 72 -0.02 58.05 -5.04
CA THR G 72 1.31 58.42 -5.49
C THR G 72 1.52 58.16 -6.98
N GLY G 73 0.77 57.24 -7.56
CA GLY G 73 0.91 56.88 -8.96
C GLY G 73 1.66 55.58 -9.14
N LEU G 74 1.37 54.89 -10.24
CA LEU G 74 2.05 53.66 -10.59
C LEU G 74 3.26 53.96 -11.45
N PHE G 75 4.42 53.43 -11.05
CA PHE G 75 5.69 53.73 -11.70
C PHE G 75 6.20 52.48 -12.40
N LEU G 76 6.67 52.65 -13.64
CA LEU G 76 7.24 51.55 -14.42
C LEU G 76 8.52 52.06 -15.08
N GLY G 77 9.67 51.66 -14.55
CA GLY G 77 10.95 52.07 -15.10
C GLY G 77 11.15 53.57 -15.16
N GLY G 78 10.61 54.31 -14.20
CA GLY G 78 10.68 55.74 -14.21
C GLY G 78 9.50 56.43 -14.88
N ASN G 79 8.66 55.69 -15.59
CA ASN G 79 7.48 56.25 -16.23
C ASN G 79 6.33 56.31 -15.23
N LYS G 80 5.75 57.49 -15.06
CA LYS G 80 4.70 57.71 -14.07
C LYS G 80 3.34 57.59 -14.73
N TYR G 81 2.46 56.79 -14.13
CA TYR G 81 1.11 56.54 -14.63
C TYR G 81 0.11 56.84 -13.53
N MET G 82 -0.95 57.57 -13.88
CA MET G 82 -2.03 57.84 -12.93
C MET G 82 -3.02 56.68 -12.93
N VAL G 83 -3.34 56.19 -11.73
CA VAL G 83 -4.24 55.05 -11.61
C VAL G 83 -5.67 55.49 -11.85
N ILE G 84 -6.41 54.70 -12.64
CA ILE G 84 -7.81 54.97 -12.92
C ILE G 84 -8.64 53.76 -12.51
N GLN G 85 -9.95 53.81 -12.80
CA GLN G 85 -10.87 52.73 -12.46
C GLN G 85 -10.34 51.38 -12.92
N GLY G 86 -10.21 50.46 -11.96
CA GLY G 86 -9.73 49.12 -12.25
C GLY G 86 -10.53 48.03 -11.56
N GLU G 87 -10.06 46.79 -11.66
CA GLU G 87 -10.72 45.67 -11.03
C GLU G 87 -9.95 45.29 -9.78
N PRO G 88 -10.58 45.29 -8.60
CA PRO G 88 -9.84 45.04 -7.36
C PRO G 88 -9.17 43.67 -7.35
N ASN G 89 -7.90 43.65 -6.99
CA ASN G 89 -7.08 42.46 -6.76
C ASN G 89 -6.76 41.69 -8.04
N ALA G 90 -7.30 42.10 -9.20
CA ALA G 90 -7.07 41.39 -10.45
C ALA G 90 -6.44 42.26 -11.52
N VAL G 91 -6.96 43.46 -11.75
CA VAL G 91 -6.58 44.29 -12.88
C VAL G 91 -6.26 45.70 -12.40
N ILE G 92 -5.12 46.23 -12.83
CA ILE G 92 -4.73 47.61 -12.57
C ILE G 92 -4.63 48.34 -13.91
N ARG G 93 -5.29 49.48 -14.01
CA ARG G 93 -5.30 50.29 -15.23
C ARG G 93 -4.71 51.67 -14.94
N GLY G 94 -3.78 52.10 -15.79
CA GLY G 94 -3.14 53.38 -15.61
C GLY G 94 -3.19 54.20 -16.90
N LYS G 95 -2.91 55.49 -16.74
CA LYS G 95 -2.98 56.45 -17.84
C LYS G 95 -1.74 57.33 -17.84
N LYS G 96 -1.22 57.60 -19.04
CA LYS G 96 -0.07 58.49 -19.24
C LYS G 96 -0.35 59.35 -20.47
N GLY G 97 -0.98 60.50 -20.23
CA GLY G 97 -1.32 61.39 -21.34
C GLY G 97 -2.18 60.65 -22.36
N ALA G 98 -1.65 60.49 -23.56
CA ALA G 98 -2.33 59.72 -24.60
C ALA G 98 -2.16 58.22 -24.43
N GLY G 99 -1.27 57.77 -23.54
CA GLY G 99 -1.01 56.37 -23.34
C GLY G 99 -1.47 55.86 -21.98
N GLY G 100 -1.06 54.63 -21.68
CA GLY G 100 -1.44 54.02 -20.42
C GLY G 100 -0.90 52.62 -20.32
N VAL G 101 -1.50 51.82 -19.43
CA VAL G 101 -1.03 50.47 -19.16
C VAL G 101 -2.17 49.68 -18.53
N THR G 102 -2.18 48.38 -18.80
CA THR G 102 -3.12 47.45 -18.17
C THR G 102 -2.34 46.25 -17.66
N ILE G 103 -2.52 45.92 -16.38
CA ILE G 103 -1.80 44.83 -15.73
C ILE G 103 -2.84 43.82 -15.21
N LYS G 104 -2.73 42.58 -15.67
CA LYS G 104 -3.64 41.51 -15.29
C LYS G 104 -2.90 40.48 -14.43
N LYS G 105 -3.48 40.17 -13.28
CA LYS G 105 -2.93 39.17 -12.38
C LYS G 105 -3.49 37.79 -12.73
N THR G 106 -2.62 36.78 -12.69
CA THR G 106 -3.01 35.40 -12.93
C THR G 106 -2.75 34.57 -11.68
N THR G 107 -2.89 33.25 -11.81
CA THR G 107 -2.62 32.35 -10.69
C THR G 107 -1.21 32.55 -10.16
N GLN G 108 -0.22 32.64 -11.06
CA GLN G 108 1.16 32.78 -10.63
C GLN G 108 1.95 33.81 -11.42
N ALA G 109 1.30 34.61 -12.27
CA ALA G 109 2.01 35.55 -13.13
C ALA G 109 1.27 36.89 -13.16
N LEU G 110 1.89 37.86 -13.81
CA LEU G 110 1.32 39.19 -14.00
C LEU G 110 1.46 39.56 -15.47
N VAL G 111 0.33 39.80 -16.13
CA VAL G 111 0.31 40.12 -17.55
C VAL G 111 0.35 41.64 -17.70
N PHE G 112 1.35 42.14 -18.44
CA PHE G 112 1.55 43.56 -18.63
C PHE G 112 1.25 43.96 -20.07
N GLY G 113 0.61 45.11 -20.24
CA GLY G 113 0.35 45.66 -21.56
C GLY G 113 0.33 47.18 -21.56
N ILE G 114 1.15 47.80 -22.40
CA ILE G 114 1.25 49.25 -22.49
C ILE G 114 0.71 49.69 -23.84
N TYR G 115 -0.19 50.67 -23.83
CA TYR G 115 -0.77 51.19 -25.05
C TYR G 115 -0.39 52.64 -25.27
N ASP G 116 -0.45 53.06 -26.53
CA ASP G 116 -0.31 54.46 -26.92
C ASP G 116 -1.28 54.74 -28.05
N GLU G 117 -1.38 56.01 -28.43
CA GLU G 117 -2.23 56.39 -29.54
C GLU G 117 -1.73 55.73 -30.83
N PRO G 118 -2.64 55.38 -31.75
CA PRO G 118 -4.09 55.57 -31.68
C PRO G 118 -4.84 54.41 -31.03
N MET G 119 -4.10 53.46 -30.46
CA MET G 119 -4.73 52.31 -29.82
C MET G 119 -5.51 52.75 -28.59
N THR G 120 -6.74 52.25 -28.48
CA THR G 120 -7.64 52.66 -27.40
C THR G 120 -7.39 51.81 -26.16
N PRO G 121 -7.69 52.35 -24.97
CA PRO G 121 -7.62 51.54 -23.75
C PRO G 121 -8.51 50.31 -23.80
N GLY G 122 -9.64 50.40 -24.51
CA GLY G 122 -10.47 49.22 -24.69
C GLY G 122 -9.78 48.13 -25.48
N GLN G 123 -8.85 48.51 -26.36
CA GLN G 123 -8.07 47.51 -27.09
C GLN G 123 -6.96 46.93 -26.23
N CYS G 124 -6.26 47.78 -25.46
CA CYS G 124 -5.19 47.28 -24.60
C CYS G 124 -5.76 46.42 -23.47
N ASN G 125 -6.90 46.83 -22.90
CA ASN G 125 -7.57 45.98 -21.92
C ASN G 125 -8.03 44.68 -22.55
N LEU G 126 -8.50 44.74 -23.80
CA LEU G 126 -8.99 43.54 -24.49
C LEU G 126 -7.89 42.51 -24.64
N VAL G 127 -6.72 42.93 -25.14
CA VAL G 127 -5.65 41.98 -25.41
C VAL G 127 -5.05 41.44 -24.12
N VAL G 128 -5.06 42.23 -23.05
CA VAL G 128 -4.41 41.82 -21.80
C VAL G 128 -5.34 40.95 -20.97
N GLU G 129 -6.55 41.44 -20.68
CA GLU G 129 -7.43 40.75 -19.76
C GLU G 129 -7.81 39.37 -20.27
N ASN G 130 -8.04 39.23 -21.57
CA ASN G 130 -8.49 37.95 -22.11
C ASN G 130 -7.40 36.89 -22.05
N LEU G 131 -6.13 37.29 -22.18
CA LEU G 131 -5.04 36.33 -22.02
C LEU G 131 -4.90 35.87 -20.58
N GLY G 132 -4.88 36.84 -19.65
CA GLY G 132 -4.80 36.48 -18.24
C GLY G 132 -5.98 35.63 -17.80
N GLU G 133 -7.17 35.89 -18.36
CA GLU G 133 -8.32 35.05 -18.07
C GLU G 133 -8.11 33.63 -18.60
N TYR G 134 -7.47 33.51 -19.76
CA TYR G 134 -7.19 32.18 -20.31
C TYR G 134 -6.15 31.45 -19.47
N LEU G 135 -5.09 32.15 -19.07
CA LEU G 135 -4.08 31.54 -18.21
C LEU G 135 -4.66 31.14 -16.87
N ILE G 136 -5.62 31.90 -16.36
CA ILE G 136 -6.24 31.56 -15.08
C ILE G 136 -7.06 30.28 -15.20
N GLU G 137 -7.71 30.08 -16.36
CA GLU G 137 -8.47 28.85 -16.58
C GLU G 137 -7.59 27.61 -16.53
N SER G 138 -6.29 27.74 -16.76
CA SER G 138 -5.37 26.63 -16.71
C SER G 138 -4.35 26.73 -15.59
N GLY G 139 -3.96 27.94 -15.19
CA GLY G 139 -2.96 28.11 -14.16
C GLY G 139 -1.74 28.85 -14.68
N LYS H 1 -18.08 34.95 -31.23
CA LYS H 1 -16.66 34.75 -31.52
C LYS H 1 -15.81 35.82 -30.83
N VAL H 2 -14.79 35.36 -30.10
CA VAL H 2 -13.87 36.23 -29.37
C VAL H 2 -12.44 35.82 -29.72
N LYS H 3 -11.48 36.45 -29.06
CA LYS H 3 -10.07 36.13 -29.26
C LYS H 3 -9.82 34.69 -28.81
N LYS H 4 -9.26 33.89 -29.72
CA LYS H 4 -9.02 32.46 -29.46
C LYS H 4 -7.52 32.22 -29.46
N ALA H 5 -6.90 32.36 -28.28
CA ALA H 5 -5.53 31.90 -28.10
C ALA H 5 -5.43 30.38 -28.06
N ALA H 6 -6.57 29.68 -28.02
CA ALA H 6 -6.58 28.22 -28.03
C ALA H 6 -6.21 27.76 -29.43
N ALA H 7 -4.91 27.87 -29.73
CA ALA H 7 -4.36 27.48 -31.03
C ALA H 7 -2.95 26.98 -30.75
N THR H 8 -2.80 25.65 -30.72
CA THR H 8 -1.64 25.01 -30.12
C THR H 8 -0.66 24.55 -31.19
N ASN H 9 0.59 24.96 -31.04
CA ASN H 9 1.70 24.38 -31.81
C ASN H 9 2.45 23.37 -30.93
N MET H 10 1.74 22.30 -30.60
CA MET H 10 2.29 21.23 -29.78
C MET H 10 2.58 20.01 -30.65
N SER H 11 3.68 19.32 -30.33
CA SER H 11 4.14 18.22 -31.16
C SER H 11 3.11 17.08 -31.19
N TRP H 12 3.07 16.38 -32.33
CA TRP H 12 2.08 15.31 -32.51
C TRP H 12 2.37 14.12 -31.60
N GLN H 13 3.64 13.74 -31.47
CA GLN H 13 3.99 12.61 -30.61
C GLN H 13 3.61 12.89 -29.16
N THR H 14 3.59 14.15 -28.76
CA THR H 14 3.16 14.51 -27.41
C THR H 14 1.69 14.18 -27.20
N TYR H 15 0.86 14.45 -28.22
CA TYR H 15 -0.56 14.13 -28.12
C TYR H 15 -0.78 12.63 -27.93
N VAL H 16 0.12 11.81 -28.48
CA VAL H 16 -0.04 10.36 -28.37
C VAL H 16 0.44 9.85 -27.03
N ASP H 17 1.65 10.25 -26.62
CA ASP H 17 2.22 9.72 -25.39
C ASP H 17 1.49 10.21 -24.15
N ASP H 18 1.19 11.51 -24.11
CA ASP H 18 0.69 12.12 -22.88
C ASP H 18 -0.83 12.11 -22.77
N HIS H 19 -1.56 12.18 -23.88
CA HIS H 19 -3.01 12.27 -23.85
C HIS H 19 -3.73 11.14 -24.58
N LEU H 20 -3.01 10.22 -25.19
CA LEU H 20 -3.60 9.01 -25.77
C LEU H 20 -3.19 7.74 -25.04
N MET H 21 -1.91 7.59 -24.72
CA MET H 21 -1.43 6.47 -23.91
C MET H 21 -1.43 6.79 -22.43
N CYS H 22 -2.27 7.73 -21.99
CA CYS H 22 -2.37 8.09 -20.59
C CYS H 22 -3.18 7.03 -19.84
N ASP H 23 -3.00 7.00 -18.53
CA ASP H 23 -3.74 6.11 -17.64
C ASP H 23 -4.70 6.97 -16.82
N VAL H 24 -5.97 6.98 -17.20
CA VAL H 24 -7.02 7.70 -16.49
C VAL H 24 -8.01 6.67 -15.98
N ALA H 25 -7.96 6.42 -14.67
CA ALA H 25 -8.92 5.55 -13.97
C ALA H 25 -8.92 4.14 -14.59
N GLY H 26 -7.79 3.46 -14.40
CA GLY H 26 -7.67 2.10 -14.89
C GLY H 26 -6.33 1.77 -15.52
N ASN H 27 -6.34 1.40 -16.79
CA ASN H 27 -5.14 0.99 -17.51
C ASN H 27 -4.91 1.92 -18.70
N ARG H 28 -3.97 1.55 -19.55
CA ARG H 28 -3.59 2.33 -20.72
C ARG H 28 -3.82 1.53 -22.00
N LEU H 29 -3.91 2.26 -23.11
CA LEU H 29 -4.17 1.63 -24.40
C LEU H 29 -3.05 0.67 -24.77
N THR H 30 -3.42 -0.42 -25.44
CA THR H 30 -2.43 -1.33 -25.98
C THR H 30 -1.52 -0.61 -26.97
N ALA H 31 -2.11 0.18 -27.86
CA ALA H 31 -1.38 1.01 -28.79
C ALA H 31 -2.30 2.12 -29.28
N ALA H 32 -1.70 3.18 -29.81
CA ALA H 32 -2.46 4.30 -30.34
C ALA H 32 -1.59 5.10 -31.30
N ALA H 33 -2.24 5.78 -32.23
CA ALA H 33 -1.52 6.60 -33.20
C ALA H 33 -2.48 7.63 -33.78
N ILE H 34 -1.90 8.67 -34.37
CA ILE H 34 -2.65 9.73 -35.03
C ILE H 34 -2.17 9.79 -36.47
N LEU H 35 -3.02 9.33 -37.40
CA LEU H 35 -2.69 9.30 -38.81
C LEU H 35 -3.45 10.42 -39.54
N GLY H 36 -2.74 11.13 -40.41
CA GLY H 36 -3.38 12.15 -41.21
C GLY H 36 -4.34 11.56 -42.23
N GLN H 37 -5.27 12.39 -42.68
CA GLN H 37 -6.24 11.94 -43.68
C GLN H 37 -5.60 11.60 -45.02
N ASP H 38 -4.36 12.02 -45.25
CA ASP H 38 -3.63 11.58 -46.43
C ASP H 38 -3.08 10.17 -46.30
N GLY H 39 -3.10 9.60 -45.10
CA GLY H 39 -2.58 8.28 -44.84
C GLY H 39 -1.25 8.27 -44.11
N SER H 40 -0.52 9.38 -44.14
CA SER H 40 0.80 9.43 -43.52
C SER H 40 0.69 9.39 -42.00
N VAL H 41 1.62 8.67 -41.37
CA VAL H 41 1.61 8.50 -39.92
C VAL H 41 2.22 9.73 -39.28
N TRP H 42 1.39 10.51 -38.58
CA TRP H 42 1.90 11.71 -37.93
C TRP H 42 2.53 11.43 -36.58
N ALA H 43 2.07 10.39 -35.88
CA ALA H 43 2.64 10.00 -34.60
C ALA H 43 2.06 8.65 -34.22
N GLN H 44 2.87 7.81 -33.59
CA GLN H 44 2.42 6.48 -33.20
C GLN H 44 3.10 6.07 -31.91
N SER H 45 2.47 5.13 -31.21
CA SER H 45 3.11 4.48 -30.08
C SER H 45 4.22 3.55 -30.56
N ASN H 46 5.02 3.06 -29.62
CA ASN H 46 6.15 2.21 -29.97
C ASN H 46 5.73 0.82 -30.44
N ASN H 47 4.47 0.44 -30.24
CA ASN H 47 3.97 -0.87 -30.67
C ASN H 47 2.78 -0.72 -31.61
N PHE H 48 2.69 0.39 -32.33
CA PHE H 48 1.56 0.56 -33.23
C PHE H 48 1.79 -0.19 -34.54
N PRO H 49 0.79 -0.90 -35.04
CA PRO H 49 0.97 -1.68 -36.27
C PRO H 49 0.98 -0.80 -37.50
N GLN H 50 1.75 -1.23 -38.51
CA GLN H 50 1.82 -0.52 -39.78
C GLN H 50 0.56 -0.78 -40.58
N VAL H 51 -0.12 0.30 -40.98
CA VAL H 51 -1.39 0.20 -41.67
C VAL H 51 -1.16 0.17 -43.17
N LYS H 52 -1.85 -0.73 -43.86
CA LYS H 52 -1.73 -0.82 -45.30
C LYS H 52 -2.39 0.38 -45.98
N PRO H 53 -1.87 0.82 -47.13
CA PRO H 53 -2.57 1.87 -47.88
C PRO H 53 -3.93 1.43 -48.41
N GLU H 54 -4.16 0.13 -48.60
CA GLU H 54 -5.49 -0.33 -48.94
C GLU H 54 -6.43 -0.28 -47.75
N GLU H 55 -5.89 -0.31 -46.54
CA GLU H 55 -6.71 -0.24 -45.33
C GLU H 55 -7.17 1.18 -45.04
N ILE H 56 -6.33 2.18 -45.29
CA ILE H 56 -6.72 3.55 -45.00
C ILE H 56 -7.80 4.02 -45.97
N GLN H 57 -7.88 3.41 -47.16
CA GLN H 57 -8.88 3.82 -48.14
C GLN H 57 -10.28 3.44 -47.67
N GLY H 58 -10.47 2.19 -47.23
CA GLY H 58 -11.78 1.76 -46.79
C GLY H 58 -12.30 2.52 -45.59
N ILE H 59 -11.40 2.94 -44.70
CA ILE H 59 -11.81 3.71 -43.52
C ILE H 59 -12.34 5.07 -43.94
N LYS H 60 -11.61 5.77 -44.82
CA LYS H 60 -12.12 7.01 -45.37
C LYS H 60 -13.38 6.77 -46.20
N ASP H 61 -13.47 5.62 -46.86
CA ASP H 61 -14.71 5.27 -47.55
C ASP H 61 -15.84 5.01 -46.57
N ASP H 62 -15.54 4.47 -45.39
CA ASP H 62 -16.57 4.26 -44.39
C ASP H 62 -16.96 5.54 -43.68
N PHE H 63 -16.00 6.46 -43.48
CA PHE H 63 -16.37 7.77 -42.95
C PHE H 63 -17.16 8.59 -43.97
N THR H 64 -16.79 8.49 -45.25
CA THR H 64 -17.58 9.13 -46.30
C THR H 64 -18.93 8.44 -46.46
N THR H 65 -18.93 7.11 -46.52
CA THR H 65 -20.15 6.32 -46.67
C THR H 65 -20.19 5.26 -45.57
N PRO H 66 -20.92 5.50 -44.48
CA PRO H 66 -21.02 4.49 -43.43
C PRO H 66 -21.69 3.22 -43.92
N GLY H 67 -21.31 2.10 -43.32
CA GLY H 67 -21.80 0.79 -43.73
C GLY H 67 -20.98 0.11 -44.79
N THR H 68 -19.93 0.76 -45.29
CA THR H 68 -19.10 0.13 -46.33
C THR H 68 -18.27 -1.00 -45.76
N LEU H 69 -17.65 -0.79 -44.60
CA LEU H 69 -16.75 -1.78 -44.00
C LEU H 69 -17.48 -2.79 -43.12
N ALA H 70 -18.77 -2.58 -42.84
CA ALA H 70 -19.49 -3.51 -41.97
C ALA H 70 -19.56 -4.93 -42.52
N PRO H 71 -19.95 -5.17 -43.78
CA PRO H 71 -19.99 -6.56 -44.26
C PRO H 71 -18.62 -7.17 -44.47
N THR H 72 -17.63 -6.38 -44.87
CA THR H 72 -16.32 -6.92 -45.21
C THR H 72 -15.44 -7.13 -43.98
N GLY H 73 -15.58 -6.27 -42.98
CA GLY H 73 -14.73 -6.33 -41.81
C GLY H 73 -13.60 -5.32 -41.90
N LEU H 74 -13.18 -4.83 -40.73
CA LEU H 74 -12.12 -3.83 -40.65
C LEU H 74 -10.78 -4.53 -40.43
N PHE H 75 -9.82 -4.23 -41.29
CA PHE H 75 -8.49 -4.82 -41.23
C PHE H 75 -7.46 -3.76 -40.88
N LEU H 76 -6.62 -4.05 -39.89
CA LEU H 76 -5.61 -3.11 -39.40
C LEU H 76 -4.27 -3.83 -39.41
N GLY H 77 -3.46 -3.55 -40.42
CA GLY H 77 -2.25 -4.34 -40.63
C GLY H 77 -2.53 -5.81 -40.86
N GLY H 78 -3.71 -6.12 -41.42
CA GLY H 78 -4.13 -7.49 -41.61
C GLY H 78 -5.03 -8.04 -40.52
N ASN H 79 -5.10 -7.38 -39.37
CA ASN H 79 -5.90 -7.88 -38.25
C ASN H 79 -7.36 -7.47 -38.43
N LYS H 80 -8.25 -8.46 -38.39
CA LYS H 80 -9.67 -8.24 -38.68
C LYS H 80 -10.42 -7.85 -37.41
N TYR H 81 -11.23 -6.79 -37.52
CA TYR H 81 -12.07 -6.33 -36.43
C TYR H 81 -13.51 -6.28 -36.91
N MET H 82 -14.42 -6.88 -36.15
CA MET H 82 -15.84 -6.87 -36.48
C MET H 82 -16.45 -5.52 -36.15
N VAL H 83 -17.16 -4.94 -37.10
CA VAL H 83 -17.74 -3.61 -36.92
C VAL H 83 -18.83 -3.66 -35.87
N ILE H 84 -18.72 -2.81 -34.86
CA ILE H 84 -19.75 -2.65 -33.85
C ILE H 84 -20.34 -1.26 -34.03
N GLN H 85 -21.40 -0.97 -33.28
CA GLN H 85 -22.13 0.28 -33.46
C GLN H 85 -21.24 1.48 -33.20
N GLY H 86 -21.24 2.43 -34.15
CA GLY H 86 -20.41 3.60 -34.05
C GLY H 86 -21.17 4.90 -34.27
N GLU H 87 -20.44 6.00 -34.42
CA GLU H 87 -21.04 7.28 -34.76
C GLU H 87 -20.79 7.56 -36.24
N PRO H 88 -21.84 7.66 -37.06
CA PRO H 88 -21.64 7.78 -38.51
C PRO H 88 -20.83 9.01 -38.88
N ASN H 89 -19.90 8.83 -39.82
CA ASN H 89 -19.02 9.84 -40.41
C ASN H 89 -18.00 10.39 -39.43
N ALA H 90 -18.01 9.96 -38.18
CA ALA H 90 -17.06 10.48 -37.18
C ALA H 90 -16.30 9.39 -36.45
N VAL H 91 -16.95 8.29 -36.08
CA VAL H 91 -16.37 7.28 -35.21
C VAL H 91 -16.55 5.90 -35.83
N ILE H 92 -15.45 5.14 -35.91
CA ILE H 92 -15.48 3.73 -36.27
C ILE H 92 -15.03 2.94 -35.05
N ARG H 93 -15.84 1.97 -34.65
CA ARG H 93 -15.56 1.14 -33.48
C ARG H 93 -15.49 -0.32 -33.91
N GLY H 94 -14.46 -1.02 -33.45
CA GLY H 94 -14.24 -2.40 -33.85
C GLY H 94 -13.99 -3.29 -32.64
N LYS H 95 -14.14 -4.59 -32.87
CA LYS H 95 -13.99 -5.60 -31.83
C LYS H 95 -13.20 -6.78 -32.36
N LYS H 96 -12.26 -7.26 -31.54
CA LYS H 96 -11.52 -8.50 -31.82
C LYS H 96 -11.40 -9.25 -30.49
N GLY H 97 -12.38 -10.09 -30.19
CA GLY H 97 -12.34 -10.84 -28.94
C GLY H 97 -12.41 -9.92 -27.74
N ALA H 98 -11.46 -10.10 -26.83
CA ALA H 98 -11.40 -9.29 -25.62
C ALA H 98 -10.84 -7.89 -25.87
N GLY H 99 -10.38 -7.59 -27.08
CA GLY H 99 -9.87 -6.29 -27.42
C GLY H 99 -10.77 -5.56 -28.41
N GLY H 100 -10.23 -4.48 -28.95
CA GLY H 100 -10.96 -3.69 -29.91
C GLY H 100 -10.18 -2.46 -30.33
N VAL H 101 -10.89 -1.54 -30.98
CA VAL H 101 -10.26 -0.36 -31.56
C VAL H 101 -11.31 0.73 -31.70
N THR H 102 -10.88 1.98 -31.54
CA THR H 102 -11.72 3.15 -31.78
C THR H 102 -10.99 4.12 -32.69
N ILE H 103 -11.62 4.51 -33.79
CA ILE H 103 -11.05 5.42 -34.77
C ILE H 103 -11.95 6.64 -34.88
N LYS H 104 -11.39 7.81 -34.57
CA LYS H 104 -12.13 9.06 -34.57
C LYS H 104 -11.62 9.96 -35.69
N LYS H 105 -12.52 10.42 -36.55
CA LYS H 105 -12.17 11.34 -37.62
C LYS H 105 -12.22 12.77 -37.11
N THR H 106 -11.23 13.56 -37.52
CA THR H 106 -11.10 14.94 -37.07
C THR H 106 -11.24 15.88 -38.26
N THR H 107 -10.95 17.16 -38.01
CA THR H 107 -10.92 18.13 -39.10
C THR H 107 -9.89 17.76 -40.15
N GLN H 108 -8.71 17.30 -39.72
CA GLN H 108 -7.62 17.07 -40.65
C GLN H 108 -6.85 15.78 -40.41
N ALA H 109 -7.19 14.99 -39.39
CA ALA H 109 -6.44 13.79 -39.06
C ALA H 109 -7.40 12.68 -38.67
N LEU H 110 -6.82 11.53 -38.28
CA LEU H 110 -7.59 10.37 -37.86
C LEU H 110 -6.95 9.80 -36.60
N VAL H 111 -7.69 9.78 -35.51
CA VAL H 111 -7.20 9.30 -34.22
C VAL H 111 -7.46 7.81 -34.11
N PHE H 112 -6.42 7.05 -33.76
CA PHE H 112 -6.51 5.60 -33.65
C PHE H 112 -6.21 5.19 -32.22
N GLY H 113 -7.03 4.28 -31.69
CA GLY H 113 -6.82 3.77 -30.34
C GLY H 113 -7.20 2.31 -30.21
N ILE H 114 -6.27 1.48 -29.75
CA ILE H 114 -6.46 0.05 -29.66
C ILE H 114 -6.33 -0.38 -28.20
N TYR H 115 -7.30 -1.16 -27.72
CA TYR H 115 -7.33 -1.64 -26.36
C TYR H 115 -7.37 -3.17 -26.34
N ASP H 116 -6.96 -3.73 -25.21
CA ASP H 116 -7.11 -5.15 -24.91
C ASP H 116 -7.50 -5.29 -23.45
N GLU H 117 -7.91 -6.49 -23.08
CA GLU H 117 -8.29 -6.74 -21.69
C GLU H 117 -7.12 -6.41 -20.76
N PRO H 118 -7.39 -5.87 -19.56
CA PRO H 118 -8.72 -5.62 -19.00
C PRO H 118 -9.34 -4.28 -19.38
N MET H 119 -8.73 -3.56 -20.33
CA MET H 119 -9.24 -2.25 -20.72
C MET H 119 -10.63 -2.39 -21.34
N THR H 120 -11.55 -1.56 -20.86
CA THR H 120 -12.90 -1.62 -21.40
C THR H 120 -13.02 -0.75 -22.63
N PRO H 121 -13.88 -1.12 -23.59
CA PRO H 121 -14.06 -0.26 -24.77
C PRO H 121 -14.64 1.10 -24.45
N GLY H 122 -15.35 1.26 -23.34
CA GLY H 122 -15.93 2.55 -23.01
C GLY H 122 -14.89 3.61 -22.74
N GLN H 123 -13.86 3.28 -21.95
CA GLN H 123 -12.78 4.23 -21.69
C GLN H 123 -11.83 4.36 -22.87
N CYS H 124 -11.76 3.36 -23.74
CA CYS H 124 -10.99 3.50 -24.98
C CYS H 124 -11.66 4.50 -25.90
N ASN H 125 -12.98 4.39 -26.07
CA ASN H 125 -13.73 5.41 -26.80
C ASN H 125 -13.57 6.77 -26.14
N LEU H 126 -13.46 6.81 -24.81
CA LEU H 126 -13.34 8.07 -24.10
C LEU H 126 -12.07 8.80 -24.50
N VAL H 127 -10.91 8.17 -24.33
CA VAL H 127 -9.64 8.83 -24.64
C VAL H 127 -9.49 9.10 -26.13
N VAL H 128 -10.21 8.37 -26.98
CA VAL H 128 -10.10 8.60 -28.42
C VAL H 128 -11.02 9.73 -28.85
N GLU H 129 -12.30 9.65 -28.50
CA GLU H 129 -13.26 10.66 -28.93
C GLU H 129 -13.02 12.00 -28.26
N ASN H 130 -12.59 12.00 -26.99
CA ASN H 130 -12.39 13.25 -26.27
C ASN H 130 -11.28 14.09 -26.91
N LEU H 131 -10.12 13.47 -27.18
CA LEU H 131 -9.03 14.22 -27.79
C LEU H 131 -9.40 14.71 -29.18
N GLY H 132 -10.06 13.85 -29.97
CA GLY H 132 -10.46 14.27 -31.30
C GLY H 132 -11.43 15.44 -31.29
N GLU H 133 -12.36 15.43 -30.34
CA GLU H 133 -13.30 16.55 -30.23
C GLU H 133 -12.58 17.83 -29.84
N TYR H 134 -11.49 17.73 -29.08
CA TYR H 134 -10.66 18.89 -28.80
C TYR H 134 -9.97 19.37 -30.08
N LEU H 135 -9.38 18.45 -30.84
CA LEU H 135 -8.79 18.81 -32.12
C LEU H 135 -9.84 19.35 -33.08
N ILE H 136 -11.06 18.84 -32.98
CA ILE H 136 -12.16 19.37 -33.80
C ILE H 136 -12.44 20.82 -33.43
N GLU H 137 -12.35 21.15 -32.14
CA GLU H 137 -12.59 22.53 -31.70
C GLU H 137 -11.62 23.51 -32.32
N SER H 138 -10.40 23.07 -32.62
CA SER H 138 -9.36 23.95 -33.12
C SER H 138 -9.04 23.77 -34.59
N GLY H 139 -9.20 22.56 -35.12
CA GLY H 139 -8.90 22.31 -36.52
C GLY H 139 -7.57 21.61 -36.72
N LYS I 3 -2.61 -9.53 23.66
CA LYS I 3 -2.70 -10.40 22.50
C LYS I 3 -2.24 -11.80 22.93
N LYS I 4 -3.17 -12.75 22.97
CA LYS I 4 -2.95 -14.01 23.66
C LYS I 4 -2.90 -15.22 22.73
N ALA I 5 -3.95 -15.47 21.96
CA ALA I 5 -4.19 -16.80 21.39
C ALA I 5 -4.26 -16.74 19.87
N ALA I 6 -3.33 -17.42 19.21
CA ALA I 6 -3.44 -17.74 17.79
C ALA I 6 -3.89 -19.18 17.58
N ALA I 7 -4.27 -19.88 18.64
CA ALA I 7 -4.73 -21.25 18.54
C ALA I 7 -6.02 -21.33 17.72
N THR I 8 -6.02 -22.19 16.71
CA THR I 8 -7.11 -22.27 15.76
C THR I 8 -7.65 -23.71 15.67
N ASN I 9 -8.53 -23.92 14.70
CA ASN I 9 -9.39 -25.11 14.66
C ASN I 9 -9.52 -25.58 13.21
N MET I 10 -8.95 -26.75 12.92
CA MET I 10 -9.06 -27.37 11.62
C MET I 10 -10.03 -28.55 11.66
N SER I 11 -10.04 -29.34 10.58
CA SER I 11 -11.11 -30.28 10.28
C SER I 11 -11.44 -31.18 11.46
N TRP I 12 -12.73 -31.56 11.55
CA TRP I 12 -13.19 -32.42 12.63
C TRP I 12 -12.72 -33.86 12.43
N GLN I 13 -12.85 -34.39 11.21
CA GLN I 13 -12.48 -35.78 10.96
C GLN I 13 -11.01 -36.03 11.29
N THR I 14 -10.17 -35.01 11.15
CA THR I 14 -8.77 -35.15 11.51
C THR I 14 -8.58 -35.22 13.03
N TYR I 15 -9.43 -34.53 13.79
CA TYR I 15 -9.40 -34.68 15.24
C TYR I 15 -9.71 -36.12 15.65
N VAL I 16 -10.63 -36.77 14.94
CA VAL I 16 -11.02 -38.13 15.27
C VAL I 16 -9.99 -39.14 14.76
N ASP I 17 -9.63 -39.03 13.48
CA ASP I 17 -8.76 -40.04 12.88
C ASP I 17 -7.35 -39.96 13.45
N ASP I 18 -6.84 -38.76 13.71
CA ASP I 18 -5.47 -38.62 14.17
C ASP I 18 -5.32 -38.68 15.69
N HIS I 19 -6.25 -38.09 16.43
CA HIS I 19 -6.07 -37.90 17.86
C HIS I 19 -7.07 -38.65 18.73
N LEU I 20 -8.03 -39.35 18.14
CA LEU I 20 -8.88 -40.27 18.89
C LEU I 20 -8.57 -41.73 18.59
N MET I 21 -8.36 -42.07 17.31
CA MET I 21 -7.96 -43.42 16.92
C MET I 21 -6.45 -43.60 16.98
N CYS I 22 -5.75 -42.80 17.77
CA CYS I 22 -4.30 -42.86 17.85
C CYS I 22 -3.84 -44.21 18.40
N ASP I 23 -2.70 -44.66 17.90
CA ASP I 23 -2.10 -45.92 18.35
C ASP I 23 -1.34 -45.67 19.64
N VAL I 24 -1.81 -46.26 20.74
CA VAL I 24 -1.22 -46.07 22.06
C VAL I 24 -0.81 -47.43 22.59
N ALA I 25 0.51 -47.61 22.78
CA ALA I 25 1.07 -48.83 23.36
C ALA I 25 0.64 -50.08 22.59
N GLY I 26 0.44 -49.94 21.28
CA GLY I 26 0.07 -51.03 20.42
C GLY I 26 -1.41 -51.13 20.13
N ASN I 27 -2.26 -50.75 21.09
CA ASN I 27 -3.70 -50.89 20.94
C ASN I 27 -4.35 -49.56 20.60
N ARG I 28 -5.55 -49.65 20.02
CA ARG I 28 -6.32 -48.50 19.58
C ARG I 28 -7.76 -48.64 20.05
N LEU I 29 -8.50 -47.54 19.95
CA LEU I 29 -9.91 -47.55 20.30
C LEU I 29 -10.70 -48.44 19.36
N THR I 30 -11.77 -49.04 19.89
CA THR I 30 -12.70 -49.76 19.04
C THR I 30 -13.36 -48.81 18.05
N ALA I 31 -13.79 -47.65 18.52
CA ALA I 31 -14.46 -46.64 17.69
C ALA I 31 -14.47 -45.33 18.45
N ALA I 32 -14.63 -44.24 17.71
CA ALA I 32 -14.64 -42.92 18.32
C ALA I 32 -15.47 -41.97 17.45
N ALA I 33 -15.94 -40.90 18.08
CA ALA I 33 -16.70 -39.87 17.39
C ALA I 33 -16.75 -38.62 18.25
N ILE I 34 -17.02 -37.49 17.60
CA ILE I 34 -17.19 -36.21 18.27
C ILE I 34 -18.58 -35.70 17.93
N LEU I 35 -19.50 -35.78 18.90
CA LEU I 35 -20.86 -35.31 18.73
C LEU I 35 -21.00 -33.92 19.33
N GLY I 36 -21.62 -33.00 18.60
CA GLY I 36 -21.99 -31.73 19.16
C GLY I 36 -23.11 -31.86 20.17
N GLN I 37 -23.18 -30.87 21.07
CA GLN I 37 -24.21 -30.90 22.11
C GLN I 37 -25.62 -30.75 21.55
N ASP I 38 -25.77 -30.47 20.25
CA ASP I 38 -27.07 -30.52 19.61
C ASP I 38 -27.46 -31.93 19.19
N GLY I 39 -26.52 -32.88 19.22
CA GLY I 39 -26.77 -34.25 18.80
C GLY I 39 -26.26 -34.59 17.42
N SER I 40 -25.82 -33.59 16.65
CA SER I 40 -25.37 -33.85 15.28
C SER I 40 -24.00 -34.52 15.28
N VAL I 41 -23.81 -35.40 14.31
CA VAL I 41 -22.55 -36.13 14.16
C VAL I 41 -21.56 -35.24 13.42
N TRP I 42 -20.56 -34.73 14.14
CA TRP I 42 -19.56 -33.86 13.52
C TRP I 42 -18.42 -34.65 12.90
N ALA I 43 -18.08 -35.80 13.47
CA ALA I 43 -17.09 -36.71 12.91
C ALA I 43 -17.17 -38.03 13.67
N GLN I 44 -16.95 -39.13 12.97
CA GLN I 44 -17.09 -40.44 13.58
C GLN I 44 -16.10 -41.41 12.95
N SER I 45 -15.86 -42.51 13.66
CA SER I 45 -15.04 -43.58 13.14
C SER I 45 -15.81 -44.38 12.10
N ASN I 46 -15.16 -45.41 11.56
CA ASN I 46 -15.81 -46.24 10.55
C ASN I 46 -16.89 -47.14 11.17
N ASN I 47 -16.72 -47.53 12.44
CA ASN I 47 -17.66 -48.42 13.11
C ASN I 47 -18.26 -47.76 14.36
N PHE I 48 -18.48 -46.46 14.32
CA PHE I 48 -19.13 -45.82 15.46
C PHE I 48 -20.64 -46.04 15.37
N PRO I 49 -21.29 -46.43 16.47
CA PRO I 49 -22.71 -46.76 16.41
C PRO I 49 -23.59 -45.52 16.26
N GLN I 50 -24.72 -45.69 15.60
CA GLN I 50 -25.72 -44.63 15.48
C GLN I 50 -26.43 -44.47 16.82
N VAL I 51 -26.22 -43.32 17.46
CA VAL I 51 -26.80 -43.04 18.77
C VAL I 51 -28.21 -42.49 18.59
N LYS I 52 -29.15 -43.04 19.34
CA LYS I 52 -30.51 -42.52 19.34
C LYS I 52 -30.55 -41.17 20.05
N PRO I 53 -31.48 -40.28 19.67
CA PRO I 53 -31.55 -38.97 20.35
C PRO I 53 -31.81 -39.08 21.84
N GLU I 54 -32.79 -39.92 22.24
CA GLU I 54 -33.11 -40.05 23.66
C GLU I 54 -31.93 -40.59 24.46
N GLU I 55 -31.04 -41.35 23.82
CA GLU I 55 -29.81 -41.76 24.50
C GLU I 55 -28.91 -40.58 24.79
N ILE I 56 -28.91 -39.58 23.90
CA ILE I 56 -28.09 -38.39 24.10
C ILE I 56 -28.68 -37.50 25.19
N GLN I 57 -30.01 -37.46 25.30
CA GLN I 57 -30.65 -36.57 26.25
C GLN I 57 -30.20 -36.86 27.69
N GLY I 58 -30.17 -38.14 28.06
CA GLY I 58 -29.75 -38.49 29.40
C GLY I 58 -28.30 -38.14 29.68
N ILE I 59 -27.43 -38.30 28.66
CA ILE I 59 -26.03 -37.92 28.81
C ILE I 59 -25.91 -36.46 29.18
N LYS I 60 -26.72 -35.60 28.55
CA LYS I 60 -26.76 -34.19 28.95
C LYS I 60 -27.31 -34.04 30.36
N ASP I 61 -28.28 -34.88 30.74
CA ASP I 61 -28.86 -34.79 32.07
C ASP I 61 -27.84 -35.20 33.14
N ASP I 62 -27.10 -36.29 32.90
CA ASP I 62 -26.07 -36.68 33.85
C ASP I 62 -24.91 -35.70 33.85
N PHE I 63 -24.68 -35.02 32.73
CA PHE I 63 -23.73 -33.92 32.73
C PHE I 63 -24.29 -32.74 33.52
N THR I 64 -25.57 -32.45 33.35
CA THR I 64 -26.21 -31.38 34.11
C THR I 64 -26.38 -31.77 35.58
N THR I 65 -26.99 -32.93 35.81
CA THR I 65 -27.23 -33.44 37.17
C THR I 65 -26.58 -34.81 37.31
N PRO I 66 -25.45 -34.91 38.00
CA PRO I 66 -24.76 -36.20 38.10
C PRO I 66 -25.62 -37.27 38.77
N GLY I 67 -25.41 -38.51 38.36
CA GLY I 67 -26.16 -39.64 38.88
C GLY I 67 -27.43 -39.95 38.13
N THR I 68 -27.73 -39.23 37.05
CA THR I 68 -28.99 -39.45 36.33
C THR I 68 -29.00 -40.81 35.65
N LEU I 69 -27.90 -41.19 35.00
CA LEU I 69 -27.83 -42.45 34.28
C LEU I 69 -27.35 -43.61 35.15
N ALA I 70 -26.85 -43.34 36.35
CA ALA I 70 -26.26 -44.39 37.18
C ALA I 70 -27.22 -45.53 37.50
N PRO I 71 -28.44 -45.28 38.02
CA PRO I 71 -29.29 -46.42 38.37
C PRO I 71 -29.81 -47.17 37.16
N THR I 72 -30.15 -46.46 36.07
CA THR I 72 -30.71 -47.11 34.91
C THR I 72 -29.65 -47.71 34.00
N GLY I 73 -28.49 -47.08 33.93
CA GLY I 73 -27.44 -47.52 33.04
C GLY I 73 -27.34 -46.65 31.79
N LEU I 74 -26.14 -46.64 31.21
CA LEU I 74 -25.88 -45.85 30.01
C LEU I 74 -26.08 -46.72 28.77
N PHE I 75 -26.84 -46.20 27.81
CA PHE I 75 -27.18 -46.94 26.60
C PHE I 75 -26.62 -46.20 25.40
N LEU I 76 -25.97 -46.93 24.49
CA LEU I 76 -25.33 -46.38 23.31
C LEU I 76 -25.77 -47.20 22.10
N GLY I 77 -26.73 -46.67 21.34
CA GLY I 77 -27.30 -47.42 20.23
C GLY I 77 -27.96 -48.71 20.65
N GLY I 78 -28.49 -48.77 21.87
CA GLY I 78 -29.12 -49.96 22.38
C GLY I 78 -28.24 -50.86 23.22
N ASN I 79 -26.92 -50.67 23.19
CA ASN I 79 -26.00 -51.51 23.95
C ASN I 79 -25.85 -50.94 25.36
N LYS I 80 -25.91 -51.82 26.35
CA LYS I 80 -25.97 -51.42 27.74
C LYS I 80 -24.58 -51.39 28.36
N TYR I 81 -24.27 -50.29 29.06
CA TYR I 81 -22.99 -50.10 29.73
C TYR I 81 -23.24 -49.71 31.18
N MET I 82 -22.51 -50.35 32.10
CA MET I 82 -22.65 -50.04 33.51
C MET I 82 -21.87 -48.79 33.88
N VAL I 83 -22.48 -47.94 34.70
CA VAL I 83 -21.85 -46.69 35.09
C VAL I 83 -20.72 -46.97 36.07
N ILE I 84 -19.57 -46.31 35.84
CA ILE I 84 -18.39 -46.46 36.67
C ILE I 84 -17.92 -45.07 37.08
N GLN I 85 -16.72 -44.98 37.66
CA GLN I 85 -16.26 -43.87 38.50
C GLN I 85 -16.79 -42.51 38.09
N GLY I 86 -16.48 -42.06 36.88
CA GLY I 86 -17.03 -40.82 36.37
C GLY I 86 -16.50 -39.57 37.05
N GLU I 87 -16.51 -38.46 36.34
CA GLU I 87 -16.13 -37.17 36.90
C GLU I 87 -17.35 -36.26 36.89
N PRO I 88 -17.73 -35.69 38.03
CA PRO I 88 -19.00 -34.94 38.10
C PRO I 88 -19.03 -33.77 37.14
N ASN I 89 -20.09 -33.73 36.32
CA ASN I 89 -20.41 -32.65 35.38
C ASN I 89 -19.41 -32.55 34.22
N ALA I 90 -18.38 -33.38 34.19
CA ALA I 90 -17.37 -33.26 33.14
C ALA I 90 -17.15 -34.53 32.34
N VAL I 91 -17.14 -35.70 32.98
CA VAL I 91 -16.79 -36.95 32.31
C VAL I 91 -17.76 -38.04 32.73
N ILE I 92 -18.31 -38.75 31.74
CA ILE I 92 -19.10 -39.95 31.98
C ILE I 92 -18.28 -41.15 31.55
N ARG I 93 -18.21 -42.17 32.40
CA ARG I 93 -17.42 -43.36 32.15
C ARG I 93 -18.29 -44.60 32.30
N GLY I 94 -18.10 -45.56 31.39
CA GLY I 94 -18.91 -46.76 31.38
C GLY I 94 -18.08 -48.01 31.23
N LYS I 95 -18.71 -49.14 31.54
CA LYS I 95 -18.08 -50.45 31.47
C LYS I 95 -19.03 -51.47 30.83
N LYS I 96 -18.47 -52.34 30.00
CA LYS I 96 -19.17 -53.50 29.46
C LYS I 96 -18.17 -54.65 29.38
N GLY I 97 -18.09 -55.45 30.44
CA GLY I 97 -17.19 -56.59 30.44
C GLY I 97 -15.74 -56.15 30.32
N ALA I 98 -15.05 -56.75 29.35
CA ALA I 98 -13.67 -56.35 29.07
C ALA I 98 -13.59 -55.03 28.31
N GLY I 99 -14.72 -54.47 27.88
CA GLY I 99 -14.76 -53.20 27.21
C GLY I 99 -15.46 -52.13 28.02
N GLY I 100 -15.63 -50.98 27.39
CA GLY I 100 -16.28 -49.86 28.05
C GLY I 100 -16.30 -48.64 27.15
N VAL I 101 -16.47 -47.47 27.78
CA VAL I 101 -16.62 -46.23 27.03
C VAL I 101 -16.33 -45.07 27.98
N THR I 102 -15.82 -43.97 27.42
CA THR I 102 -15.59 -42.73 28.14
C THR I 102 -16.10 -41.57 27.32
N ILE I 103 -16.84 -40.66 27.96
CA ILE I 103 -17.39 -39.48 27.31
C ILE I 103 -16.87 -38.24 28.02
N LYS I 104 -16.34 -37.30 27.24
CA LYS I 104 -15.83 -36.04 27.76
C LYS I 104 -16.70 -34.89 27.28
N LYS I 105 -17.02 -33.98 28.18
CA LYS I 105 -17.89 -32.84 27.90
C LYS I 105 -17.02 -31.62 27.56
N THR I 106 -17.37 -30.93 26.49
CA THR I 106 -16.57 -29.82 25.99
C THR I 106 -17.38 -28.53 26.02
N THR I 107 -16.81 -27.50 25.38
CA THR I 107 -17.52 -26.23 25.20
C THR I 107 -18.87 -26.45 24.54
N GLN I 108 -18.87 -27.06 23.36
CA GLN I 108 -20.11 -27.26 22.62
C GLN I 108 -20.24 -28.63 21.99
N ALA I 109 -19.44 -29.61 22.41
CA ALA I 109 -19.47 -30.94 21.81
C ALA I 109 -19.31 -31.99 22.90
N LEU I 110 -19.39 -33.26 22.49
CA LEU I 110 -19.21 -34.40 23.38
C LEU I 110 -18.25 -35.37 22.70
N VAL I 111 -17.10 -35.59 23.35
CA VAL I 111 -16.07 -36.46 22.79
C VAL I 111 -16.31 -37.89 23.26
N PHE I 112 -16.37 -38.82 22.31
CA PHE I 112 -16.66 -40.22 22.59
C PHE I 112 -15.43 -41.08 22.34
N GLY I 113 -15.24 -42.07 23.19
CA GLY I 113 -14.17 -43.04 23.01
C GLY I 113 -14.59 -44.42 23.48
N ILE I 114 -14.49 -45.41 22.59
CA ILE I 114 -14.91 -46.77 22.88
C ILE I 114 -13.69 -47.67 22.78
N TYR I 115 -13.42 -48.42 23.84
CA TYR I 115 -12.32 -49.38 23.88
C TYR I 115 -12.89 -50.78 24.03
N ASP I 116 -12.02 -51.76 23.77
CA ASP I 116 -12.28 -53.15 24.10
C ASP I 116 -10.97 -53.77 24.57
N GLU I 117 -11.02 -55.04 24.93
CA GLU I 117 -9.79 -55.74 25.27
C GLU I 117 -8.86 -55.77 24.05
N PRO I 118 -7.54 -55.64 24.26
CA PRO I 118 -6.85 -55.50 25.54
C PRO I 118 -6.62 -54.06 25.98
N MET I 119 -7.21 -53.10 25.27
CA MET I 119 -7.01 -51.70 25.62
C MET I 119 -7.55 -51.41 27.01
N THR I 120 -6.75 -50.72 27.81
CA THR I 120 -7.17 -50.43 29.17
C THR I 120 -8.08 -49.21 29.20
N PRO I 121 -8.99 -49.13 30.17
CA PRO I 121 -9.84 -47.93 30.29
C PRO I 121 -9.04 -46.66 30.52
N GLY I 122 -7.91 -46.75 31.23
CA GLY I 122 -7.07 -45.58 31.40
C GLY I 122 -6.50 -45.07 30.09
N GLN I 123 -6.26 -45.98 29.14
CA GLN I 123 -5.87 -45.56 27.81
C GLN I 123 -7.01 -44.85 27.09
N CYS I 124 -8.24 -45.34 27.29
CA CYS I 124 -9.39 -44.67 26.70
C CYS I 124 -9.67 -43.35 27.39
N ASN I 125 -9.54 -43.32 28.72
CA ASN I 125 -9.66 -42.06 29.45
C ASN I 125 -8.59 -41.07 29.01
N LEU I 126 -7.38 -41.59 28.73
CA LEU I 126 -6.25 -40.71 28.42
C LEU I 126 -6.50 -39.92 27.15
N VAL I 127 -6.80 -40.61 26.05
CA VAL I 127 -6.90 -39.94 24.75
C VAL I 127 -8.16 -39.10 24.63
N VAL I 128 -9.20 -39.39 25.41
CA VAL I 128 -10.47 -38.69 25.29
C VAL I 128 -10.50 -37.45 26.17
N GLU I 129 -10.11 -37.58 27.44
CA GLU I 129 -10.18 -36.44 28.35
C GLU I 129 -9.19 -35.35 27.95
N ASN I 130 -7.96 -35.73 27.57
CA ASN I 130 -6.95 -34.73 27.25
C ASN I 130 -7.22 -34.06 25.90
N LEU I 131 -8.01 -34.69 25.02
CA LEU I 131 -8.45 -33.99 23.81
C LEU I 131 -9.53 -32.98 24.12
N GLY I 132 -10.53 -33.36 24.92
CA GLY I 132 -11.54 -32.41 25.33
C GLY I 132 -10.97 -31.27 26.15
N GLU I 133 -9.93 -31.54 26.94
CA GLU I 133 -9.28 -30.48 27.69
C GLU I 133 -8.58 -29.49 26.78
N TYR I 134 -8.19 -29.93 25.57
CA TYR I 134 -7.62 -29.00 24.59
C TYR I 134 -8.71 -28.20 23.89
N LEU I 135 -9.82 -28.86 23.54
CA LEU I 135 -10.94 -28.15 22.92
C LEU I 135 -11.56 -27.15 23.90
N ILE I 136 -11.60 -27.50 25.18
CA ILE I 136 -12.14 -26.59 26.19
C ILE I 136 -11.25 -25.36 26.30
N GLU I 137 -9.92 -25.55 26.28
CA GLU I 137 -9.01 -24.43 26.37
C GLU I 137 -9.13 -23.46 25.20
N SER I 138 -9.74 -23.91 24.10
CA SER I 138 -9.95 -23.07 22.92
C SER I 138 -11.40 -22.72 22.67
N GLY I 139 -12.32 -23.64 22.91
CA GLY I 139 -13.73 -23.39 22.71
C GLY I 139 -14.34 -24.28 21.64
N LYS J 1 4.51 -38.45 31.01
CA LYS J 1 3.62 -38.75 29.90
C LYS J 1 2.62 -37.61 29.66
N VAL J 2 2.82 -36.89 28.56
CA VAL J 2 1.93 -35.81 28.16
C VAL J 2 1.84 -35.81 26.64
N LYS J 3 0.64 -35.55 26.13
CA LYS J 3 0.39 -35.56 24.70
C LYS J 3 0.07 -34.16 24.20
N LYS J 4 0.59 -33.84 23.02
CA LYS J 4 0.40 -32.54 22.40
C LYS J 4 -0.45 -32.71 21.14
N ALA J 5 -1.70 -32.27 21.20
CA ALA J 5 -2.55 -32.12 20.03
C ALA J 5 -2.18 -30.90 19.23
N ALA J 6 -1.02 -30.31 19.54
CA ALA J 6 -0.46 -29.13 18.90
C ALA J 6 -0.05 -29.38 17.46
N ALA J 7 -0.41 -30.53 16.90
CA ALA J 7 -0.35 -30.73 15.46
C ALA J 7 -1.22 -29.70 14.79
N THR J 8 -0.61 -28.78 14.04
CA THR J 8 -1.33 -27.69 13.40
C THR J 8 -1.35 -27.91 11.90
N ASN J 9 -2.52 -28.24 11.36
CA ASN J 9 -2.73 -28.27 9.92
C ASN J 9 -2.97 -26.85 9.41
N MET J 10 -2.00 -25.98 9.70
CA MET J 10 -2.09 -24.55 9.44
C MET J 10 -1.13 -24.20 8.31
N SER J 11 -1.66 -23.59 7.26
CA SER J 11 -0.82 -23.20 6.12
C SER J 11 0.14 -22.09 6.51
N TRP J 12 1.30 -22.07 5.85
CA TRP J 12 2.30 -21.06 6.17
C TRP J 12 1.83 -19.66 5.81
N GLN J 13 1.21 -19.51 4.63
CA GLN J 13 0.76 -18.18 4.20
C GLN J 13 -0.27 -17.60 5.16
N THR J 14 -1.08 -18.46 5.78
CA THR J 14 -2.12 -17.97 6.68
C THR J 14 -1.52 -17.38 7.96
N TYR J 15 -0.37 -17.90 8.41
CA TYR J 15 0.29 -17.32 9.57
C TYR J 15 0.71 -15.88 9.29
N VAL J 16 1.21 -15.61 8.09
CA VAL J 16 1.65 -14.26 7.75
C VAL J 16 0.46 -13.35 7.53
N ASP J 17 -0.56 -13.84 6.84
CA ASP J 17 -1.72 -13.00 6.52
C ASP J 17 -2.56 -12.73 7.76
N ASP J 18 -2.89 -13.77 8.52
CA ASP J 18 -3.84 -13.63 9.63
C ASP J 18 -3.18 -13.15 10.91
N HIS J 19 -1.91 -13.50 11.15
CA HIS J 19 -1.30 -13.26 12.45
C HIS J 19 -0.05 -12.38 12.41
N LEU J 20 0.45 -12.03 11.23
CA LEU J 20 1.56 -11.09 11.11
C LEU J 20 1.12 -9.76 10.52
N MET J 21 0.39 -9.79 9.40
CA MET J 21 -0.12 -8.59 8.77
C MET J 21 -1.48 -8.16 9.31
N CYS J 22 -1.82 -8.60 10.52
CA CYS J 22 -3.09 -8.22 11.13
C CYS J 22 -3.04 -6.76 11.59
N ASP J 23 -4.21 -6.13 11.62
CA ASP J 23 -4.32 -4.73 12.00
C ASP J 23 -4.13 -4.60 13.51
N VAL J 24 -3.12 -3.81 13.91
CA VAL J 24 -2.78 -3.62 15.32
C VAL J 24 -2.87 -2.13 15.64
N ALA J 25 -3.83 -1.76 16.49
CA ALA J 25 -4.00 -0.38 16.96
C ALA J 25 -4.14 0.59 15.79
N GLY J 26 -4.88 0.16 14.77
CA GLY J 26 -5.05 0.94 13.57
C GLY J 26 -4.01 0.71 12.50
N ASN J 27 -2.83 0.21 12.88
CA ASN J 27 -1.72 0.03 11.97
C ASN J 27 -1.47 -1.46 11.73
N ARG J 28 -0.66 -1.74 10.70
CA ARG J 28 -0.20 -3.10 10.42
C ARG J 28 1.29 -3.06 10.08
N LEU J 29 1.89 -4.24 10.03
CA LEU J 29 3.27 -4.35 9.59
C LEU J 29 3.41 -3.90 8.15
N THR J 30 4.52 -3.22 7.85
CA THR J 30 4.81 -2.86 6.47
C THR J 30 4.98 -4.11 5.61
N ALA J 31 5.74 -5.09 6.11
CA ALA J 31 5.92 -6.36 5.42
C ALA J 31 6.45 -7.38 6.41
N ALA J 32 6.12 -8.64 6.18
CA ALA J 32 6.54 -9.73 7.06
C ALA J 32 6.64 -11.01 6.25
N ALA J 33 7.41 -11.97 6.78
CA ALA J 33 7.59 -13.25 6.11
C ALA J 33 8.06 -14.27 7.13
N ILE J 34 7.95 -15.54 6.74
CA ILE J 34 8.45 -16.66 7.52
C ILE J 34 9.48 -17.38 6.65
N LEU J 35 10.76 -17.19 6.97
CA LEU J 35 11.84 -17.82 6.25
C LEU J 35 12.36 -19.04 7.01
N GLY J 36 12.60 -20.12 6.27
CA GLY J 36 13.31 -21.24 6.86
C GLY J 36 14.73 -20.88 7.22
N GLN J 37 15.30 -21.64 8.16
CA GLN J 37 16.64 -21.34 8.61
C GLN J 37 17.71 -21.58 7.54
N ASP J 38 17.36 -22.23 6.43
CA ASP J 38 18.27 -22.31 5.30
C ASP J 38 18.15 -21.12 4.36
N GLY J 39 17.16 -20.25 4.59
CA GLY J 39 16.92 -19.11 3.73
C GLY J 39 15.75 -19.26 2.80
N SER J 40 15.11 -20.42 2.76
CA SER J 40 13.99 -20.64 1.85
C SER J 40 12.79 -19.80 2.27
N VAL J 41 12.06 -19.29 1.27
CA VAL J 41 10.91 -18.43 1.50
C VAL J 41 9.69 -19.34 1.65
N TRP J 42 9.29 -19.59 2.90
CA TRP J 42 8.14 -20.45 3.14
C TRP J 42 6.83 -19.70 2.96
N ALA J 43 6.80 -18.42 3.32
CA ALA J 43 5.62 -17.57 3.11
C ALA J 43 6.05 -16.13 3.32
N GLN J 44 5.62 -15.25 2.41
CA GLN J 44 5.99 -13.85 2.48
C GLN J 44 4.82 -12.99 2.03
N SER J 45 4.86 -11.72 2.43
CA SER J 45 3.83 -10.77 2.07
C SER J 45 3.94 -10.41 0.59
N ASN J 46 3.01 -9.58 0.12
CA ASN J 46 3.03 -9.14 -1.27
C ASN J 46 4.20 -8.21 -1.57
N ASN J 47 4.79 -7.60 -0.53
CA ASN J 47 5.88 -6.64 -0.72
C ASN J 47 7.08 -6.99 0.16
N PHE J 48 7.29 -8.27 0.45
CA PHE J 48 8.45 -8.65 1.24
C PHE J 48 9.69 -8.73 0.35
N PRO J 49 10.81 -8.14 0.77
CA PRO J 49 12.01 -8.16 -0.08
C PRO J 49 12.69 -9.52 -0.05
N GLN J 50 13.17 -9.94 -1.22
CA GLN J 50 13.97 -11.16 -1.28
C GLN J 50 15.35 -10.88 -0.71
N VAL J 51 15.78 -11.73 0.22
CA VAL J 51 16.97 -11.48 1.03
C VAL J 51 18.18 -12.12 0.38
N LYS J 52 19.33 -11.45 0.49
CA LYS J 52 20.57 -12.03 0.03
C LYS J 52 20.97 -13.20 0.95
N PRO J 53 21.58 -14.24 0.39
CA PRO J 53 22.07 -15.33 1.26
C PRO J 53 23.11 -14.87 2.26
N GLU J 54 23.99 -13.95 1.88
CA GLU J 54 24.96 -13.42 2.82
C GLU J 54 24.29 -12.67 3.96
N GLU J 55 23.09 -12.14 3.72
CA GLU J 55 22.31 -11.56 4.81
C GLU J 55 21.86 -12.64 5.79
N ILE J 56 21.42 -13.78 5.28
CA ILE J 56 20.93 -14.85 6.14
C ILE J 56 22.06 -15.40 7.01
N GLN J 57 23.27 -15.46 6.46
CA GLN J 57 24.41 -15.93 7.25
C GLN J 57 24.68 -15.00 8.42
N GLY J 58 24.71 -13.68 8.17
CA GLY J 58 24.93 -12.74 9.25
C GLY J 58 23.89 -12.85 10.35
N ILE J 59 22.62 -13.05 9.96
CA ILE J 59 21.57 -13.20 10.95
C ILE J 59 21.76 -14.49 11.74
N LYS J 60 22.02 -15.60 11.05
CA LYS J 60 22.25 -16.85 11.76
C LYS J 60 23.51 -16.80 12.61
N ASP J 61 24.54 -16.08 12.15
CA ASP J 61 25.74 -15.94 12.96
C ASP J 61 25.47 -15.12 14.23
N ASP J 62 24.63 -14.09 14.11
CA ASP J 62 24.33 -13.28 15.29
C ASP J 62 23.37 -14.00 16.24
N PHE J 63 22.50 -14.86 15.71
CA PHE J 63 21.77 -15.78 16.57
C PHE J 63 22.71 -16.76 17.24
N THR J 64 23.71 -17.24 16.50
CA THR J 64 24.71 -18.15 17.08
C THR J 64 25.59 -17.42 18.09
N THR J 65 26.16 -16.28 17.68
CA THR J 65 27.03 -15.48 18.53
C THR J 65 26.54 -14.04 18.52
N PRO J 66 25.80 -13.62 19.54
CA PRO J 66 25.32 -12.23 19.59
C PRO J 66 26.47 -11.24 19.67
N GLY J 67 26.21 -10.04 19.15
CA GLY J 67 27.24 -9.02 19.04
C GLY J 67 28.02 -9.05 17.75
N THR J 68 27.71 -10.00 16.86
CA THR J 68 28.46 -10.13 15.61
C THR J 68 28.09 -9.03 14.63
N LEU J 69 26.79 -8.80 14.42
CA LEU J 69 26.34 -7.84 13.42
C LEU J 69 26.34 -6.41 13.94
N ALA J 70 26.40 -6.22 15.26
CA ALA J 70 26.21 -4.89 15.82
C ALA J 70 27.21 -3.85 15.31
N PRO J 71 28.52 -4.09 15.28
CA PRO J 71 29.43 -3.04 14.80
C PRO J 71 29.29 -2.75 13.32
N THR J 72 28.93 -3.74 12.50
CA THR J 72 28.84 -3.55 11.06
C THR J 72 27.47 -3.03 10.63
N GLY J 73 26.41 -3.50 11.26
CA GLY J 73 25.06 -3.15 10.85
C GLY J 73 24.39 -4.32 10.15
N LEU J 74 23.06 -4.40 10.29
CA LEU J 74 22.29 -5.49 9.73
C LEU J 74 21.65 -5.03 8.42
N PHE J 75 21.76 -5.86 7.39
CA PHE J 75 21.28 -5.52 6.06
C PHE J 75 20.13 -6.44 5.65
N LEU J 76 19.16 -5.88 4.94
CA LEU J 76 18.06 -6.64 4.36
C LEU J 76 17.75 -6.10 2.98
N GLY J 77 18.04 -6.89 1.95
CA GLY J 77 17.77 -6.47 0.58
C GLY J 77 18.49 -5.19 0.18
N GLY J 78 19.68 -4.94 0.73
CA GLY J 78 20.40 -3.71 0.49
C GLY J 78 20.10 -2.61 1.48
N ASN J 79 19.00 -2.72 2.23
CA ASN J 79 18.65 -1.70 3.21
C ASN J 79 19.44 -1.91 4.49
N LYS J 80 20.10 -0.86 4.96
CA LYS J 80 20.93 -0.92 6.16
C LYS J 80 20.08 -0.57 7.37
N TYR J 81 20.02 -1.49 8.34
CA TYR J 81 19.26 -1.31 9.56
C TYR J 81 20.23 -1.21 10.73
N MET J 82 20.04 -0.20 11.58
CA MET J 82 20.86 -0.07 12.78
C MET J 82 20.37 -1.03 13.85
N VAL J 83 21.29 -1.79 14.43
CA VAL J 83 20.92 -2.82 15.41
C VAL J 83 20.65 -2.15 16.75
N ILE J 84 19.52 -2.52 17.37
CA ILE J 84 19.16 -2.03 18.69
C ILE J 84 19.04 -3.24 19.62
N GLN J 85 18.63 -2.99 20.87
CA GLN J 85 18.64 -4.04 21.88
C GLN J 85 17.76 -5.21 21.45
N GLY J 86 18.29 -6.41 21.63
CA GLY J 86 17.55 -7.62 21.29
C GLY J 86 17.67 -8.68 22.35
N GLU J 87 17.15 -9.88 22.05
CA GLU J 87 17.21 -11.00 22.98
C GLU J 87 18.24 -12.00 22.45
N PRO J 88 19.34 -12.23 23.18
CA PRO J 88 20.42 -13.05 22.63
C PRO J 88 19.95 -14.46 22.28
N ASN J 89 20.32 -14.91 21.08
CA ASN J 89 20.03 -16.22 20.52
C ASN J 89 18.56 -16.43 20.22
N ALA J 90 17.69 -15.46 20.48
CA ALA J 90 16.27 -15.59 20.20
C ALA J 90 15.73 -14.52 19.27
N VAL J 91 16.02 -13.25 19.52
CA VAL J 91 15.38 -12.13 18.84
C VAL J 91 16.43 -11.12 18.43
N ILE J 92 16.35 -10.65 17.18
CA ILE J 92 17.19 -9.58 16.66
C ILE J 92 16.30 -8.41 16.29
N ARG J 93 16.65 -7.21 16.75
CA ARG J 93 15.89 -5.99 16.50
C ARG J 93 16.76 -4.97 15.78
N GLY J 94 16.21 -4.38 14.72
CA GLY J 94 16.93 -3.40 13.94
C GLY J 94 16.09 -2.14 13.76
N LYS J 95 16.79 -1.06 13.38
CA LYS J 95 16.18 0.25 13.25
C LYS J 95 16.68 0.92 11.99
N LYS J 96 15.76 1.42 11.16
CA LYS J 96 16.10 2.18 9.96
C LYS J 96 15.21 3.41 9.92
N GLY J 97 15.73 4.54 10.38
CA GLY J 97 14.94 5.75 10.38
C GLY J 97 13.79 5.65 11.37
N ALA J 98 12.60 6.05 10.91
CA ALA J 98 11.40 5.91 11.73
C ALA J 98 10.91 4.46 11.80
N GLY J 99 11.49 3.56 11.01
CA GLY J 99 11.10 2.16 11.01
C GLY J 99 12.21 1.25 11.48
N GLY J 100 11.94 -0.05 11.38
CA GLY J 100 12.91 -1.04 11.80
C GLY J 100 12.42 -2.43 11.51
N VAL J 101 12.99 -3.40 12.23
CA VAL J 101 12.74 -4.81 11.93
C VAL J 101 12.93 -5.63 13.20
N THR J 102 12.14 -6.72 13.31
CA THR J 102 12.25 -7.67 14.41
C THR J 102 12.33 -9.08 13.83
N ILE J 103 13.34 -9.84 14.25
CA ILE J 103 13.57 -11.20 13.77
C ILE J 103 13.54 -12.14 14.96
N LYS J 104 12.65 -13.13 14.90
CA LYS J 104 12.47 -14.11 15.96
C LYS J 104 12.90 -15.48 15.45
N LYS J 105 13.90 -16.08 16.09
CA LYS J 105 14.38 -17.41 15.73
C LYS J 105 13.54 -18.46 16.44
N THR J 106 13.17 -19.50 15.69
CA THR J 106 12.34 -20.58 16.22
C THR J 106 13.11 -21.89 16.16
N THR J 107 12.41 -22.99 16.41
CA THR J 107 13.02 -24.32 16.32
C THR J 107 13.59 -24.55 14.92
N GLN J 108 12.81 -24.27 13.88
CA GLN J 108 13.20 -24.60 12.53
C GLN J 108 12.96 -23.46 11.53
N ALA J 109 12.59 -22.28 12.00
CA ALA J 109 12.24 -21.19 11.08
C ALA J 109 12.73 -19.86 11.63
N LEU J 110 12.58 -18.82 10.81
CA LEU J 110 12.88 -17.45 11.18
C LEU J 110 11.67 -16.59 10.88
N VAL J 111 11.16 -15.89 11.90
CA VAL J 111 9.99 -15.04 11.77
C VAL J 111 10.44 -13.60 11.58
N PHE J 112 9.93 -12.94 10.55
CA PHE J 112 10.36 -11.60 10.18
C PHE J 112 9.21 -10.62 10.33
N GLY J 113 9.56 -9.38 10.70
CA GLY J 113 8.60 -8.30 10.74
C GLY J 113 9.24 -6.96 10.44
N ILE J 114 8.73 -6.25 9.44
CA ILE J 114 9.22 -4.92 9.09
C ILE J 114 8.11 -3.92 9.38
N TYR J 115 8.43 -2.90 10.16
CA TYR J 115 7.49 -1.85 10.50
C TYR J 115 7.98 -0.51 9.99
N ASP J 116 7.04 0.40 9.77
CA ASP J 116 7.34 1.78 9.40
C ASP J 116 6.42 2.71 10.16
N GLU J 117 6.67 4.00 10.00
CA GLU J 117 5.82 5.02 10.61
C GLU J 117 4.37 4.84 10.13
N PRO J 118 3.37 5.03 11.01
CA PRO J 118 3.47 5.41 12.42
C PRO J 118 3.47 4.24 13.39
N MET J 119 3.69 3.02 12.88
CA MET J 119 3.67 1.84 13.74
C MET J 119 4.79 1.93 14.77
N THR J 120 4.45 1.65 16.03
CA THR J 120 5.44 1.71 17.10
C THR J 120 6.26 0.43 17.14
N PRO J 121 7.54 0.52 17.53
CA PRO J 121 8.39 -0.69 17.54
C PRO J 121 7.86 -1.79 18.44
N GLY J 122 7.18 -1.45 19.53
CA GLY J 122 6.61 -2.48 20.39
C GLY J 122 5.53 -3.28 19.71
N GLN J 123 4.80 -2.66 18.77
CA GLN J 123 3.77 -3.38 18.04
C GLN J 123 4.36 -4.44 17.13
N CYS J 124 5.44 -4.10 16.43
CA CYS J 124 6.11 -5.08 15.58
C CYS J 124 6.73 -6.19 16.42
N ASN J 125 7.40 -5.82 17.53
CA ASN J 125 7.92 -6.83 18.45
C ASN J 125 6.81 -7.69 19.01
N LEU J 126 5.62 -7.12 19.22
CA LEU J 126 4.52 -7.86 19.81
C LEU J 126 4.04 -8.95 18.85
N VAL J 127 3.74 -8.59 17.60
CA VAL J 127 3.15 -9.55 16.67
C VAL J 127 4.18 -10.60 16.24
N VAL J 128 5.46 -10.26 16.28
CA VAL J 128 6.50 -11.20 15.82
C VAL J 128 6.86 -12.17 16.92
N GLU J 129 7.30 -11.65 18.08
CA GLU J 129 7.75 -12.51 19.15
C GLU J 129 6.65 -13.43 19.66
N ASN J 130 5.39 -12.96 19.67
CA ASN J 130 4.29 -13.79 20.13
C ASN J 130 4.09 -15.01 19.22
N LEU J 131 4.16 -14.80 17.91
CA LEU J 131 4.02 -15.94 16.99
C LEU J 131 5.20 -16.90 17.15
N GLY J 132 6.42 -16.35 17.24
CA GLY J 132 7.58 -17.20 17.41
C GLY J 132 7.51 -18.03 18.68
N GLU J 133 7.04 -17.45 19.77
CA GLU J 133 6.89 -18.20 21.01
C GLU J 133 5.90 -19.35 20.84
N TYR J 134 4.87 -19.15 20.02
CA TYR J 134 3.89 -20.22 19.82
C TYR J 134 4.48 -21.35 18.98
N LEU J 135 5.23 -21.00 17.92
CA LEU J 135 5.89 -22.02 17.14
C LEU J 135 6.96 -22.74 17.97
N ILE J 136 7.67 -21.99 18.81
CA ILE J 136 8.65 -22.60 19.70
C ILE J 136 7.98 -23.61 20.62
N GLU J 137 6.81 -23.26 21.15
CA GLU J 137 6.06 -24.18 22.01
C GLU J 137 5.61 -25.43 21.26
N SER J 138 5.63 -25.40 19.93
CA SER J 138 5.18 -26.53 19.12
C SER J 138 6.27 -27.09 18.21
N GLY J 139 7.16 -26.26 17.68
CA GLY J 139 8.14 -26.70 16.71
C GLY J 139 7.93 -26.05 15.35
N UNK K 1 38.79 5.13 6.38
CA UNK K 1 38.76 5.38 4.94
C UNK K 1 38.72 4.06 4.18
N UNK K 2 38.06 4.06 3.02
CA UNK K 2 37.93 2.84 2.23
C UNK K 2 38.23 3.08 0.75
N UNK K 3 38.37 4.35 0.36
CA UNK K 3 38.67 4.74 -1.02
C UNK K 3 37.67 4.14 -2.01
N UNK K 4 36.51 4.77 -2.16
CA UNK K 4 36.24 6.07 -1.53
C UNK K 4 34.83 6.22 -0.97
N UNK K 5 34.49 7.48 -0.68
CA UNK K 5 33.18 7.86 -0.16
C UNK K 5 32.96 9.34 -0.42
N UNK K 6 31.71 9.77 -0.48
CA UNK K 6 31.33 11.13 -0.83
C UNK K 6 31.81 11.46 -2.25
N UNK K 7 31.13 10.87 -3.23
CA UNK K 7 31.49 10.98 -4.65
C UNK K 7 31.51 12.41 -5.18
N UNK K 8 31.09 13.36 -4.34
CA UNK K 8 30.74 14.73 -4.74
C UNK K 8 31.70 15.47 -5.68
N UNK K 9 31.18 16.60 -6.20
CA UNK K 9 31.78 17.39 -7.28
C UNK K 9 33.30 17.62 -7.17
N UNK K 10 35.19 17.57 -10.94
CA UNK K 10 35.97 17.69 -12.16
C UNK K 10 35.52 16.66 -13.19
N UNK K 11 35.96 16.82 -14.44
CA UNK K 11 35.46 16.01 -15.54
C UNK K 11 36.49 15.03 -16.10
N UNK K 12 37.19 14.32 -15.24
CA UNK K 12 38.09 13.27 -15.67
C UNK K 12 37.29 11.99 -15.89
N UNK K 13 37.82 11.06 -16.68
CA UNK K 13 37.09 9.83 -17.03
C UNK K 13 36.95 8.88 -15.85
N UNK K 14 36.33 7.73 -16.10
CA UNK K 14 36.07 6.74 -15.06
C UNK K 14 37.37 6.11 -14.56
N UNK K 15 38.07 6.84 -13.69
CA UNK K 15 39.33 6.36 -13.12
C UNK K 15 39.08 5.39 -11.97
N UNK K 16 38.73 4.15 -12.29
CA UNK K 16 38.46 3.14 -11.28
C UNK K 16 39.73 2.75 -10.54
N UNK K 17 39.77 3.05 -9.24
CA UNK K 17 40.93 2.73 -8.42
C UNK K 17 40.82 1.34 -7.82
N UNK K 18 41.67 1.05 -6.83
CA UNK K 18 41.72 -0.28 -6.23
C UNK K 18 42.01 -0.22 -4.73
N UNK K 19 47.54 3.76 0.58
CA UNK K 19 47.32 5.14 1.00
C UNK K 19 48.65 5.82 1.34
N UNK K 20 48.57 7.03 1.90
CA UNK K 20 49.76 7.84 2.16
C UNK K 20 50.57 7.38 3.38
N UNK K 21 51.65 8.11 3.65
CA UNK K 21 52.58 7.75 4.73
C UNK K 21 51.95 7.91 6.11
N UNK K 22 -13.60 56.25 -8.20
CA UNK K 22 -14.87 55.65 -8.59
C UNK K 22 -14.88 54.15 -8.25
N UNK K 23 -13.99 53.75 -7.35
CA UNK K 23 -13.84 52.35 -6.95
C UNK K 23 -13.08 52.23 -5.61
N UNK K 24 -11.95 52.93 -5.48
CA UNK K 24 -11.13 52.96 -4.24
C UNK K 24 -9.91 53.93 -4.28
N UNK K 25 -10.15 55.22 -4.02
CA UNK K 25 -9.08 56.21 -3.87
C UNK K 25 -8.18 56.35 -5.13
N UNK K 26 -8.78 56.09 -6.30
CA UNK K 26 -8.07 56.02 -7.58
C UNK K 26 -7.11 57.19 -7.83
N UNK K 27 47.27 13.85 5.09
CA UNK K 27 46.89 14.90 6.02
C UNK K 27 47.51 16.23 5.62
N UNK K 28 46.68 17.23 5.37
CA UNK K 28 47.14 18.54 4.93
C UNK K 28 47.64 19.39 6.09
N UNK K 29 47.81 20.68 5.83
CA UNK K 29 48.23 21.63 6.86
C UNK K 29 47.40 22.92 6.74
N UNK K 30 47.88 24.00 7.36
CA UNK K 30 47.16 25.27 7.33
C UNK K 30 47.79 26.23 6.33
N UNK K 31 49.09 26.45 6.45
CA UNK K 31 49.81 27.34 5.54
C UNK K 31 51.04 26.64 4.96
N UNK K 32 49.51 11.64 -16.59
CA UNK K 32 50.78 12.25 -16.93
C UNK K 32 50.57 13.62 -17.59
N UNK K 33 51.45 14.57 -17.25
CA UNK K 33 51.39 15.92 -17.80
C UNK K 33 52.74 16.61 -17.74
N UNK K 34 52.89 17.69 -18.50
CA UNK K 34 54.15 18.42 -18.54
C UNK K 34 54.04 19.77 -17.85
N UNK K 35 52.81 20.25 -17.68
CA UNK K 35 52.57 21.49 -16.95
C UNK K 35 52.16 21.17 -15.52
N UNK K 36 52.69 21.94 -14.57
CA UNK K 36 52.44 21.70 -13.14
C UNK K 36 50.95 21.70 -12.82
N UNK K 37 50.50 20.60 -12.21
CA UNK K 37 49.11 20.45 -11.84
C UNK K 37 48.91 20.81 -10.37
N UNK K 38 48.18 21.89 -10.13
CA UNK K 38 47.91 22.33 -8.76
C UNK K 38 46.78 21.52 -8.15
N UNK K 39 47.05 20.90 -7.01
CA UNK K 39 46.03 20.21 -6.23
C UNK K 39 45.75 20.98 -4.96
N UNK K 40 44.85 21.96 -5.06
CA UNK K 40 44.55 22.83 -3.93
C UNK K 40 43.43 22.25 -3.06
N UNK K 41 43.76 21.21 -2.30
CA UNK K 41 42.84 20.67 -1.31
C UNK K 41 42.62 21.74 -0.24
N UNK K 42 41.40 22.26 -0.17
CA UNK K 42 41.09 23.43 0.64
C UNK K 42 41.30 23.22 2.15
N UNK K 43 40.89 24.21 2.94
CA UNK K 43 41.15 24.30 4.38
C UNK K 43 41.21 22.96 5.08
N UNK K 44 40.11 22.20 5.02
CA UNK K 44 40.03 20.81 5.48
C UNK K 44 40.84 20.52 6.74
N UNK K 45 40.57 21.27 7.81
CA UNK K 45 41.26 21.05 9.08
C UNK K 45 40.74 19.78 9.77
N UNK K 46 40.02 18.98 8.99
CA UNK K 46 39.55 17.67 9.41
C UNK K 46 39.34 16.86 8.13
N UNK K 47 38.55 15.79 8.22
CA UNK K 47 38.29 14.97 7.03
C UNK K 47 36.85 15.15 6.56
N UNK K 48 35.92 15.23 7.52
CA UNK K 48 34.49 15.42 7.23
C UNK K 48 33.95 14.36 6.27
N UNK K 49 57.59 4.18 -19.10
CA UNK K 49 58.10 5.40 -19.70
C UNK K 49 59.02 6.14 -18.72
N UNK K 50 59.87 7.00 -19.25
CA UNK K 50 60.83 7.75 -18.44
C UNK K 50 60.16 8.92 -17.72
N UNK K 51 60.91 9.57 -16.84
CA UNK K 51 60.40 10.71 -16.09
C UNK K 51 60.75 12.03 -16.77
N UNK K 52 60.13 13.11 -16.31
CA UNK K 52 60.38 14.42 -16.88
C UNK K 52 60.81 15.42 -15.82
N UNK K 53 61.75 15.00 -14.96
CA UNK K 53 62.32 15.90 -13.96
C UNK K 53 63.19 16.93 -14.66
N UNK K 54 62.56 17.83 -15.40
CA UNK K 54 63.29 18.76 -16.26
C UNK K 54 62.82 20.21 -16.09
N UNK K 55 62.22 20.51 -14.94
CA UNK K 55 61.86 21.88 -14.63
C UNK K 55 63.13 22.64 -14.26
N UNK K 56 63.84 23.12 -15.28
CA UNK K 56 65.15 23.73 -15.08
C UNK K 56 65.08 25.24 -14.90
N UNK K 57 63.94 25.73 -14.42
CA UNK K 57 63.81 27.14 -14.08
C UNK K 57 64.60 27.41 -12.80
N UNK K 58 65.85 27.84 -12.96
CA UNK K 58 66.74 28.05 -11.82
C UNK K 58 67.32 29.46 -11.81
N UNK K 59 -31.97 60.40 -10.73
CA UNK K 59 -31.22 60.01 -9.54
C UNK K 59 -30.39 58.75 -9.81
N UNK K 60 -30.35 58.32 -11.06
CA UNK K 60 -29.56 57.16 -11.45
C UNK K 60 -28.08 57.47 -11.30
N UNK K 61 -27.72 58.72 -11.55
CA UNK K 61 -26.36 59.19 -11.32
C UNK K 61 -26.13 59.24 -9.82
N UNK K 62 -27.16 59.64 -9.09
CA UNK K 62 -27.11 59.68 -7.64
C UNK K 62 -27.18 58.27 -7.07
N UNK K 63 -27.78 57.35 -7.85
CA UNK K 63 -27.86 55.95 -7.46
C UNK K 63 -26.46 55.36 -7.42
N UNK K 64 -25.75 55.46 -8.53
CA UNK K 64 -24.37 54.98 -8.61
C UNK K 64 -23.48 55.75 -7.64
N UNK K 65 -23.89 56.97 -7.32
CA UNK K 65 -23.15 57.80 -6.37
C UNK K 65 -23.43 57.37 -4.93
N UNK K 66 -24.55 56.69 -4.72
CA UNK K 66 -24.94 56.28 -3.37
C UNK K 66 -24.93 54.77 -3.20
N UNK K 67 -25.44 54.04 -4.19
CA UNK K 67 -25.52 52.58 -4.11
C UNK K 67 -24.13 51.96 -4.11
N UNK K 68 -23.17 52.64 -4.72
CA UNK K 68 -21.79 52.20 -4.70
C UNK K 68 -21.11 52.71 -3.44
N UNK K 69 -21.48 53.92 -3.01
CA UNK K 69 -20.90 54.52 -1.83
C UNK K 69 -21.64 54.10 -0.57
N UNK K 70 -22.51 53.09 -0.69
CA UNK K 70 -23.22 52.56 0.45
C UNK K 70 -22.28 51.70 1.30
N UNK K 71 -21.47 50.89 0.61
CA UNK K 71 -20.48 50.06 1.26
C UNK K 71 -19.22 50.89 1.53
N UNK K 72 -19.03 51.92 0.72
CA UNK K 72 -17.86 52.80 0.86
C UNK K 72 -18.10 53.83 1.98
N UNK K 73 -17.08 54.01 2.81
CA UNK K 73 -17.19 54.89 3.97
C UNK K 73 -15.81 55.41 4.38
N UNK K 74 -15.68 55.73 5.66
CA UNK K 74 -14.42 56.16 6.27
C UNK K 74 -13.89 57.46 5.68
N UNK K 75 -14.68 58.53 5.78
CA UNK K 75 -14.23 59.86 5.38
C UNK K 75 -13.04 60.27 6.24
N UNK K 76 -12.03 60.88 5.63
CA UNK K 76 -10.80 61.19 6.35
C UNK K 76 -10.18 62.52 5.92
N UNK K 77 -8.89 62.66 6.20
CA UNK K 77 -8.19 63.92 5.98
C UNK K 77 -7.73 64.12 4.53
N UNK K 78 -8.27 63.32 3.62
CA UNK K 78 -7.89 63.42 2.21
C UNK K 78 -9.05 63.90 1.35
N UNK K 79 -4.23 72.40 -30.97
CA UNK K 79 -4.91 71.12 -30.80
C UNK K 79 -3.91 70.01 -30.47
N UNK K 80 -2.68 70.41 -30.17
CA UNK K 80 -1.65 69.46 -29.76
C UNK K 80 -1.74 69.23 -28.26
N UNK K 81 -2.67 68.38 -27.85
CA UNK K 81 -2.95 68.14 -26.44
C UNK K 81 -1.76 67.49 -25.72
N UNK K 82 -1.12 68.28 -24.85
CA UNK K 82 -0.11 67.76 -23.96
C UNK K 82 -0.63 67.86 -22.53
N UNK K 83 -1.42 66.86 -22.13
CA UNK K 83 -1.98 66.81 -20.79
C UNK K 83 -1.20 65.83 -19.93
N UNK K 84 -0.48 66.35 -18.95
CA UNK K 84 0.37 65.53 -18.10
C UNK K 84 -0.34 65.13 -16.81
N UNK K 85 -0.08 63.92 -16.35
CA UNK K 85 -0.65 63.43 -15.10
C UNK K 85 0.31 63.69 -13.94
N UNK K 86 -0.25 63.99 -12.78
CA UNK K 86 0.52 64.18 -11.55
C UNK K 86 -0.44 64.06 -10.37
N UNK K 87 -0.26 63.02 -9.57
CA UNK K 87 -1.17 62.74 -8.47
C UNK K 87 -0.82 63.56 -7.23
N UNK K 88 -1.76 64.41 -6.82
CA UNK K 88 -1.59 65.26 -5.65
C UNK K 88 -2.92 65.94 -5.32
N UNK K 89 -3.20 66.13 -4.04
CA UNK K 89 -4.41 66.82 -3.62
C UNK K 89 -4.08 68.09 -2.84
N UNK K 90 -15.38 79.41 4.39
CA UNK K 90 -16.52 79.80 3.56
C UNK K 90 -17.60 78.73 3.59
N UNK K 91 -18.54 78.81 2.65
CA UNK K 91 -19.64 77.85 2.58
C UNK K 91 -19.91 77.40 1.16
N UNK K 92 -19.28 78.08 0.20
CA UNK K 92 -19.42 77.69 -1.20
C UNK K 92 -18.24 76.80 -1.61
N UNK K 93 -18.55 75.61 -2.10
CA UNK K 93 -17.52 74.68 -2.52
C UNK K 93 -17.38 74.67 -4.03
N UNK K 94 -16.32 75.30 -4.53
CA UNK K 94 -16.02 75.27 -5.94
C UNK K 94 -14.98 74.18 -6.22
N UNK K 95 -15.46 72.94 -6.32
CA UNK K 95 -14.59 71.82 -6.63
C UNK K 95 -14.41 71.71 -8.14
N UNK K 96 -13.28 72.22 -8.63
CA UNK K 96 -12.96 72.18 -10.05
C UNK K 96 -12.84 70.74 -10.54
N UNK K 97 -13.49 70.45 -11.66
CA UNK K 97 -13.56 69.08 -12.17
C UNK K 97 -12.36 68.74 -13.04
N UNK K 98 -12.02 69.65 -13.96
CA UNK K 98 -11.00 69.39 -14.97
C UNK K 98 -11.30 68.08 -15.68
N UNK K 99 -12.52 67.96 -16.18
CA UNK K 99 -13.03 66.70 -16.72
C UNK K 99 -12.39 66.30 -18.06
N UNK K 100 -11.31 66.96 -18.43
CA UNK K 100 -10.58 66.59 -19.64
C UNK K 100 -9.94 65.21 -19.44
N UNK K 101 -10.50 64.21 -20.12
CA UNK K 101 -10.07 62.82 -19.99
C UNK K 101 -10.23 62.32 -18.55
N UNK K 102 -11.46 62.33 -18.07
CA UNK K 102 -11.77 61.84 -16.73
C UNK K 102 -13.04 60.98 -16.77
N UNK K 103 -13.52 60.59 -15.59
CA UNK K 103 -14.73 59.79 -15.49
C UNK K 103 -15.33 59.83 -14.06
N UNK K 104 -15.65 61.04 -13.59
CA UNK K 104 -16.13 61.27 -12.22
C UNK K 104 -16.58 62.71 -12.11
N UNK K 105 -17.54 62.89 -11.20
CA UNK K 105 -18.02 64.24 -10.88
C UNK K 105 -17.90 64.52 -9.42
N UNK K 106 -18.89 65.22 -8.82
CA UNK K 106 -18.94 65.42 -7.37
C UNK K 106 -20.24 65.98 -6.78
N UNK K 107 30.28 10.40 -12.29
CA UNK K 107 30.03 9.27 -13.17
C UNK K 107 30.76 8.02 -12.68
N UNK K 108 31.36 8.12 -11.49
CA UNK K 108 32.12 7.01 -10.92
C UNK K 108 31.20 5.97 -10.30
N UNK K 109 30.49 6.38 -9.25
CA UNK K 109 29.57 5.50 -8.54
C UNK K 109 28.68 6.30 -7.59
N UNK K 110 27.74 5.61 -6.95
CA UNK K 110 26.88 6.25 -5.96
C UNK K 110 27.30 5.87 -4.55
N UNK K 111 -41.17 28.08 17.11
CA UNK K 111 -41.57 29.27 16.39
C UNK K 111 -40.52 30.37 16.53
N UNK K 112 -40.91 31.47 17.18
CA UNK K 112 -40.01 32.61 17.34
C UNK K 112 -39.27 32.55 18.67
N UNK K 113 -38.87 33.72 19.16
CA UNK K 113 -38.18 33.82 20.43
C UNK K 113 -39.18 34.02 21.57
N UNK K 114 -39.12 35.18 22.23
CA UNK K 114 -40.02 35.51 23.34
C UNK K 114 -39.96 34.46 24.46
N UNK K 115 -41.00 34.43 25.29
CA UNK K 115 -41.14 33.35 26.26
C UNK K 115 -41.37 32.06 25.48
N UNK K 116 -41.83 32.23 24.24
CA UNK K 116 -42.04 31.11 23.33
C UNK K 116 -40.75 30.41 22.93
N UNK K 117 -39.61 31.11 23.00
CA UNK K 117 -38.31 30.51 22.69
C UNK K 117 -38.02 29.34 23.61
N UNK K 118 -38.40 29.52 24.86
CA UNK K 118 -38.27 28.48 25.85
C UNK K 118 -39.31 27.41 25.53
N UNK K 119 -40.50 27.85 25.13
CA UNK K 119 -41.57 26.94 24.74
C UNK K 119 -41.20 26.22 23.45
N UNK K 120 -40.42 26.89 22.60
CA UNK K 120 -39.91 26.28 21.38
C UNK K 120 -38.90 25.20 21.74
N UNK K 121 -38.01 25.54 22.68
CA UNK K 121 -37.02 24.59 23.17
C UNK K 121 -37.69 23.50 24.00
N UNK K 122 -38.82 23.85 24.63
CA UNK K 122 -39.58 22.89 25.43
C UNK K 122 -40.30 21.89 24.54
N UNK K 123 -40.89 22.38 23.46
CA UNK K 123 -41.60 21.51 22.52
C UNK K 123 -40.64 20.59 21.80
N UNK K 124 -39.40 21.05 21.63
CA UNK K 124 -38.38 20.26 20.95
C UNK K 124 -37.95 19.08 21.81
N UNK K 125 -37.70 19.32 23.09
CA UNK K 125 -37.28 18.27 24.02
C UNK K 125 -38.41 17.28 24.25
N UNK K 126 -39.63 17.78 24.34
CA UNK K 126 -40.80 16.92 24.56
C UNK K 126 -41.08 16.08 23.32
N UNK K 127 -40.72 16.61 22.15
CA UNK K 127 -40.92 15.90 20.89
C UNK K 127 -40.02 14.68 20.81
N UNK K 128 -38.78 14.82 21.28
CA UNK K 128 -37.83 13.72 21.26
C UNK K 128 -38.17 12.69 22.33
N UNK K 129 -38.80 13.12 23.41
CA UNK K 129 -39.19 12.22 24.49
C UNK K 129 -40.21 11.19 24.01
N UNK K 130 -41.09 11.63 23.11
CA UNK K 130 -42.10 10.74 22.55
C UNK K 130 -41.50 9.79 21.51
N UNK K 131 -40.42 10.24 20.88
CA UNK K 131 -39.75 9.44 19.85
C UNK K 131 -39.23 8.13 20.43
N UNK K 132 -38.62 8.21 21.61
CA UNK K 132 -38.18 7.02 22.32
C UNK K 132 -39.40 6.27 22.85
N UNK K 133 -40.42 7.02 23.23
CA UNK K 133 -41.66 6.43 23.72
C UNK K 133 -42.46 5.83 22.57
N UNK K 134 -36.63 3.90 14.32
CA UNK K 134 -36.57 5.04 13.40
C UNK K 134 -37.57 6.11 13.81
N UNK K 135 -37.09 7.13 14.50
CA UNK K 135 -37.96 8.20 14.98
C UNK K 135 -37.24 9.55 15.02
N UNK K 136 -37.83 10.54 14.35
CA UNK K 136 -37.23 11.87 14.30
C UNK K 136 -38.30 12.95 14.26
N UNK K 137 -38.37 13.75 15.33
CA UNK K 137 -39.36 14.81 15.42
C UNK K 137 -38.77 16.14 14.95
N UNK K 138 -39.52 17.23 15.17
CA UNK K 138 -39.07 18.55 14.72
C UNK K 138 -39.82 19.69 15.42
N UNK K 139 -39.09 20.79 15.66
CA UNK K 139 -39.63 21.95 16.35
C UNK K 139 -40.91 22.49 15.72
N UNK K 140 -48.78 18.18 14.32
CA UNK K 140 -48.58 16.97 13.54
C UNK K 140 -48.75 15.73 14.42
N UNK K 141 -48.76 14.56 13.78
CA UNK K 141 -48.90 13.29 14.48
C UNK K 141 -47.83 12.31 14.02
N UNK K 142 -47.58 12.32 12.72
CA UNK K 142 -46.53 11.49 12.11
C UNK K 142 -46.33 11.89 10.65
N UNK K 143 -45.42 11.19 9.98
CA UNK K 143 -45.15 11.40 8.56
C UNK K 143 -44.34 10.23 8.02
N UNK K 144 -43.82 10.38 6.81
CA UNK K 144 -42.98 9.35 6.22
C UNK K 144 -41.63 9.30 6.92
N UNK K 145 -32.70 3.81 19.80
CA UNK K 145 -33.52 4.96 19.42
C UNK K 145 -32.85 5.75 18.29
N UNK K 146 -32.80 7.07 18.46
CA UNK K 146 -32.19 7.95 17.48
C UNK K 146 -31.74 9.27 18.11
N UNK K 147 -30.45 9.53 18.08
CA UNK K 147 -29.91 10.76 18.68
C UNK K 147 -29.29 11.66 17.61
N UNK K 148 -29.32 12.96 17.85
CA UNK K 148 -28.75 13.92 16.91
C UNK K 148 -27.28 14.20 17.27
N UNK K 149 -26.50 14.57 16.27
CA UNK K 149 -25.09 14.91 16.49
C UNK K 149 -24.97 16.33 17.04
N UNK K 150 -23.74 16.80 17.19
CA UNK K 150 -23.50 18.15 17.67
C UNK K 150 -24.06 19.18 16.70
N UNK K 151 -24.43 20.34 17.23
CA UNK K 151 -24.99 21.43 16.43
C UNK K 151 -25.17 22.67 17.30
N UNK K 152 -45.29 11.94 0.27
CA UNK K 152 -46.18 13.10 0.30
C UNK K 152 -45.56 14.25 1.09
N UNK K 153 -46.40 15.20 1.50
CA UNK K 153 -45.95 16.34 2.28
C UNK K 153 -47.04 16.73 3.28
N UNK K 154 -46.92 17.91 3.88
CA UNK K 154 -47.89 18.37 4.87
C UNK K 154 -48.43 19.76 4.54
N UNK K 155 -49.16 20.34 5.48
CA UNK K 155 -49.72 21.68 5.31
C UNK K 155 -48.62 22.72 5.48
N UNK K 156 -48.00 22.75 6.65
CA UNK K 156 -46.89 23.66 6.91
C UNK K 156 -45.62 23.12 6.26
N UNK K 157 -44.68 24.01 5.98
CA UNK K 157 -43.43 23.62 5.34
C UNK K 157 -42.22 24.13 6.12
N UNK K 158 -24.07 22.12 -15.06
CA UNK K 158 -24.27 23.34 -15.83
C UNK K 158 -23.45 24.50 -15.27
N UNK K 159 -23.73 25.71 -15.75
CA UNK K 159 -23.01 26.90 -15.29
C UNK K 159 -23.99 28.03 -14.97
N UNK K 160 -23.47 29.24 -14.83
CA UNK K 160 -24.30 30.40 -14.49
C UNK K 160 -25.05 30.90 -15.72
N UNK K 161 -26.34 31.19 -15.55
CA UNK K 161 -27.17 31.70 -16.62
C UNK K 161 -27.16 33.22 -16.62
N UNK K 162 -28.09 33.82 -17.36
CA UNK K 162 -28.21 35.27 -17.42
C UNK K 162 -28.95 35.79 -16.19
N UNK K 163 -29.28 37.08 -16.20
CA UNK K 163 -30.00 37.69 -15.09
C UNK K 163 -31.35 38.23 -15.54
N UNK K 164 -32.37 37.37 -15.50
CA UNK K 164 -33.70 37.76 -15.98
C UNK K 164 -34.79 37.40 -14.97
N UNK K 165 -34.67 36.24 -14.33
CA UNK K 165 -35.70 35.76 -13.41
C UNK K 165 -35.16 35.46 -12.01
N UNK K 166 -35.93 35.83 -11.00
CA UNK K 166 -35.55 35.60 -9.61
C UNK K 166 -36.75 35.17 -8.78
N UNK K 167 5.16 81.08 -6.08
CA UNK K 167 6.42 81.77 -5.89
C UNK K 167 7.39 80.93 -5.04
N UNK K 168 8.62 80.82 -5.52
CA UNK K 168 9.67 80.11 -4.80
C UNK K 168 11.05 80.61 -5.20
N UNK K 169 11.68 81.37 -4.29
CA UNK K 169 13.01 81.91 -4.55
C UNK K 169 13.99 81.41 -3.50
N UNK K 170 15.27 81.36 -3.86
CA UNK K 170 16.30 80.88 -2.93
C UNK K 170 17.48 81.84 -2.86
N UNK K 171 17.86 82.20 -1.63
CA UNK K 171 19.01 83.06 -1.41
C UNK K 171 20.18 82.23 -0.90
N UNK K 172 21.36 82.45 -1.49
CA UNK K 172 22.52 81.62 -1.19
C UNK K 172 23.13 81.94 0.19
N UNK K 173 22.51 81.41 1.24
CA UNK K 173 23.04 81.54 2.59
C UNK K 173 22.40 80.51 3.53
N UNK K 174 23.18 79.50 3.91
CA UNK K 174 22.77 78.47 4.87
C UNK K 174 23.91 77.48 5.08
N UNK K 175 23.80 76.68 6.13
CA UNK K 175 24.78 75.62 6.38
C UNK K 175 24.07 74.27 6.39
N UNK K 176 23.11 74.13 7.29
CA UNK K 176 22.35 72.88 7.40
C UNK K 176 21.04 73.10 8.14
N UNK K 177 23.28 74.09 -11.60
CA UNK K 177 22.26 73.21 -11.07
C UNK K 177 21.69 72.30 -12.16
N UNK K 178 20.84 71.37 -11.76
CA UNK K 178 20.19 70.46 -12.70
C UNK K 178 18.68 70.50 -12.54
N UNK K 179 17.97 70.61 -13.66
CA UNK K 179 16.52 70.64 -13.63
C UNK K 179 15.94 69.34 -14.17
N UNK K 180 15.66 68.41 -13.25
CA UNK K 180 15.08 67.12 -13.63
C UNK K 180 13.62 67.04 -13.19
N UNK K 181 12.94 65.97 -13.60
CA UNK K 181 11.58 65.68 -13.18
C UNK K 181 10.61 66.82 -13.51
N UNK K 182 10.38 67.06 -14.80
CA UNK K 182 9.45 68.09 -15.24
C UNK K 182 8.02 67.76 -14.84
N UNK K 183 7.13 68.76 -14.96
CA UNK K 183 5.71 68.60 -14.65
C UNK K 183 5.48 68.08 -13.23
N UNK K 184 15.36 80.37 0.65
CA UNK K 184 14.98 81.65 1.22
C UNK K 184 13.47 81.75 1.41
N UNK K 185 12.79 82.30 0.40
CA UNK K 185 11.37 82.60 0.53
C UNK K 185 10.48 81.84 -0.45
N UNK K 186 9.32 81.43 0.04
CA UNK K 186 8.28 80.89 -0.83
C UNK K 186 7.14 81.90 -0.87
N UNK K 187 5.96 81.48 -1.33
CA UNK K 187 4.80 82.36 -1.38
C UNK K 187 4.51 82.93 0.00
N UNK K 188 4.58 82.07 1.00
CA UNK K 188 4.37 82.48 2.38
C UNK K 188 5.35 81.79 3.32
N UNK K 189 5.64 82.45 4.44
CA UNK K 189 6.42 81.87 5.53
C UNK K 189 7.79 81.33 5.10
N UNK K 190 8.75 82.24 4.95
CA UNK K 190 10.09 81.87 4.51
C UNK K 190 10.87 81.11 5.60
N UNK K 191 12.15 80.84 5.32
CA UNK K 191 12.96 80.00 6.20
C UNK K 191 13.90 80.82 7.10
N UNK K 192 13.77 80.61 8.41
CA UNK K 192 14.60 81.29 9.40
C UNK K 192 16.07 80.92 9.24
N UNK K 193 16.83 68.71 1.55
CA UNK K 193 17.70 67.58 1.89
C UNK K 193 18.61 67.22 0.71
N UNK K 194 18.89 68.22 -0.13
CA UNK K 194 19.82 68.07 -1.25
C UNK K 194 20.30 69.44 -1.73
N UNK K 195 21.45 69.87 -1.21
CA UNK K 195 22.05 71.12 -1.65
C UNK K 195 22.53 70.99 -3.09
N UNK K 196 22.35 72.04 -3.88
CA UNK K 196 22.72 72.02 -5.28
C UNK K 196 23.77 73.09 -5.60
N UNK K 197 24.12 73.20 -6.87
CA UNK K 197 25.10 74.17 -7.34
C UNK K 197 26.42 74.07 -6.58
N UNK K 198 24.70 82.01 -9.77
CA UNK K 198 24.68 82.65 -11.08
C UNK K 198 23.39 83.47 -11.26
N UNK K 199 22.93 83.56 -12.50
CA UNK K 199 21.71 84.29 -12.81
C UNK K 199 20.50 83.62 -12.18
N UNK K 200 20.41 82.30 -12.34
CA UNK K 200 19.38 81.47 -11.73
C UNK K 200 17.96 81.98 -12.04
N UNK K 201 17.59 81.94 -13.32
CA UNK K 201 16.25 82.37 -13.72
C UNK K 201 15.22 81.27 -13.46
N UNK K 202 14.05 81.40 -14.07
CA UNK K 202 12.96 80.46 -13.89
C UNK K 202 13.41 79.02 -14.15
N UNK K 203 12.90 78.09 -13.36
CA UNK K 203 13.30 76.69 -13.47
C UNK K 203 12.12 75.76 -13.19
N UNK K 204 11.72 75.01 -14.22
CA UNK K 204 10.60 74.08 -14.13
C UNK K 204 9.30 74.78 -13.76
N UNK K 205 10.45 80.59 9.24
CA UNK K 205 9.14 80.79 9.85
C UNK K 205 8.52 79.44 10.20
N UNK K 206 7.42 79.11 9.52
CA UNK K 206 6.70 77.88 9.80
C UNK K 206 6.23 77.17 8.54
N UNK K 207 7.08 77.11 7.51
CA UNK K 207 6.73 76.42 6.27
C UNK K 207 7.86 75.51 5.78
N UNK K 208 9.10 75.96 5.90
CA UNK K 208 10.25 75.18 5.44
C UNK K 208 10.47 73.96 6.34
N UNK K 209 10.16 72.78 5.82
CA UNK K 209 10.25 71.55 6.59
C UNK K 209 11.59 70.84 6.39
N UNK K 210 11.91 70.52 5.13
CA UNK K 210 13.15 69.84 4.81
C UNK K 210 14.32 70.84 4.78
N UNK K 211 25.76 81.12 4.59
CA UNK K 211 26.92 80.90 3.74
C UNK K 211 27.69 82.20 3.53
N UNK K 212 27.28 82.98 2.53
CA UNK K 212 27.92 84.25 2.25
C UNK K 212 27.73 85.23 3.40
N UNK K 213 28.47 86.33 3.39
CA UNK K 213 28.41 87.31 4.46
C UNK K 213 27.43 88.44 4.15
N UNK K 214 27.71 89.61 4.73
CA UNK K 214 26.80 90.77 4.66
C UNK K 214 26.40 91.16 3.25
N UNK K 215 25.40 92.04 3.16
CA UNK K 215 24.66 92.35 1.94
C UNK K 215 23.84 91.12 1.56
N UNK K 216 22.95 90.74 2.46
CA UNK K 216 22.17 89.51 2.30
C UNK K 216 20.68 89.81 2.15
N UNK K 217 20.35 90.89 1.44
CA UNK K 217 18.96 91.26 1.24
C UNK K 217 18.48 90.87 -0.16
N UNK K 218 17.42 90.06 -0.21
CA UNK K 218 16.84 89.62 -1.47
C UNK K 218 15.39 89.17 -1.27
N UNK K 219 14.46 89.92 -1.83
CA UNK K 219 13.05 89.61 -1.68
C UNK K 219 12.34 89.56 -3.03
N UNK K 220 11.91 88.38 -3.43
CA UNK K 220 11.17 88.21 -4.68
C UNK K 220 9.72 88.59 -4.48
N UNK K 221 9.26 89.59 -5.23
CA UNK K 221 7.90 90.09 -5.10
C UNK K 221 6.94 89.36 -6.05
N UNK K 222 5.75 89.93 -6.22
CA UNK K 222 4.70 89.37 -7.05
C UNK K 222 4.25 88.00 -6.52
N UNK K 223 3.66 88.00 -5.34
CA UNK K 223 3.15 86.77 -4.73
C UNK K 223 1.78 86.42 -5.30
N UNK K 224 1.09 85.49 -4.64
CA UNK K 224 -0.22 85.06 -5.10
C UNK K 224 -1.23 86.20 -5.06
N UNK K 225 15.08 88.26 11.89
CA UNK K 225 14.92 88.76 10.53
C UNK K 225 13.63 88.26 9.91
N UNK K 226 12.55 89.01 10.14
CA UNK K 226 11.25 88.68 9.55
C UNK K 226 10.98 89.57 8.34
N UNK K 227 10.78 88.93 7.19
CA UNK K 227 10.49 89.66 5.97
C UNK K 227 9.00 89.62 5.67
N UNK K 228 8.36 90.79 5.69
CA UNK K 228 6.92 90.89 5.43
C UNK K 228 6.58 92.27 4.87
N UNK K 229 6.08 92.30 3.64
CA UNK K 229 5.73 93.56 2.98
C UNK K 229 4.23 93.62 2.68
N UNK K 230 3.79 94.73 2.10
CA UNK K 230 2.39 94.92 1.77
C UNK K 230 1.95 93.98 0.65
N UNK K 231 -11.01 78.43 -16.19
CA UNK K 231 -11.49 77.15 -15.69
C UNK K 231 -10.67 76.71 -14.48
N UNK K 232 -10.39 77.66 -13.59
CA UNK K 232 -9.54 77.42 -12.41
C UNK K 232 -8.21 76.84 -12.86
N UNK K 233 -7.43 77.65 -13.57
CA UNK K 233 -6.16 77.22 -14.16
C UNK K 233 -5.28 76.44 -13.20
N UNK K 234 -4.75 75.32 -13.67
CA UNK K 234 -3.89 74.47 -12.85
C UNK K 234 -2.48 74.46 -13.44
N UNK K 235 -1.53 73.90 -12.69
CA UNK K 235 -0.14 73.91 -13.11
C UNK K 235 0.35 72.54 -13.55
N UNK K 236 1.43 72.53 -14.32
CA UNK K 236 2.05 71.30 -14.76
C UNK K 236 3.46 71.18 -14.18
N UNK K 237 11.59 64.96 -29.73
CA UNK K 237 10.40 65.25 -28.94
C UNK K 237 9.14 65.15 -29.78
N UNK K 238 8.81 63.94 -30.22
CA UNK K 238 7.61 63.70 -31.00
C UNK K 238 6.37 64.00 -30.15
N UNK K 239 6.31 63.40 -28.97
CA UNK K 239 5.19 63.64 -28.06
C UNK K 239 5.65 63.74 -26.61
N UNK K 240 6.84 63.21 -26.32
CA UNK K 240 7.33 63.20 -24.95
C UNK K 240 8.71 63.86 -24.82
N UNK K 241 9.38 63.56 -23.70
CA UNK K 241 10.72 64.07 -23.40
C UNK K 241 10.77 65.59 -23.34
N UNK K 242 10.06 66.17 -22.38
CA UNK K 242 10.11 67.60 -22.15
C UNK K 242 10.53 67.88 -20.71
N UNK K 243 11.33 68.92 -20.52
CA UNK K 243 11.80 69.32 -19.20
C UNK K 243 12.31 70.75 -19.22
N UNK K 244 11.65 71.64 -18.49
CA UNK K 244 12.03 73.05 -18.47
C UNK K 244 13.38 73.25 -17.78
N UNK K 245 14.45 73.20 -18.57
CA UNK K 245 15.79 73.39 -18.05
C UNK K 245 16.47 74.57 -18.75
N UNK K 246 16.49 74.52 -20.08
CA UNK K 246 17.10 75.57 -20.88
C UNK K 246 16.23 75.93 -22.08
N UNK K 247 16.00 77.22 -22.31
CA UNK K 247 16.56 78.27 -21.44
C UNK K 247 15.45 79.18 -20.92
N UNK K 248 14.64 79.71 -21.83
CA UNK K 248 13.54 80.60 -21.47
C UNK K 248 12.53 80.69 -22.60
N UNK K 249 11.25 80.69 -22.24
CA UNK K 249 10.17 80.80 -23.22
C UNK K 249 8.85 81.16 -22.53
N UNK K 250 7.75 81.00 -23.26
CA UNK K 250 6.43 81.29 -22.70
C UNK K 250 5.87 80.07 -21.97
N UNK K 251 4.58 80.11 -21.69
CA UNK K 251 3.92 79.00 -21.00
C UNK K 251 3.12 78.14 -21.98
N UNK K 252 3.51 76.87 -22.09
CA UNK K 252 2.83 75.89 -22.94
C UNK K 252 2.81 76.31 -24.41
N UNK K 253 3.99 76.39 -25.02
CA UNK K 253 4.09 76.66 -26.44
C UNK K 253 4.23 75.36 -27.21
N UNK K 254 4.19 75.43 -28.52
CA UNK K 254 4.35 74.24 -29.36
C UNK K 254 4.98 74.63 -30.70
N UNK K 255 6.12 74.01 -31.01
CA UNK K 255 6.84 74.33 -32.24
C UNK K 255 6.22 73.64 -33.44
N UNK K 256 6.51 74.15 -34.64
CA UNK K 256 5.98 73.58 -35.87
C UNK K 256 7.02 72.67 -36.53
N UNK K 257 6.57 71.87 -37.48
CA UNK K 257 7.44 70.88 -38.10
C UNK K 257 7.45 70.94 -39.63
N UNK K 258 8.58 71.36 -40.19
CA UNK K 258 8.82 71.22 -41.61
C UNK K 258 9.69 69.98 -41.79
N UNK K 259 10.85 70.01 -41.14
CA UNK K 259 11.76 68.87 -41.11
C UNK K 259 12.69 68.95 -39.90
N UNK K 260 12.38 68.18 -38.87
CA UNK K 260 13.18 68.18 -37.65
C UNK K 260 13.04 66.87 -36.88
N UNK K 261 8.37 68.44 0.17
CA UNK K 261 8.94 68.65 -1.15
C UNK K 261 10.31 69.32 -1.04
N UNK K 262 11.13 69.18 -2.08
CA UNK K 262 12.48 69.74 -2.06
C UNK K 262 12.87 70.38 -3.40
N UNK K 263 11.98 70.31 -4.38
CA UNK K 263 12.21 70.93 -5.69
C UNK K 263 10.93 70.95 -6.54
N UNK K 264 10.81 71.97 -7.38
CA UNK K 264 9.66 72.11 -8.26
C UNK K 264 9.95 73.05 -9.42
#